data_7FJK
#
_entry.id   7FJK
#
_cell.length_a   111.516
_cell.length_b   161.077
_cell.length_c   100.146
_cell.angle_alpha   90.000
_cell.angle_beta   90.000
_cell.angle_gamma   90.000
#
_symmetry.space_group_name_H-M   'P 21 21 2'
#
loop_
_entity.id
_entity.type
_entity.pdbx_description
1 polymer 'Tyrosine phenol-lyase'
2 non-polymer "PYRIDOXAL-5'-PHOSPHATE"
3 non-polymer DI(HYDROXYETHYL)ETHER
4 non-polymer 1,2-ETHANEDIOL
5 non-polymer 'CITRIC ACID'
6 water water
#
_entity_poly.entity_id   1
_entity_poly.type   'polypeptide(L)'
_entity_poly.pdbx_seq_one_letter_code
;MNYPAEPFRIKSVETVSMISRDERVKKMQEAGYNTFLLNSKDIYIDLLTDSGTNAMSDKQWAGMMIGDEAYAGSENFYHL
EKTVKELFGFKHIVPTHQGRGAENLLSQLAIKPGQYVAGNMYFTTTRFHQEKNGATFVDIVRDEAHDASLNLPFKGDIDL
NKLATLIKEKGAENIAYICLAVTVNLAGGQPVSMANMRAVHEMASTYGIKIFYDATRCVENAYFIKEQEAGYENVSIKDI
VHEMFSYADGCTMSGKKDCLVNIGGFLCMNDEEMFSAAKELVVVYEGMPSYGGLAGRDMEAMAIGLREAMQYEYIEHRVK
QVRYLGDKLREAGVPIVEPTGGHAVFLDARRFCPHLTQDQFPAQSLAASIYMETGVRSMERGIVSAGRSKETGENHRPKL
ETVRLTIPRRVYTYAHMDVVADGIIKLYQHKEDIRGLTFVYEPKQLRFFTARFDFI
;
_entity_poly.pdbx_strand_id   A,B,C,D
#
loop_
_chem_comp.id
_chem_comp.type
_chem_comp.name
_chem_comp.formula
CIT non-polymer 'CITRIC ACID' 'C6 H8 O7'
EDO non-polymer 1,2-ETHANEDIOL 'C2 H6 O2'
PEG non-polymer DI(HYDROXYETHYL)ETHER 'C4 H10 O3'
PLP non-polymer PYRIDOXAL-5'-PHOSPHATE 'C8 H10 N O6 P'
#
# COMPACT_ATOMS: atom_id res chain seq x y z
N MET A 1 27.24 23.38 -1.69
CA MET A 1 27.51 22.81 -3.00
C MET A 1 26.53 23.42 -4.00
N ASN A 2 26.99 23.67 -5.23
CA ASN A 2 26.09 24.22 -6.24
C ASN A 2 24.92 23.28 -6.50
N TYR A 3 25.22 21.97 -6.65
CA TYR A 3 24.23 20.99 -7.06
C TYR A 3 24.36 19.76 -6.17
N PRO A 4 23.76 19.79 -4.99
CA PRO A 4 23.88 18.67 -4.06
C PRO A 4 23.12 17.45 -4.56
N ALA A 5 23.58 16.28 -4.13
CA ALA A 5 22.88 15.05 -4.47
C ALA A 5 21.55 14.97 -3.74
N GLU A 6 20.67 14.08 -4.23
CA GLU A 6 19.35 13.94 -3.62
C GLU A 6 19.51 13.50 -2.17
N PRO A 7 18.87 14.17 -1.21
CA PRO A 7 18.98 13.77 0.20
C PRO A 7 17.97 12.71 0.58
N PHE A 8 17.83 11.71 -0.29
CA PHE A 8 16.89 10.62 -0.14
C PHE A 8 17.33 9.53 -1.11
N ARG A 9 16.80 8.34 -0.91
CA ARG A 9 16.97 7.25 -1.86
C ARG A 9 15.67 7.05 -2.61
N ILE A 10 15.75 6.33 -3.72
CA ILE A 10 14.53 5.93 -4.41
C ILE A 10 13.96 4.70 -3.72
N LYS A 11 12.71 4.79 -3.28
CA LYS A 11 12.03 3.65 -2.67
C LYS A 11 11.24 2.85 -3.70
N SER A 12 10.54 3.53 -4.61
CA SER A 12 9.84 2.85 -5.68
C SER A 12 9.85 3.74 -6.92
N VAL A 13 9.69 3.11 -8.08
CA VAL A 13 9.78 3.80 -9.36
C VAL A 13 8.45 3.70 -10.12
N GLU A 14 8.25 4.65 -11.01
CA GLU A 14 7.21 4.59 -12.02
CA GLU A 14 7.21 4.58 -12.03
C GLU A 14 7.90 4.24 -13.33
N THR A 15 7.57 3.08 -13.91
CA THR A 15 8.22 2.69 -15.15
C THR A 15 7.73 3.56 -16.30
N VAL A 16 8.57 3.64 -17.34
CA VAL A 16 8.32 4.48 -18.51
C VAL A 16 8.54 3.64 -19.75
N SER A 17 7.63 3.76 -20.71
N SER A 17 7.69 3.85 -20.78
CA SER A 17 7.83 3.17 -22.03
CA SER A 17 7.74 3.00 -21.96
C SER A 17 8.69 4.13 -22.83
C SER A 17 8.95 3.26 -22.84
N MET A 18 9.91 3.72 -23.16
N MET A 18 9.52 4.47 -22.81
CA MET A 18 10.89 4.64 -23.76
CA MET A 18 10.70 4.81 -23.63
C MET A 18 10.69 4.69 -25.28
C MET A 18 10.45 4.51 -25.11
N ILE A 19 9.60 5.34 -25.68
CA ILE A 19 9.20 5.25 -27.09
C ILE A 19 10.15 6.05 -27.97
N SER A 20 10.15 5.73 -29.26
CA SER A 20 11.08 6.32 -30.21
C SER A 20 10.62 7.71 -30.64
N ARG A 21 11.54 8.44 -31.29
CA ARG A 21 11.20 9.74 -31.83
C ARG A 21 10.04 9.65 -32.82
N ASP A 22 10.08 8.66 -33.72
CA ASP A 22 8.98 8.49 -34.66
C ASP A 22 7.66 8.27 -33.93
N GLU A 23 7.67 7.46 -32.87
CA GLU A 23 6.46 7.24 -32.11
CA GLU A 23 6.45 7.24 -32.12
C GLU A 23 5.98 8.52 -31.42
N ARG A 24 6.93 9.32 -30.88
CA ARG A 24 6.54 10.58 -30.26
C ARG A 24 5.94 11.55 -31.25
N VAL A 25 6.49 11.61 -32.47
CA VAL A 25 5.91 12.48 -33.49
C VAL A 25 4.48 12.06 -33.78
N LYS A 26 4.23 10.75 -33.89
CA LYS A 26 2.88 10.25 -34.12
C LYS A 26 1.96 10.63 -32.95
N LYS A 27 2.42 10.42 -31.71
CA LYS A 27 1.59 10.79 -30.56
C LYS A 27 1.32 12.29 -30.54
N MET A 28 2.33 13.09 -30.87
CA MET A 28 2.13 14.54 -30.87
C MET A 28 1.12 14.96 -31.93
N GLN A 29 1.19 14.36 -33.11
CA GLN A 29 0.21 14.64 -34.15
C GLN A 29 -1.18 14.17 -33.75
N GLU A 30 -1.27 13.02 -33.09
CA GLU A 30 -2.57 12.55 -32.60
C GLU A 30 -3.13 13.50 -31.55
N ALA A 31 -2.27 14.21 -30.83
CA ALA A 31 -2.66 15.22 -29.87
C ALA A 31 -2.79 16.61 -30.50
N GLY A 32 -2.80 16.69 -31.83
CA GLY A 32 -2.96 17.98 -32.49
C GLY A 32 -1.89 18.99 -32.15
N TYR A 33 -0.67 18.53 -31.87
CA TYR A 33 0.44 19.40 -31.47
C TYR A 33 0.16 20.18 -30.19
N ASN A 34 -0.79 19.74 -29.36
CA ASN A 34 -1.11 20.39 -28.10
C ASN A 34 -0.66 19.46 -26.97
N THR A 35 0.39 19.86 -26.24
CA THR A 35 0.88 18.98 -25.18
C THR A 35 -0.18 18.68 -24.11
N PHE A 36 -1.17 19.56 -23.93
CA PHE A 36 -2.22 19.27 -22.95
C PHE A 36 -3.04 18.04 -23.34
N LEU A 37 -3.02 17.64 -24.61
CA LEU A 37 -3.78 16.50 -25.08
C LEU A 37 -2.99 15.19 -25.08
N LEU A 38 -1.71 15.23 -24.70
CA LEU A 38 -0.92 14.01 -24.63
C LEU A 38 -1.37 13.14 -23.46
N ASN A 39 -1.29 11.83 -23.68
CA ASN A 39 -1.54 10.86 -22.62
C ASN A 39 -0.31 10.74 -21.72
N SER A 40 -0.55 10.62 -20.41
CA SER A 40 0.54 10.47 -19.46
C SER A 40 1.44 9.29 -19.81
N LYS A 41 0.85 8.18 -20.26
CA LYS A 41 1.63 6.98 -20.55
C LYS A 41 2.63 7.18 -21.68
N ASP A 42 2.43 8.23 -22.49
CA ASP A 42 3.31 8.52 -23.62
C ASP A 42 4.39 9.54 -23.30
N ILE A 43 4.53 9.93 -22.03
CA ILE A 43 5.43 10.99 -21.61
C ILE A 43 6.51 10.41 -20.71
N TYR A 44 7.76 10.75 -21.01
CA TYR A 44 8.90 10.32 -20.19
C TYR A 44 9.05 11.22 -18.97
N ILE A 45 9.16 12.52 -19.18
CA ILE A 45 9.39 13.49 -18.13
C ILE A 45 8.28 14.53 -18.26
N ASP A 46 7.37 14.56 -17.28
CA ASP A 46 6.17 15.38 -17.39
C ASP A 46 6.33 16.63 -16.55
N LEU A 47 6.67 17.73 -17.22
CA LEU A 47 6.88 19.03 -16.57
C LEU A 47 5.70 19.96 -16.78
N LEU A 48 4.52 19.40 -17.03
CA LEU A 48 3.32 20.23 -17.18
C LEU A 48 3.06 21.05 -15.93
N THR A 49 3.24 20.46 -14.75
CA THR A 49 2.97 21.17 -13.51
C THR A 49 3.69 20.51 -12.34
N ASP A 50 4.01 21.34 -11.34
CA ASP A 50 4.49 20.84 -10.06
C ASP A 50 3.35 20.61 -9.09
N SER A 51 2.09 20.71 -9.54
CA SER A 51 0.93 20.59 -8.65
C SER A 51 0.48 19.14 -8.55
N GLY A 52 0.63 18.55 -7.37
CA GLY A 52 0.06 17.24 -7.11
C GLY A 52 0.80 16.10 -7.76
N THR A 53 1.95 16.38 -8.37
CA THR A 53 2.75 15.39 -9.08
C THR A 53 3.93 14.91 -8.25
N ASN A 54 4.02 15.34 -7.00
CA ASN A 54 5.18 15.06 -6.15
C ASN A 54 5.25 13.58 -5.78
N ALA A 55 6.48 13.12 -5.55
CA ALA A 55 6.71 11.78 -5.01
C ALA A 55 6.62 11.84 -3.49
N MET A 56 5.75 11.01 -2.91
CA MET A 56 5.66 10.90 -1.47
C MET A 56 6.78 10.00 -0.92
N SER A 57 6.98 10.06 0.39
CA SER A 57 7.97 9.21 1.03
C SER A 57 7.35 7.90 1.49
N ASP A 58 8.24 6.97 1.86
CA ASP A 58 7.83 5.75 2.56
C ASP A 58 7.01 6.08 3.81
N LYS A 59 7.41 7.10 4.56
CA LYS A 59 6.68 7.49 5.76
C LYS A 59 5.28 7.98 5.42
N GLN A 60 5.13 8.76 4.34
CA GLN A 60 3.81 9.18 3.92
C GLN A 60 2.97 7.99 3.49
N TRP A 61 3.57 7.04 2.74
CA TRP A 61 2.84 5.85 2.34
C TRP A 61 2.43 4.99 3.52
N ALA A 62 3.25 4.95 4.58
CA ALA A 62 2.81 4.29 5.81
C ALA A 62 1.58 4.99 6.37
N GLY A 63 1.58 6.34 6.39
CA GLY A 63 0.41 7.07 6.82
C GLY A 63 -0.81 6.78 5.95
N MET A 64 -0.61 6.56 4.65
CA MET A 64 -1.70 6.22 3.75
C MET A 64 -2.39 4.92 4.14
N MET A 65 -1.71 4.03 4.87
CA MET A 65 -2.29 2.76 5.28
C MET A 65 -3.08 2.85 6.57
N ILE A 66 -2.98 3.95 7.30
CA ILE A 66 -3.70 4.11 8.56
CA ILE A 66 -3.70 4.11 8.56
C ILE A 66 -4.66 5.29 8.46
N GLY A 67 -5.29 5.43 7.31
CA GLY A 67 -6.37 6.38 7.19
C GLY A 67 -7.50 6.00 8.14
N ASP A 68 -7.91 6.97 8.95
CA ASP A 68 -9.01 6.86 9.89
C ASP A 68 -10.13 7.61 9.17
N GLU A 69 -11.01 6.86 8.52
CA GLU A 69 -11.95 7.43 7.57
C GLU A 69 -13.24 7.95 8.24
N ALA A 70 -13.22 8.12 9.56
CA ALA A 70 -14.38 8.64 10.27
C ALA A 70 -14.72 10.05 9.82
N TYR A 71 -16.02 10.33 9.81
CA TYR A 71 -16.55 11.61 9.33
C TYR A 71 -16.15 12.76 10.24
N ALA A 72 -15.98 12.48 11.54
CA ALA A 72 -15.58 13.46 12.53
C ALA A 72 -14.67 12.76 13.52
N GLY A 73 -13.73 13.51 14.08
CA GLY A 73 -12.86 12.94 15.09
C GLY A 73 -11.77 12.03 14.58
N SER A 74 -11.47 12.09 13.29
CA SER A 74 -10.39 11.27 12.74
C SER A 74 -9.04 11.65 13.33
N GLU A 75 -8.27 10.62 13.69
CA GLU A 75 -6.88 10.84 14.11
C GLU A 75 -6.10 11.61 13.07
N ASN A 76 -6.39 11.40 11.79
CA ASN A 76 -5.62 12.09 10.76
C ASN A 76 -5.91 13.58 10.76
N PHE A 77 -7.17 13.96 11.01
CA PHE A 77 -7.48 15.38 11.14
C PHE A 77 -6.72 15.99 12.31
N TYR A 78 -6.70 15.30 13.46
CA TYR A 78 -5.99 15.84 14.61
C TYR A 78 -4.51 16.01 14.29
N HIS A 79 -3.92 15.05 13.57
CA HIS A 79 -2.50 15.16 13.20
C HIS A 79 -2.26 16.36 12.30
N LEU A 80 -3.10 16.53 11.28
CA LEU A 80 -2.95 17.67 10.38
C LEU A 80 -3.10 18.98 11.12
N GLU A 81 -4.14 19.08 11.96
CA GLU A 81 -4.39 20.29 12.74
C GLU A 81 -3.20 20.62 13.63
N LYS A 82 -2.69 19.62 14.35
CA LYS A 82 -1.56 19.84 15.24
C LYS A 82 -0.33 20.29 14.45
N THR A 83 -0.07 19.65 13.31
CA THR A 83 1.11 19.97 12.54
C THR A 83 1.04 21.38 11.96
N VAL A 84 -0.12 21.77 11.42
CA VAL A 84 -0.23 23.08 10.81
C VAL A 84 -0.16 24.17 11.88
N LYS A 85 -0.81 23.96 13.02
CA LYS A 85 -0.71 24.94 14.10
CA LYS A 85 -0.70 24.96 14.08
CA LYS A 85 -0.71 24.93 14.11
C LYS A 85 0.74 25.10 14.54
N GLU A 86 1.47 24.00 14.66
CA GLU A 86 2.86 24.07 15.10
C GLU A 86 3.72 24.79 14.07
N LEU A 87 3.57 24.44 12.79
CA LEU A 87 4.53 24.92 11.81
C LEU A 87 4.16 26.27 11.23
N PHE A 88 2.88 26.55 11.02
CA PHE A 88 2.46 27.84 10.48
C PHE A 88 2.04 28.83 11.55
N GLY A 89 1.64 28.37 12.72
CA GLY A 89 1.34 29.26 13.84
C GLY A 89 -0.08 29.78 13.91
N PHE A 90 -0.92 29.53 12.91
CA PHE A 90 -2.28 30.04 12.94
C PHE A 90 -3.12 29.29 13.98
N LYS A 91 -4.13 29.98 14.49
CA LYS A 91 -4.94 29.39 15.55
C LYS A 91 -5.88 28.30 15.05
N HIS A 92 -6.35 28.39 13.80
CA HIS A 92 -7.40 27.51 13.33
C HIS A 92 -7.12 27.06 11.91
N ILE A 93 -7.62 25.86 11.58
CA ILE A 93 -7.49 25.29 10.25
C ILE A 93 -8.82 24.71 9.80
N VAL A 94 -9.12 24.90 8.52
CA VAL A 94 -10.22 24.20 7.85
C VAL A 94 -9.60 23.48 6.65
N PRO A 95 -9.55 22.15 6.65
CA PRO A 95 -9.02 21.44 5.49
C PRO A 95 -9.92 21.66 4.27
N THR A 96 -9.31 21.61 3.09
CA THR A 96 -10.04 21.69 1.83
C THR A 96 -9.40 20.67 0.88
N HIS A 97 -10.10 20.35 -0.22
CA HIS A 97 -9.55 19.27 -1.05
C HIS A 97 -8.29 19.72 -1.78
N GLN A 98 -8.17 21.00 -2.09
CA GLN A 98 -6.91 21.58 -2.57
C GLN A 98 -7.00 23.10 -2.41
N GLY A 99 -6.02 23.82 -2.96
CA GLY A 99 -5.90 25.25 -2.67
C GLY A 99 -7.10 26.06 -3.13
N ARG A 100 -7.59 25.80 -4.34
CA ARG A 100 -8.69 26.61 -4.85
C ARG A 100 -9.97 26.42 -4.04
N GLY A 101 -10.12 25.29 -3.35
CA GLY A 101 -11.23 25.16 -2.41
C GLY A 101 -11.09 26.12 -1.24
N ALA A 102 -9.87 26.29 -0.74
CA ALA A 102 -9.64 27.25 0.34
C ALA A 102 -9.85 28.68 -0.15
N GLU A 103 -9.46 28.97 -1.40
CA GLU A 103 -9.67 30.29 -1.99
C GLU A 103 -11.16 30.61 -2.10
N ASN A 104 -11.96 29.63 -2.53
CA ASN A 104 -13.40 29.82 -2.56
C ASN A 104 -13.91 30.27 -1.20
N LEU A 105 -13.50 29.58 -0.14
CA LEU A 105 -13.96 29.94 1.19
C LEU A 105 -13.48 31.34 1.59
N LEU A 106 -12.18 31.60 1.46
CA LEU A 106 -11.64 32.88 1.90
C LEU A 106 -12.33 34.05 1.20
N SER A 107 -12.46 33.96 -0.12
CA SER A 107 -13.00 35.08 -0.86
C SER A 107 -14.47 35.31 -0.56
N GLN A 108 -15.23 34.23 -0.33
CA GLN A 108 -16.63 34.43 0.06
C GLN A 108 -16.73 35.07 1.44
N LEU A 109 -15.80 34.77 2.34
CA LEU A 109 -15.89 35.22 3.72
C LEU A 109 -15.31 36.61 3.94
N ALA A 110 -14.34 37.02 3.12
CA ALA A 110 -13.51 38.19 3.42
C ALA A 110 -13.74 39.36 2.48
N ILE A 111 -14.58 39.22 1.46
CA ILE A 111 -14.77 40.27 0.46
C ILE A 111 -16.22 40.71 0.47
N LYS A 112 -16.43 42.02 0.50
CA LYS A 112 -17.74 42.60 0.25
C LYS A 112 -17.75 43.22 -1.15
N PRO A 113 -18.88 43.17 -1.86
CA PRO A 113 -18.90 43.70 -3.23
C PRO A 113 -18.45 45.16 -3.29
N GLY A 114 -17.62 45.47 -4.29
CA GLY A 114 -17.07 46.79 -4.46
C GLY A 114 -15.72 47.01 -3.81
N GLN A 115 -15.18 46.02 -3.10
CA GLN A 115 -13.88 46.16 -2.45
C GLN A 115 -12.75 45.80 -3.41
N TYR A 116 -11.54 46.08 -2.97
CA TYR A 116 -10.32 45.78 -3.72
C TYR A 116 -9.53 44.72 -2.97
N VAL A 117 -8.83 43.88 -3.72
CA VAL A 117 -7.82 42.99 -3.17
C VAL A 117 -6.50 43.38 -3.81
N ALA A 118 -5.51 43.70 -2.98
CA ALA A 118 -4.20 44.11 -3.44
C ALA A 118 -3.25 42.93 -3.31
N GLY A 119 -2.53 42.59 -4.37
CA GLY A 119 -1.67 41.43 -4.35
C GLY A 119 -0.38 41.66 -5.12
N ASN A 120 0.62 40.83 -4.78
CA ASN A 120 1.85 40.80 -5.59
C ASN A 120 1.63 39.85 -6.76
N MET A 121 1.16 40.41 -7.88
CA MET A 121 0.71 39.66 -9.04
C MET A 121 -0.44 38.73 -8.68
N TYR A 122 -0.79 37.79 -9.57
CA TYR A 122 -2.01 37.02 -9.38
C TYR A 122 -1.83 35.63 -9.94
N PHE A 123 -2.71 34.73 -9.50
CA PHE A 123 -2.86 33.38 -10.03
C PHE A 123 -4.30 33.20 -10.47
N THR A 124 -4.51 32.38 -11.51
CA THR A 124 -5.81 32.32 -12.17
CA THR A 124 -5.81 32.28 -12.16
C THR A 124 -6.94 32.00 -11.17
N THR A 125 -6.81 30.93 -10.38
CA THR A 125 -7.93 30.55 -9.51
C THR A 125 -8.14 31.56 -8.40
N THR A 126 -7.03 32.03 -7.81
CA THR A 126 -7.09 32.96 -6.70
C THR A 126 -7.80 34.24 -7.11
N ARG A 127 -7.42 34.76 -8.28
CA ARG A 127 -8.06 35.96 -8.79
C ARG A 127 -9.50 35.71 -9.17
N PHE A 128 -9.81 34.54 -9.76
CA PHE A 128 -11.20 34.24 -10.07
C PHE A 128 -12.07 34.37 -8.83
N HIS A 129 -11.65 33.75 -7.72
CA HIS A 129 -12.50 33.75 -6.54
C HIS A 129 -12.61 35.15 -5.94
N GLN A 130 -11.53 35.93 -5.99
CA GLN A 130 -11.63 37.32 -5.55
C GLN A 130 -12.65 38.09 -6.36
N GLU A 131 -12.57 37.97 -7.70
CA GLU A 131 -13.45 38.73 -8.57
C GLU A 131 -14.88 38.22 -8.50
N LYS A 132 -15.06 36.89 -8.42
CA LYS A 132 -16.39 36.31 -8.35
C LYS A 132 -17.14 36.82 -7.14
N ASN A 133 -16.43 37.13 -6.07
CA ASN A 133 -17.05 37.59 -4.84
C ASN A 133 -17.08 39.11 -4.73
N GLY A 134 -16.74 39.81 -5.81
CA GLY A 134 -16.99 41.23 -5.92
C GLY A 134 -15.78 42.13 -5.78
N ALA A 135 -14.57 41.59 -5.76
CA ALA A 135 -13.38 42.41 -5.62
C ALA A 135 -12.78 42.79 -6.96
N THR A 136 -12.09 43.92 -6.97
CA THR A 136 -11.21 44.30 -8.05
C THR A 136 -9.78 44.06 -7.61
N PHE A 137 -9.02 43.32 -8.41
CA PHE A 137 -7.62 43.04 -8.12
C PHE A 137 -6.75 44.22 -8.49
N VAL A 138 -5.83 44.59 -7.59
CA VAL A 138 -4.84 45.64 -7.83
C VAL A 138 -3.45 45.04 -7.61
N ASP A 139 -2.61 45.11 -8.64
CA ASP A 139 -1.26 44.57 -8.54
C ASP A 139 -0.36 45.58 -7.83
N ILE A 140 0.25 45.17 -6.72
CA ILE A 140 1.15 46.01 -5.96
C ILE A 140 2.57 45.45 -5.91
N VAL A 141 2.90 44.48 -6.76
CA VAL A 141 4.28 44.01 -6.83
C VAL A 141 5.20 45.11 -7.31
N ARG A 142 6.46 45.04 -6.89
CA ARG A 142 7.46 45.98 -7.37
C ARG A 142 7.57 45.92 -8.89
N ASP A 143 7.90 47.07 -9.49
CA ASP A 143 8.03 47.15 -10.95
C ASP A 143 8.99 46.10 -11.50
N GLU A 144 10.05 45.78 -10.74
CA GLU A 144 11.09 44.89 -11.26
C GLU A 144 10.56 43.50 -11.55
N ALA A 145 9.49 43.10 -10.87
CA ALA A 145 8.96 41.76 -11.08
C ALA A 145 8.49 41.56 -12.52
N HIS A 146 8.14 42.65 -13.21
CA HIS A 146 7.64 42.57 -14.57
C HIS A 146 8.75 42.53 -15.60
N ASP A 147 10.00 42.71 -15.19
CA ASP A 147 11.15 42.72 -16.10
C ASP A 147 11.76 41.32 -16.03
N ALA A 148 11.41 40.49 -17.01
CA ALA A 148 11.80 39.08 -16.98
C ALA A 148 13.30 38.87 -17.10
N SER A 149 14.04 39.86 -17.58
CA SER A 149 15.48 39.69 -17.77
C SER A 149 16.28 40.03 -16.53
N LEU A 150 15.68 40.70 -15.55
CA LEU A 150 16.44 41.27 -14.45
C LEU A 150 16.76 40.21 -13.40
N ASN A 151 18.06 40.00 -13.16
CA ASN A 151 18.53 39.07 -12.13
C ASN A 151 18.64 39.86 -10.83
N LEU A 152 17.56 39.82 -10.04
CA LEU A 152 17.47 40.52 -8.78
C LEU A 152 16.89 39.58 -7.74
N PRO A 153 17.37 39.64 -6.50
CA PRO A 153 16.79 38.81 -5.44
C PRO A 153 15.43 39.35 -5.01
N PHE A 154 14.61 38.45 -4.48
CA PHE A 154 13.33 38.81 -3.88
C PHE A 154 12.47 39.67 -4.80
N LYS A 155 12.39 39.23 -6.06
CA LYS A 155 11.61 39.96 -7.05
CA LYS A 155 11.61 39.90 -7.09
C LYS A 155 10.12 39.90 -6.79
N GLY A 156 9.66 39.03 -5.90
CA GLY A 156 8.24 39.01 -5.56
C GLY A 156 7.79 40.06 -4.57
N ASP A 157 8.71 40.87 -4.05
CA ASP A 157 8.36 41.81 -2.99
C ASP A 157 7.31 42.83 -3.45
N ILE A 158 6.45 43.21 -2.52
CA ILE A 158 5.47 44.26 -2.73
C ILE A 158 6.15 45.62 -2.67
N ASP A 159 5.73 46.53 -3.54
CA ASP A 159 6.13 47.93 -3.48
C ASP A 159 5.23 48.63 -2.47
N LEU A 160 5.79 49.00 -1.32
CA LEU A 160 5.00 49.64 -0.27
C LEU A 160 4.41 50.97 -0.74
N ASN A 161 5.06 51.65 -1.69
CA ASN A 161 4.48 52.89 -2.21
C ASN A 161 3.22 52.62 -3.01
N LYS A 162 3.16 51.50 -3.73
CA LYS A 162 1.94 51.16 -4.45
C LYS A 162 0.80 50.85 -3.48
N LEU A 163 1.11 50.14 -2.39
CA LEU A 163 0.10 49.93 -1.35
C LEU A 163 -0.34 51.24 -0.74
N ALA A 164 0.61 52.14 -0.43
CA ALA A 164 0.24 53.44 0.12
C ALA A 164 -0.66 54.21 -0.84
N THR A 165 -0.37 54.15 -2.13
CA THR A 165 -1.20 54.87 -3.11
C THR A 165 -2.62 54.32 -3.14
N LEU A 166 -2.76 52.99 -3.11
CA LEU A 166 -4.10 52.40 -3.11
C LEU A 166 -4.87 52.80 -1.86
N ILE A 167 -4.22 52.78 -0.70
CA ILE A 167 -4.87 53.20 0.55
C ILE A 167 -5.32 54.65 0.46
N LYS A 168 -4.44 55.52 -0.04
CA LYS A 168 -4.79 56.93 -0.14
CA LYS A 168 -4.78 56.93 -0.15
C LYS A 168 -5.92 57.17 -1.13
N GLU A 169 -5.88 56.51 -2.29
CA GLU A 169 -6.86 56.77 -3.33
C GLU A 169 -8.20 56.08 -3.07
N LYS A 170 -8.18 54.85 -2.54
CA LYS A 170 -9.43 54.10 -2.41
C LYS A 170 -9.94 54.03 -0.98
N GLY A 171 -9.09 54.26 0.01
CA GLY A 171 -9.53 54.13 1.40
C GLY A 171 -9.32 52.74 1.94
N ALA A 172 -8.71 52.64 3.13
CA ALA A 172 -8.36 51.33 3.68
C ALA A 172 -9.60 50.46 3.88
N GLU A 173 -10.72 51.06 4.28
CA GLU A 173 -11.94 50.30 4.51
CA GLU A 173 -11.94 50.30 4.51
C GLU A 173 -12.42 49.58 3.26
N ASN A 174 -11.99 50.03 2.09
CA ASN A 174 -12.41 49.43 0.83
C ASN A 174 -11.45 48.39 0.32
N ILE A 175 -10.39 48.09 1.06
CA ILE A 175 -9.47 47.01 0.71
C ILE A 175 -9.89 45.81 1.55
N ALA A 176 -10.42 44.78 0.89
CA ALA A 176 -10.85 43.57 1.60
C ALA A 176 -9.66 42.92 2.30
N TYR A 177 -8.57 42.72 1.58
CA TYR A 177 -7.35 42.19 2.15
C TYR A 177 -6.21 42.39 1.16
N ILE A 178 -5.00 42.26 1.69
CA ILE A 178 -3.79 42.13 0.89
C ILE A 178 -3.56 40.63 0.72
N CYS A 179 -3.41 40.18 -0.52
CA CYS A 179 -3.12 38.79 -0.85
C CYS A 179 -1.64 38.72 -1.18
N LEU A 180 -0.84 38.27 -0.23
CA LEU A 180 0.60 38.20 -0.41
C LEU A 180 0.94 36.77 -0.75
N ALA A 181 1.44 36.55 -1.96
CA ALA A 181 1.77 35.21 -2.44
C ALA A 181 3.24 34.91 -2.21
N VAL A 182 3.52 33.68 -1.76
CA VAL A 182 4.88 33.18 -1.64
C VAL A 182 4.96 31.79 -2.25
N THR A 183 5.88 31.56 -3.17
CA THR A 183 6.57 32.56 -4.00
C THR A 183 5.56 33.19 -4.98
N VAL A 184 6.03 34.02 -5.91
CA VAL A 184 5.17 34.71 -6.89
C VAL A 184 5.26 33.97 -8.22
N ASN A 185 4.17 33.29 -8.58
CA ASN A 185 4.21 32.36 -9.70
C ASN A 185 4.35 33.08 -11.03
N LEU A 186 3.60 34.17 -11.25
CA LEU A 186 3.57 34.82 -12.54
C LEU A 186 4.93 35.40 -12.92
N ALA A 187 5.77 35.70 -11.95
CA ALA A 187 7.11 36.21 -12.19
C ALA A 187 8.13 35.08 -12.35
N GLY A 188 7.68 33.84 -12.37
CA GLY A 188 8.58 32.70 -12.47
C GLY A 188 8.85 31.98 -11.17
N GLY A 189 8.07 32.23 -10.13
CA GLY A 189 8.32 31.62 -8.83
C GLY A 189 9.29 32.42 -8.00
N GLN A 190 9.13 33.74 -7.97
CA GLN A 190 10.11 34.60 -7.32
C GLN A 190 9.76 34.79 -5.85
N PRO A 191 10.76 34.76 -4.97
CA PRO A 191 10.48 34.84 -3.54
C PRO A 191 10.21 36.25 -3.04
N VAL A 192 9.64 36.29 -1.83
CA VAL A 192 9.39 37.52 -1.08
C VAL A 192 10.27 37.49 0.16
N SER A 193 10.90 38.62 0.47
CA SER A 193 11.79 38.69 1.61
C SER A 193 11.01 38.79 2.92
N MET A 194 11.64 38.33 4.01
CA MET A 194 11.06 38.54 5.33
C MET A 194 10.89 40.02 5.63
N ALA A 195 11.86 40.84 5.23
CA ALA A 195 11.74 42.28 5.47
C ALA A 195 10.50 42.83 4.80
N ASN A 196 10.19 42.35 3.60
CA ASN A 196 9.00 42.84 2.90
C ASN A 196 7.72 42.38 3.59
N MET A 197 7.66 41.10 4.00
CA MET A 197 6.49 40.63 4.73
C MET A 197 6.29 41.46 6.00
N ARG A 198 7.37 41.77 6.70
CA ARG A 198 7.26 42.57 7.92
C ARG A 198 6.77 43.98 7.60
N ALA A 199 7.32 44.60 6.54
CA ALA A 199 6.92 45.95 6.18
C ALA A 199 5.46 46.01 5.74
N VAL A 200 5.01 45.03 4.97
CA VAL A 200 3.61 44.98 4.56
C VAL A 200 2.72 44.85 5.79
N HIS A 201 3.11 44.00 6.74
CA HIS A 201 2.35 43.85 7.97
C HIS A 201 2.29 45.17 8.74
N GLU A 202 3.40 45.90 8.81
CA GLU A 202 3.43 47.16 9.56
CA GLU A 202 3.41 47.15 9.57
C GLU A 202 2.47 48.18 8.94
N MET A 203 2.50 48.32 7.62
CA MET A 203 1.61 49.29 6.98
C MET A 203 0.16 48.84 7.08
N ALA A 204 -0.11 47.56 6.84
CA ALA A 204 -1.47 47.07 6.94
C ALA A 204 -2.02 47.24 8.36
N SER A 205 -1.18 46.97 9.36
CA SER A 205 -1.62 47.09 10.75
C SER A 205 -2.03 48.52 11.07
N THR A 206 -1.30 49.51 10.55
CA THR A 206 -1.65 50.90 10.79
C THR A 206 -3.07 51.19 10.33
N TYR A 207 -3.50 50.58 9.22
CA TYR A 207 -4.79 50.88 8.62
C TYR A 207 -5.84 49.81 8.86
N GLY A 208 -5.52 48.76 9.61
CA GLY A 208 -6.50 47.72 9.89
C GLY A 208 -6.82 46.82 8.72
N ILE A 209 -5.90 46.68 7.77
CA ILE A 209 -6.13 45.87 6.58
C ILE A 209 -5.65 44.45 6.86
N LYS A 210 -6.52 43.47 6.61
CA LYS A 210 -6.14 42.07 6.77
C LYS A 210 -5.16 41.64 5.69
N ILE A 211 -4.30 40.68 6.04
CA ILE A 211 -3.35 40.07 5.12
C ILE A 211 -3.58 38.57 5.12
N PHE A 212 -3.81 38.00 3.94
CA PHE A 212 -3.89 36.55 3.79
C PHE A 212 -2.82 36.13 2.79
N TYR A 213 -2.06 35.10 3.13
CA TYR A 213 -1.03 34.61 2.22
C TYR A 213 -1.62 33.57 1.28
N ASP A 214 -1.24 33.67 0.01
CA ASP A 214 -1.37 32.57 -0.95
C ASP A 214 -0.06 31.80 -0.78
N ALA A 215 -0.13 30.72 0.00
CA ALA A 215 1.06 30.15 0.62
C ALA A 215 1.59 28.91 -0.10
N THR A 216 1.14 28.64 -1.33
CA THR A 216 1.36 27.33 -1.93
C THR A 216 2.83 26.92 -2.00
N ARG A 217 3.74 27.88 -2.21
CA ARG A 217 5.17 27.58 -2.30
C ARG A 217 5.96 28.30 -1.20
N CYS A 218 5.39 28.30 0.01
CA CYS A 218 6.00 29.01 1.12
C CYS A 218 7.32 28.39 1.57
N VAL A 219 7.51 27.09 1.35
CA VAL A 219 8.75 26.46 1.79
C VAL A 219 9.88 26.77 0.82
N GLU A 220 9.62 26.68 -0.49
CA GLU A 220 10.55 27.24 -1.45
C GLU A 220 10.91 28.68 -1.09
N ASN A 221 9.91 29.48 -0.73
CA ASN A 221 10.19 30.86 -0.36
C ASN A 221 11.13 30.94 0.83
N ALA A 222 10.85 30.13 1.87
CA ALA A 222 11.69 30.10 3.05
C ALA A 222 13.14 29.74 2.72
N TYR A 223 13.33 28.83 1.76
CA TYR A 223 14.69 28.49 1.35
C TYR A 223 15.41 29.72 0.78
N PHE A 224 14.75 30.48 -0.09
CA PHE A 224 15.40 31.67 -0.63
C PHE A 224 15.77 32.65 0.47
N ILE A 225 14.91 32.82 1.48
CA ILE A 225 15.25 33.66 2.62
C ILE A 225 16.51 33.14 3.31
N LYS A 226 16.56 31.85 3.61
CA LYS A 226 17.74 31.28 4.28
C LYS A 226 19.00 31.48 3.45
N GLU A 227 18.87 31.31 2.14
CA GLU A 227 20.05 31.37 1.27
C GLU A 227 20.53 32.80 1.06
N GLN A 228 19.61 33.76 0.99
CA GLN A 228 19.92 35.07 0.41
C GLN A 228 19.60 36.27 1.28
N GLU A 229 18.76 36.15 2.30
CA GLU A 229 18.43 37.31 3.11
C GLU A 229 19.39 37.41 4.29
N ALA A 230 20.08 38.54 4.40
CA ALA A 230 21.11 38.69 5.41
C ALA A 230 20.54 38.45 6.80
N GLY A 231 21.27 37.66 7.61
CA GLY A 231 20.85 37.33 8.95
C GLY A 231 20.15 35.99 9.09
N TYR A 232 19.67 35.41 7.98
CA TYR A 232 18.92 34.16 8.05
C TYR A 232 19.76 32.94 7.69
N GLU A 233 21.05 33.11 7.42
CA GLU A 233 21.90 32.00 6.98
C GLU A 233 21.79 30.78 7.90
N ASN A 234 21.73 31.01 9.20
CA ASN A 234 21.77 29.93 10.18
C ASN A 234 20.44 29.74 10.90
N VAL A 235 19.36 30.30 10.38
CA VAL A 235 18.03 30.10 10.92
C VAL A 235 17.41 28.91 10.20
N SER A 236 16.72 28.04 10.94
CA SER A 236 16.17 26.85 10.31
C SER A 236 15.01 27.21 9.39
N ILE A 237 14.78 26.35 8.38
CA ILE A 237 13.62 26.52 7.52
C ILE A 237 12.35 26.61 8.34
N LYS A 238 12.23 25.75 9.35
CA LYS A 238 11.06 25.75 10.22
CA LYS A 238 11.06 25.75 10.22
C LYS A 238 10.86 27.12 10.88
N ASP A 239 11.93 27.71 11.41
CA ASP A 239 11.79 28.99 12.08
C ASP A 239 11.52 30.12 11.09
N ILE A 240 12.04 30.02 9.87
CA ILE A 240 11.74 31.00 8.84
C ILE A 240 10.25 30.94 8.46
N VAL A 241 9.74 29.73 8.22
CA VAL A 241 8.34 29.56 7.87
C VAL A 241 7.44 30.13 8.96
N HIS A 242 7.75 29.82 10.22
CA HIS A 242 6.93 30.30 11.32
C HIS A 242 6.94 31.82 11.37
N GLU A 243 8.10 32.45 11.18
CA GLU A 243 8.14 33.90 11.21
C GLU A 243 7.38 34.50 10.03
N MET A 244 7.51 33.90 8.84
CA MET A 244 6.78 34.39 7.68
C MET A 244 5.30 34.53 7.99
N PHE A 245 4.70 33.47 8.52
CA PHE A 245 3.26 33.49 8.77
C PHE A 245 2.87 34.36 9.95
N SER A 246 3.83 34.74 10.81
CA SER A 246 3.51 35.66 11.89
C SER A 246 3.10 37.03 11.37
N TYR A 247 3.40 37.33 10.11
CA TYR A 247 3.04 38.59 9.47
C TYR A 247 1.75 38.50 8.66
N ALA A 248 0.97 37.43 8.86
CA ALA A 248 -0.28 37.21 8.15
C ALA A 248 -1.40 36.95 9.13
N ASP A 249 -2.64 37.24 8.69
CA ASP A 249 -3.83 36.90 9.45
C ASP A 249 -4.38 35.53 9.08
N GLY A 250 -3.87 34.91 8.03
CA GLY A 250 -4.32 33.60 7.62
C GLY A 250 -3.67 33.26 6.29
N CYS A 251 -4.10 32.13 5.74
CA CYS A 251 -3.52 31.71 4.46
C CYS A 251 -4.47 30.74 3.76
N THR A 252 -4.31 30.66 2.46
CA THR A 252 -4.79 29.53 1.66
C THR A 252 -3.57 28.72 1.27
N MET A 253 -3.64 27.42 1.41
CA MET A 253 -2.52 26.54 1.13
CA MET A 253 -2.52 26.56 1.11
C MET A 253 -2.95 25.44 0.18
N SER A 254 -2.09 25.14 -0.80
CA SER A 254 -2.23 23.94 -1.60
C SER A 254 -1.18 22.96 -1.12
N GLY A 255 -1.62 21.86 -0.51
CA GLY A 255 -0.68 20.82 -0.17
C GLY A 255 -0.05 20.20 -1.39
N LYS A 256 -0.74 20.28 -2.54
CA LYS A 256 -0.27 19.75 -3.80
C LYS A 256 1.04 20.38 -4.25
N LYS A 257 1.40 21.53 -3.68
CA LYS A 257 2.69 22.11 -3.96
C LYS A 257 3.64 21.74 -2.81
N ASP A 258 3.87 22.65 -1.85
CA ASP A 258 4.98 22.43 -0.93
C ASP A 258 4.71 21.43 0.19
N CYS A 259 3.50 20.87 0.33
CA CYS A 259 3.31 19.80 1.32
C CYS A 259 3.59 18.41 0.78
N LEU A 260 4.13 18.29 -0.44
CA LEU A 260 4.67 17.02 -0.91
C LEU A 260 3.58 15.96 -1.06
N VAL A 261 2.38 16.37 -1.47
CA VAL A 261 1.28 15.44 -1.65
C VAL A 261 0.68 15.56 -3.06
N ASN A 262 -0.22 14.63 -3.35
CA ASN A 262 -0.90 14.55 -4.62
C ASN A 262 -2.29 15.19 -4.59
N ILE A 263 -2.80 15.47 -3.39
CA ILE A 263 -4.09 16.11 -3.20
C ILE A 263 -4.08 16.68 -1.80
N GLY A 264 -4.88 17.73 -1.57
CA GLY A 264 -4.96 18.33 -0.26
C GLY A 264 -4.68 19.82 -0.24
N GLY A 265 -5.35 20.53 0.66
CA GLY A 265 -5.11 21.94 0.92
C GLY A 265 -5.78 22.32 2.22
N PHE A 266 -5.69 23.61 2.55
CA PHE A 266 -6.36 24.06 3.77
C PHE A 266 -6.43 25.58 3.81
N LEU A 267 -7.33 26.07 4.66
CA LEU A 267 -7.49 27.48 4.97
C LEU A 267 -7.13 27.66 6.44
N CYS A 268 -6.31 28.67 6.74
CA CYS A 268 -5.98 29.00 8.12
C CYS A 268 -6.39 30.43 8.43
N MET A 269 -6.74 30.64 9.69
CA MET A 269 -7.04 31.98 10.20
C MET A 269 -6.84 31.99 11.71
N ASN A 270 -6.79 33.20 12.29
CA ASN A 270 -6.51 33.35 13.72
C ASN A 270 -7.73 33.65 14.58
N ASP A 271 -8.82 34.12 14.02
CA ASP A 271 -9.95 34.58 14.81
C ASP A 271 -11.11 33.60 14.78
N GLU A 272 -11.85 33.58 15.89
CA GLU A 272 -13.02 32.72 15.98
C GLU A 272 -14.12 33.12 14.98
N GLU A 273 -14.29 34.42 14.71
CA GLU A 273 -15.39 34.83 13.85
CA GLU A 273 -15.39 34.84 13.85
C GLU A 273 -15.28 34.23 12.46
N MET A 274 -14.14 34.43 11.80
CA MET A 274 -13.97 33.84 10.48
C MET A 274 -13.92 32.31 10.54
N PHE A 275 -13.35 31.75 11.61
CA PHE A 275 -13.30 30.30 11.74
C PHE A 275 -14.71 29.72 11.76
N SER A 276 -15.59 30.31 12.57
CA SER A 276 -16.97 29.84 12.65
CA SER A 276 -16.97 29.84 12.65
CA SER A 276 -16.96 29.81 12.65
C SER A 276 -17.67 29.95 11.31
N ALA A 277 -17.49 31.08 10.62
CA ALA A 277 -18.12 31.27 9.33
C ALA A 277 -17.56 30.31 8.29
N ALA A 278 -16.25 30.06 8.33
CA ALA A 278 -15.64 29.13 7.38
C ALA A 278 -16.14 27.72 7.59
N LYS A 279 -16.33 27.33 8.86
CA LYS A 279 -16.82 25.98 9.14
C LYS A 279 -18.24 25.79 8.63
N GLU A 280 -19.07 26.84 8.72
CA GLU A 280 -20.41 26.71 8.17
C GLU A 280 -20.36 26.61 6.65
N LEU A 281 -19.49 27.38 6.02
CA LEU A 281 -19.45 27.43 4.56
C LEU A 281 -18.82 26.18 3.95
N VAL A 282 -17.81 25.61 4.61
CA VAL A 282 -17.06 24.50 4.01
C VAL A 282 -17.99 23.31 3.80
N VAL A 283 -19.02 23.18 4.63
CA VAL A 283 -19.90 22.00 4.58
C VAL A 283 -20.51 21.84 3.20
N VAL A 284 -20.93 22.93 2.58
CA VAL A 284 -21.67 22.79 1.33
C VAL A 284 -20.77 22.66 0.11
N TYR A 285 -19.52 23.12 0.17
CA TYR A 285 -18.62 23.02 -0.97
C TYR A 285 -17.65 21.85 -0.89
N GLU A 286 -17.10 21.57 0.29
CA GLU A 286 -16.03 20.59 0.45
C GLU A 286 -16.45 19.38 1.26
N GLY A 287 -17.08 19.62 2.41
CA GLY A 287 -17.37 18.59 3.38
C GLY A 287 -17.32 19.20 4.77
N MET A 288 -17.54 18.35 5.77
CA MET A 288 -17.49 18.81 7.15
C MET A 288 -16.12 19.38 7.50
N PRO A 289 -16.04 20.28 8.48
CA PRO A 289 -14.73 20.88 8.83
C PRO A 289 -13.72 19.88 9.33
N SER A 290 -14.14 18.66 9.68
CA SER A 290 -13.28 17.59 10.17
C SER A 290 -12.65 16.77 9.06
N TYR A 291 -12.92 17.08 7.79
CA TYR A 291 -12.21 16.42 6.69
C TYR A 291 -12.10 17.29 5.43
N GLY A 292 -13.04 18.20 5.20
CA GLY A 292 -12.92 19.19 4.14
C GLY A 292 -12.69 18.63 2.75
N GLY A 293 -13.35 17.55 2.39
CA GLY A 293 -13.20 16.98 1.07
C GLY A 293 -11.99 16.10 0.87
N LEU A 294 -11.34 15.67 1.96
CA LEU A 294 -10.18 14.79 1.90
C LEU A 294 -10.48 13.49 2.64
N ALA A 295 -9.97 12.39 2.10
CA ALA A 295 -9.89 11.15 2.86
C ALA A 295 -8.98 11.35 4.06
N GLY A 296 -9.26 10.60 5.13
CA GLY A 296 -8.38 10.67 6.29
C GLY A 296 -6.93 10.41 5.94
N ARG A 297 -6.67 9.40 5.11
CA ARG A 297 -5.30 9.08 4.71
C ARG A 297 -4.60 10.28 4.08
N ASP A 298 -5.35 11.15 3.39
CA ASP A 298 -4.73 12.30 2.74
C ASP A 298 -4.44 13.42 3.70
N MET A 299 -5.29 13.61 4.72
CA MET A 299 -4.92 14.51 5.80
C MET A 299 -3.64 14.04 6.48
N GLU A 300 -3.50 12.72 6.67
CA GLU A 300 -2.29 12.17 7.25
C GLU A 300 -1.08 12.42 6.36
N ALA A 301 -1.20 12.12 5.07
CA ALA A 301 -0.07 12.28 4.16
C ALA A 301 0.35 13.73 4.08
N MET A 302 -0.62 14.65 4.11
CA MET A 302 -0.30 16.07 4.04
C MET A 302 0.38 16.55 5.31
N ALA A 303 -0.08 16.07 6.48
CA ALA A 303 0.59 16.41 7.74
C ALA A 303 2.04 15.92 7.72
N ILE A 304 2.26 14.69 7.28
CA ILE A 304 3.60 14.14 7.24
C ILE A 304 4.46 14.91 6.23
N GLY A 305 3.88 15.20 5.06
CA GLY A 305 4.64 15.84 4.01
C GLY A 305 5.04 17.27 4.35
N LEU A 306 4.16 18.03 5.00
CA LEU A 306 4.51 19.38 5.38
C LEU A 306 5.71 19.37 6.32
N ARG A 307 5.75 18.39 7.24
CA ARG A 307 6.88 18.33 8.14
C ARG A 307 8.15 17.90 7.41
N GLU A 308 8.04 16.97 6.46
CA GLU A 308 9.20 16.60 5.63
C GLU A 308 9.75 17.80 4.87
N ALA A 309 8.88 18.71 4.44
CA ALA A 309 9.32 19.86 3.65
C ALA A 309 10.22 20.79 4.47
N MET A 310 10.19 20.69 5.80
CA MET A 310 11.03 21.52 6.65
C MET A 310 12.49 21.09 6.64
N GLN A 311 12.81 19.91 6.11
CA GLN A 311 14.19 19.46 6.13
C GLN A 311 15.03 20.31 5.17
N TYR A 312 16.05 20.99 5.72
CA TYR A 312 16.86 21.90 4.92
C TYR A 312 17.39 21.22 3.66
N GLU A 313 17.98 20.04 3.80
CA GLU A 313 18.61 19.41 2.64
C GLU A 313 17.59 19.09 1.56
N TYR A 314 16.37 18.73 1.95
CA TYR A 314 15.32 18.47 0.95
C TYR A 314 15.02 19.74 0.14
N ILE A 315 14.76 20.87 0.81
CA ILE A 315 14.33 22.03 0.07
C ILE A 315 15.49 22.69 -0.67
N GLU A 316 16.69 22.63 -0.11
CA GLU A 316 17.88 23.08 -0.82
C GLU A 316 18.05 22.32 -2.12
N HIS A 317 17.98 20.98 -2.04
CA HIS A 317 18.09 20.20 -3.26
C HIS A 317 16.96 20.52 -4.23
N ARG A 318 15.73 20.65 -3.73
CA ARG A 318 14.60 20.94 -4.60
C ARG A 318 14.89 22.19 -5.44
N VAL A 319 15.24 23.28 -4.76
CA VAL A 319 15.45 24.55 -5.45
C VAL A 319 16.69 24.51 -6.32
N LYS A 320 17.77 23.88 -5.85
CA LYS A 320 18.99 23.82 -6.64
C LYS A 320 18.86 22.92 -7.87
N GLN A 321 17.95 21.93 -7.83
CA GLN A 321 17.70 21.14 -9.02
C GLN A 321 17.04 21.98 -10.12
N VAL A 322 16.06 22.80 -9.74
CA VAL A 322 15.47 23.74 -10.69
C VAL A 322 16.54 24.70 -11.20
N ARG A 323 17.37 25.19 -10.28
CA ARG A 323 18.43 26.13 -10.65
C ARG A 323 19.39 25.50 -11.64
N TYR A 324 19.72 24.22 -11.44
CA TYR A 324 20.60 23.51 -12.37
C TYR A 324 20.05 23.55 -13.79
N LEU A 325 18.75 23.27 -13.94
CA LEU A 325 18.13 23.34 -15.26
C LEU A 325 18.28 24.73 -15.86
N GLY A 326 17.99 25.76 -15.07
CA GLY A 326 18.14 27.12 -15.58
C GLY A 326 19.58 27.45 -15.92
N ASP A 327 20.53 26.98 -15.10
CA ASP A 327 21.95 27.25 -15.36
C ASP A 327 22.39 26.61 -16.68
N LYS A 328 21.99 25.36 -16.93
CA LYS A 328 22.40 24.71 -18.18
C LYS A 328 21.82 25.44 -19.39
N LEU A 329 20.57 25.90 -19.29
CA LEU A 329 19.97 26.63 -20.39
C LEU A 329 20.67 27.98 -20.58
N ARG A 330 20.93 28.70 -19.48
CA ARG A 330 21.56 30.01 -19.60
C ARG A 330 22.95 29.90 -20.23
N GLU A 331 23.69 28.86 -19.87
CA GLU A 331 25.04 28.66 -20.42
C GLU A 331 25.00 28.51 -21.93
N ALA A 332 23.89 28.04 -22.48
CA ALA A 332 23.73 27.87 -23.92
C ALA A 332 23.02 29.05 -24.57
N GLY A 333 22.76 30.12 -23.83
CA GLY A 333 22.13 31.29 -24.38
C GLY A 333 20.62 31.20 -24.55
N VAL A 334 19.99 30.16 -23.99
CA VAL A 334 18.55 30.00 -24.15
C VAL A 334 17.83 31.10 -23.37
N PRO A 335 16.86 31.80 -23.96
CA PRO A 335 16.19 32.91 -23.25
C PRO A 335 15.20 32.38 -22.22
N ILE A 336 15.44 32.73 -20.97
CA ILE A 336 14.64 32.26 -19.83
C ILE A 336 14.32 33.45 -18.94
N VAL A 337 13.23 33.33 -18.20
CA VAL A 337 12.93 34.30 -17.14
C VAL A 337 13.97 34.17 -16.04
N GLU A 338 14.44 35.32 -15.55
CA GLU A 338 15.51 35.39 -14.56
C GLU A 338 15.04 36.05 -13.28
N PRO A 339 15.66 35.72 -12.13
CA PRO A 339 16.50 34.55 -11.93
C PRO A 339 15.57 33.34 -11.86
N THR A 340 16.11 32.13 -11.75
CA THR A 340 15.26 30.95 -11.67
CA THR A 340 15.23 30.97 -11.68
C THR A 340 14.50 30.95 -10.33
N GLY A 341 13.21 30.68 -10.39
CA GLY A 341 12.38 30.61 -9.21
C GLY A 341 12.47 29.25 -8.54
N GLY A 342 11.55 29.01 -7.62
CA GLY A 342 11.64 27.83 -6.79
C GLY A 342 11.19 26.53 -7.45
N HIS A 343 10.34 26.60 -8.48
CA HIS A 343 9.60 25.42 -8.90
C HIS A 343 9.61 25.18 -10.40
N ALA A 344 10.17 26.09 -11.21
CA ALA A 344 10.00 26.02 -12.65
C ALA A 344 11.07 26.87 -13.32
N VAL A 345 11.31 26.58 -14.59
CA VAL A 345 12.04 27.46 -15.49
C VAL A 345 11.07 27.87 -16.58
N PHE A 346 11.01 29.17 -16.86
CA PHE A 346 10.12 29.70 -17.88
C PHE A 346 10.95 30.06 -19.11
N LEU A 347 10.70 29.39 -20.23
CA LEU A 347 11.34 29.75 -21.49
C LEU A 347 10.60 30.91 -22.14
N ASP A 348 11.35 31.86 -22.70
CA ASP A 348 10.75 32.94 -23.48
C ASP A 348 10.67 32.45 -24.92
N ALA A 349 9.50 31.95 -25.33
CA ALA A 349 9.37 31.36 -26.65
C ALA A 349 9.36 32.41 -27.75
N ARG A 350 8.98 33.64 -27.43
CA ARG A 350 9.05 34.71 -28.43
C ARG A 350 10.50 34.92 -28.87
N ARG A 351 11.41 35.04 -27.91
CA ARG A 351 12.82 35.19 -28.25
C ARG A 351 13.43 33.88 -28.74
N PHE A 352 12.92 32.74 -28.26
CA PHE A 352 13.41 31.45 -28.74
C PHE A 352 13.13 31.27 -30.22
N CYS A 353 12.01 31.80 -30.71
CA CYS A 353 11.54 31.59 -32.08
C CYS A 353 11.31 32.93 -32.77
N PRO A 354 12.37 33.70 -33.02
CA PRO A 354 12.19 35.03 -33.60
C PRO A 354 11.67 35.01 -35.03
N HIS A 355 11.73 33.87 -35.71
CA HIS A 355 11.21 33.72 -37.05
C HIS A 355 9.70 33.53 -37.08
N LEU A 356 9.06 33.28 -35.94
CA LEU A 356 7.62 33.09 -35.87
C LEU A 356 6.97 34.37 -35.36
N THR A 357 5.83 34.72 -35.94
CA THR A 357 5.00 35.78 -35.39
C THR A 357 4.16 35.21 -34.25
N GLN A 358 3.61 36.10 -33.41
CA GLN A 358 2.89 35.62 -32.24
CA GLN A 358 2.88 35.63 -32.24
C GLN A 358 1.62 34.86 -32.63
N ASP A 359 0.97 35.24 -33.73
CA ASP A 359 -0.18 34.50 -34.20
CA ASP A 359 -0.18 34.51 -34.22
C ASP A 359 0.19 33.16 -34.84
N GLN A 360 1.47 32.79 -34.84
CA GLN A 360 1.92 31.46 -35.21
C GLN A 360 2.28 30.63 -33.98
N PHE A 361 2.01 31.17 -32.79
CA PHE A 361 1.99 30.45 -31.52
C PHE A 361 3.38 29.92 -31.17
N PRO A 362 4.34 30.81 -30.92
CA PRO A 362 5.70 30.33 -30.58
C PRO A 362 5.76 29.40 -29.39
N ALA A 363 5.05 29.73 -28.31
CA ALA A 363 5.10 28.87 -27.13
C ALA A 363 4.45 27.52 -27.39
N GLN A 364 3.29 27.50 -28.05
CA GLN A 364 2.67 26.22 -28.35
C GLN A 364 3.56 25.37 -29.24
N SER A 365 4.20 26.00 -30.23
CA SER A 365 5.08 25.30 -31.16
C SER A 365 6.31 24.76 -30.44
N LEU A 366 6.92 25.59 -29.60
CA LEU A 366 8.11 25.17 -28.86
C LEU A 366 7.79 24.00 -27.92
N ALA A 367 6.65 24.06 -27.22
CA ALA A 367 6.26 22.96 -26.36
C ALA A 367 6.09 21.67 -27.16
N ALA A 368 5.44 21.76 -28.32
CA ALA A 368 5.28 20.58 -29.16
C ALA A 368 6.64 20.03 -29.60
N SER A 369 7.53 20.93 -30.02
CA SER A 369 8.86 20.52 -30.46
C SER A 369 9.65 19.87 -29.34
N ILE A 370 9.57 20.43 -28.12
CA ILE A 370 10.27 19.82 -27.00
C ILE A 370 9.82 18.39 -26.79
N TYR A 371 8.51 18.15 -26.82
CA TYR A 371 8.03 16.79 -26.63
C TYR A 371 8.54 15.87 -27.75
N MET A 372 8.44 16.31 -28.99
CA MET A 372 8.86 15.44 -30.09
C MET A 372 10.33 15.09 -29.99
N GLU A 373 11.15 16.03 -29.52
CA GLU A 373 12.58 15.76 -29.50
CA GLU A 373 12.60 15.86 -29.43
C GLU A 373 13.03 14.97 -28.27
N THR A 374 12.27 14.97 -27.17
CA THR A 374 12.75 14.38 -25.92
C THR A 374 11.77 13.51 -25.15
N GLY A 375 10.46 13.60 -25.39
CA GLY A 375 9.49 12.99 -24.49
C GLY A 375 9.20 13.80 -23.26
N VAL A 376 9.64 15.06 -23.21
CA VAL A 376 9.36 15.97 -22.12
C VAL A 376 8.11 16.76 -22.45
N ARG A 377 7.14 16.77 -21.53
CA ARG A 377 5.97 17.63 -21.66
C ARG A 377 6.17 18.92 -20.86
N SER A 378 5.85 20.04 -21.50
CA SER A 378 5.89 21.37 -20.89
C SER A 378 4.57 22.05 -21.20
N MET A 379 4.29 23.15 -20.51
CA MET A 379 3.00 23.84 -20.63
C MET A 379 3.12 25.12 -21.44
N GLU A 380 2.23 25.30 -22.42
CA GLU A 380 2.08 26.58 -23.07
C GLU A 380 1.47 27.58 -22.08
N ARG A 381 2.15 28.72 -21.91
CA ARG A 381 1.66 29.81 -21.09
C ARG A 381 1.89 31.10 -21.88
N GLY A 382 1.20 31.19 -23.01
CA GLY A 382 1.37 32.31 -23.91
C GLY A 382 0.06 32.71 -24.55
N ILE A 383 0.14 33.06 -25.83
CA ILE A 383 -1.02 33.61 -26.54
C ILE A 383 -2.20 32.62 -26.56
N VAL A 384 -1.92 31.32 -26.69
CA VAL A 384 -3.04 30.38 -26.73
C VAL A 384 -3.77 30.35 -25.39
N SER A 385 -3.02 30.23 -24.29
CA SER A 385 -3.64 30.25 -22.97
C SER A 385 -4.30 31.59 -22.65
N ALA A 386 -3.83 32.67 -23.28
CA ALA A 386 -4.40 33.99 -23.01
C ALA A 386 -5.81 34.15 -23.57
N GLY A 387 -6.19 33.32 -24.53
CA GLY A 387 -7.53 33.32 -25.07
C GLY A 387 -7.76 34.35 -26.15
N ARG A 388 -8.93 34.26 -26.76
CA ARG A 388 -9.35 35.19 -27.79
C ARG A 388 -10.33 36.18 -27.18
N SER A 389 -10.19 37.45 -27.55
CA SER A 389 -10.99 38.50 -26.95
C SER A 389 -12.46 38.36 -27.37
N LYS A 390 -13.35 38.28 -26.38
CA LYS A 390 -14.77 38.14 -26.66
C LYS A 390 -15.37 39.37 -27.32
N GLU A 391 -14.72 40.53 -27.20
CA GLU A 391 -15.20 41.76 -27.79
C GLU A 391 -14.79 41.93 -29.24
N THR A 392 -13.49 41.74 -29.54
CA THR A 392 -12.98 41.99 -30.89
C THR A 392 -12.75 40.74 -31.70
N GLY A 393 -12.71 39.56 -31.09
CA GLY A 393 -12.39 38.34 -31.80
C GLY A 393 -10.92 38.17 -32.11
N GLU A 394 -10.07 39.09 -31.70
CA GLU A 394 -8.63 38.97 -31.87
C GLU A 394 -8.04 38.25 -30.67
N ASN A 395 -6.91 37.59 -30.90
CA ASN A 395 -6.18 36.97 -29.80
C ASN A 395 -5.71 38.05 -28.83
N HIS A 396 -5.84 37.75 -27.54
CA HIS A 396 -5.16 38.56 -26.54
C HIS A 396 -3.66 38.39 -26.70
N ARG A 397 -2.92 39.48 -26.61
CA ARG A 397 -1.48 39.48 -26.84
C ARG A 397 -0.76 39.64 -25.51
N PRO A 398 -0.43 38.55 -24.82
CA PRO A 398 0.19 38.68 -23.50
C PRO A 398 1.63 39.16 -23.64
N LYS A 399 2.11 39.82 -22.58
CA LYS A 399 3.51 40.24 -22.57
C LYS A 399 4.45 39.04 -22.51
N LEU A 400 4.05 37.97 -21.83
CA LEU A 400 4.88 36.79 -21.69
C LEU A 400 4.38 35.69 -22.62
N GLU A 401 5.22 35.30 -23.58
CA GLU A 401 4.97 34.17 -24.46
C GLU A 401 5.90 33.07 -23.95
N THR A 402 5.41 32.27 -23.00
CA THR A 402 6.31 31.39 -22.30
CA THR A 402 6.22 31.40 -22.15
C THR A 402 5.93 29.92 -22.42
N VAL A 403 6.96 29.09 -22.31
CA VAL A 403 6.82 27.65 -22.15
C VAL A 403 7.31 27.34 -20.74
N ARG A 404 6.47 26.70 -19.94
CA ARG A 404 6.77 26.46 -18.53
C ARG A 404 7.30 25.05 -18.35
N LEU A 405 8.52 24.95 -17.81
CA LEU A 405 9.13 23.69 -17.41
C LEU A 405 8.93 23.60 -15.90
N THR A 406 7.89 22.90 -15.46
CA THR A 406 7.45 22.91 -14.07
C THR A 406 7.90 21.60 -13.41
N ILE A 407 8.63 21.70 -12.30
CA ILE A 407 9.38 20.55 -11.79
C ILE A 407 8.65 19.98 -10.58
N PRO A 408 8.06 18.78 -10.69
CA PRO A 408 7.52 18.12 -9.49
C PRO A 408 8.60 17.86 -8.46
N ARG A 409 8.20 17.78 -7.19
CA ARG A 409 9.16 17.55 -6.12
C ARG A 409 9.47 16.07 -5.95
N ARG A 410 10.76 15.74 -5.96
CA ARG A 410 11.30 14.42 -5.62
C ARG A 410 11.01 13.36 -6.69
N VAL A 411 10.71 13.76 -7.92
CA VAL A 411 10.33 12.84 -8.98
C VAL A 411 11.47 12.58 -9.96
N TYR A 412 12.26 13.60 -10.26
CA TYR A 412 13.25 13.53 -11.31
C TYR A 412 14.65 13.75 -10.75
N THR A 413 15.65 13.43 -11.58
CA THR A 413 17.06 13.54 -11.23
C THR A 413 17.74 14.61 -12.06
N TYR A 414 19.02 14.88 -11.75
CA TYR A 414 19.79 15.77 -12.60
C TYR A 414 19.95 15.22 -14.00
N ALA A 415 19.99 13.88 -14.14
CA ALA A 415 20.09 13.30 -15.48
C ALA A 415 18.82 13.57 -16.28
N HIS A 416 17.65 13.54 -15.62
CA HIS A 416 16.44 13.98 -16.30
C HIS A 416 16.51 15.45 -16.66
N MET A 417 17.06 16.29 -15.77
CA MET A 417 17.22 17.69 -16.13
C MET A 417 18.11 17.84 -17.35
N ASP A 418 19.13 16.98 -17.48
CA ASP A 418 19.99 17.02 -18.66
C ASP A 418 19.23 16.62 -19.92
N VAL A 419 18.33 15.62 -19.83
CA VAL A 419 17.52 15.29 -21.00
C VAL A 419 16.75 16.51 -21.47
N VAL A 420 16.12 17.20 -20.52
CA VAL A 420 15.35 18.41 -20.82
C VAL A 420 16.26 19.46 -21.43
N ALA A 421 17.34 19.81 -20.74
CA ALA A 421 18.20 20.90 -21.19
C ALA A 421 18.85 20.56 -22.52
N ASP A 422 19.36 19.34 -22.68
CA ASP A 422 20.04 18.99 -23.93
C ASP A 422 19.10 19.10 -25.11
N GLY A 423 17.85 18.66 -24.95
CA GLY A 423 16.93 18.72 -26.06
C GLY A 423 16.52 20.15 -26.40
N ILE A 424 16.31 20.98 -25.38
CA ILE A 424 16.00 22.39 -25.61
C ILE A 424 17.17 23.10 -26.26
N ILE A 425 18.39 22.82 -25.80
CA ILE A 425 19.57 23.45 -26.39
C ILE A 425 19.72 23.05 -27.86
N LYS A 426 19.52 21.78 -28.17
CA LYS A 426 19.57 21.36 -29.58
C LYS A 426 18.54 22.09 -30.41
N LEU A 427 17.31 22.25 -29.88
CA LEU A 427 16.29 23.01 -30.59
C LEU A 427 16.72 24.47 -30.76
N TYR A 428 17.28 25.07 -29.71
CA TYR A 428 17.67 26.48 -29.80
C TYR A 428 18.78 26.68 -30.83
N GLN A 429 19.72 25.74 -30.90
CA GLN A 429 20.81 25.85 -31.86
C GLN A 429 20.34 25.76 -33.30
N HIS A 430 19.15 25.20 -33.53
CA HIS A 430 18.53 25.14 -34.85
C HIS A 430 17.14 25.74 -34.80
N LYS A 431 16.99 26.85 -34.08
CA LYS A 431 15.67 27.39 -33.77
C LYS A 431 14.88 27.71 -35.03
N GLU A 432 15.57 28.14 -36.10
CA GLU A 432 14.89 28.53 -37.32
C GLU A 432 14.15 27.37 -37.96
N ASP A 433 14.46 26.13 -37.60
CA ASP A 433 13.77 24.96 -38.14
C ASP A 433 12.50 24.61 -37.37
N ILE A 434 12.22 25.27 -36.25
CA ILE A 434 10.99 25.01 -35.52
C ILE A 434 9.83 25.59 -36.31
N ARG A 435 8.88 24.74 -36.67
CA ARG A 435 7.73 25.19 -37.44
CA ARG A 435 7.74 25.21 -37.45
C ARG A 435 6.68 25.79 -36.52
N GLY A 436 6.03 26.86 -36.98
CA GLY A 436 4.91 27.42 -36.25
C GLY A 436 3.66 26.57 -36.40
N LEU A 437 2.59 27.04 -35.78
CA LEU A 437 1.33 26.31 -35.73
C LEU A 437 0.18 27.21 -36.14
N THR A 438 -0.92 26.57 -36.54
CA THR A 438 -2.18 27.23 -36.85
C THR A 438 -3.33 26.38 -36.30
N PHE A 439 -4.39 27.02 -35.83
CA PHE A 439 -5.52 26.28 -35.28
C PHE A 439 -6.20 25.44 -36.36
N VAL A 440 -6.48 24.18 -36.03
CA VAL A 440 -7.45 23.40 -36.80
C VAL A 440 -8.68 23.04 -35.98
N TYR A 441 -8.64 23.24 -34.67
CA TYR A 441 -9.84 23.14 -33.83
C TYR A 441 -9.64 24.08 -32.66
N GLU A 442 -10.60 24.97 -32.47
CA GLU A 442 -10.49 25.96 -31.41
C GLU A 442 -11.82 26.09 -30.68
N PRO A 443 -11.93 25.59 -29.45
CA PRO A 443 -13.17 25.77 -28.70
C PRO A 443 -13.31 27.21 -28.26
N LYS A 444 -14.56 27.58 -27.91
CA LYS A 444 -14.83 28.96 -27.50
C LYS A 444 -14.21 29.29 -26.15
N GLN A 445 -14.06 28.30 -25.27
CA GLN A 445 -13.51 28.54 -23.95
C GLN A 445 -12.52 27.44 -23.61
N LEU A 446 -11.66 27.73 -22.62
CA LEU A 446 -10.66 26.78 -22.16
C LEU A 446 -9.85 26.24 -23.35
N ARG A 447 -9.49 27.12 -24.29
CA ARG A 447 -8.96 26.62 -25.55
C ARG A 447 -7.61 25.94 -25.37
N PHE A 448 -6.82 26.33 -24.36
CA PHE A 448 -5.52 25.70 -24.14
C PHE A 448 -5.66 24.21 -23.85
N PHE A 449 -6.79 23.79 -23.28
CA PHE A 449 -6.96 22.42 -22.82
C PHE A 449 -7.20 21.45 -23.96
N THR A 450 -7.92 21.88 -25.02
CA THR A 450 -8.33 20.96 -26.08
C THR A 450 -8.12 21.47 -27.51
N ALA A 451 -7.57 22.67 -27.71
CA ALA A 451 -7.34 23.13 -29.08
C ALA A 451 -6.40 22.19 -29.82
N ARG A 452 -6.58 22.12 -31.14
CA ARG A 452 -5.71 21.31 -31.99
C ARG A 452 -5.16 22.18 -33.11
N PHE A 453 -3.97 21.81 -33.57
CA PHE A 453 -3.19 22.63 -34.49
C PHE A 453 -2.61 21.75 -35.59
N ASP A 454 -2.17 22.41 -36.66
CA ASP A 454 -1.27 21.81 -37.63
C ASP A 454 -0.14 22.79 -37.88
N PHE A 455 0.97 22.28 -38.45
CA PHE A 455 2.15 23.11 -38.62
C PHE A 455 2.01 24.02 -39.84
N ILE A 456 2.80 25.09 -39.82
CA ILE A 456 2.91 25.99 -40.97
CA ILE A 456 2.92 26.00 -40.96
C ILE A 456 4.39 26.28 -41.23
N MET B 1 24.20 6.42 -25.52
CA MET B 1 25.19 7.30 -24.91
C MET B 1 25.93 6.61 -23.76
N ASN B 2 27.01 7.25 -23.30
CA ASN B 2 27.82 6.66 -22.25
C ASN B 2 27.00 6.46 -20.98
N TYR B 3 26.22 7.47 -20.60
CA TYR B 3 25.52 7.49 -19.32
C TYR B 3 24.09 7.97 -19.54
N PRO B 4 23.20 7.07 -19.90
CA PRO B 4 21.80 7.45 -20.12
C PRO B 4 21.11 7.84 -18.82
N ALA B 5 20.10 8.70 -18.95
CA ALA B 5 19.30 9.05 -17.79
C ALA B 5 18.47 7.86 -17.33
N GLU B 6 17.96 7.94 -16.11
CA GLU B 6 17.12 6.86 -15.60
C GLU B 6 15.88 6.69 -16.47
N PRO B 7 15.59 5.48 -16.96
CA PRO B 7 14.41 5.28 -17.81
C PRO B 7 13.17 5.00 -16.98
N PHE B 8 12.97 5.79 -15.93
CA PHE B 8 11.87 5.64 -14.98
C PHE B 8 11.82 6.95 -14.20
N ARG B 9 10.70 7.17 -13.52
CA ARG B 9 10.54 8.28 -12.61
C ARG B 9 10.58 7.76 -11.18
N ILE B 10 10.87 8.65 -10.23
CA ILE B 10 10.74 8.30 -8.83
C ILE B 10 9.26 8.35 -8.47
N LYS B 11 8.73 7.24 -7.95
CA LYS B 11 7.36 7.19 -7.45
C LYS B 11 7.31 7.50 -5.96
N SER B 12 8.23 6.95 -5.18
CA SER B 12 8.31 7.27 -3.75
C SER B 12 9.76 7.28 -3.33
N VAL B 13 10.05 8.01 -2.27
CA VAL B 13 11.41 8.15 -1.75
C VAL B 13 11.55 7.48 -0.39
N GLU B 14 12.78 7.07 -0.09
CA GLU B 14 13.14 6.61 1.23
C GLU B 14 13.87 7.74 1.94
N THR B 15 13.33 8.15 3.08
CA THR B 15 13.89 9.24 3.88
C THR B 15 15.30 8.91 4.33
N VAL B 16 16.17 9.95 4.36
CA VAL B 16 17.54 9.85 4.89
C VAL B 16 17.78 10.96 5.90
N SER B 17 18.34 10.60 7.05
CA SER B 17 18.83 11.59 7.99
C SER B 17 20.24 11.99 7.56
N MET B 18 20.42 13.26 7.21
CA MET B 18 21.68 13.71 6.62
C MET B 18 22.67 14.08 7.73
N ILE B 19 23.20 13.02 8.37
CA ILE B 19 24.03 13.24 9.57
C ILE B 19 25.41 13.74 9.19
N SER B 20 26.10 14.30 10.17
CA SER B 20 27.37 14.97 9.99
C SER B 20 28.55 14.00 10.14
N ARG B 21 29.73 14.48 9.74
CA ARG B 21 30.95 13.70 9.88
C ARG B 21 31.20 13.29 11.33
N ASP B 22 31.04 14.22 12.28
CA ASP B 22 31.25 13.86 13.68
C ASP B 22 30.36 12.71 14.10
N GLU B 23 29.10 12.74 13.68
CA GLU B 23 28.19 11.67 14.03
C GLU B 23 28.61 10.35 13.39
N ARG B 24 29.03 10.40 12.13
CA ARG B 24 29.47 9.17 11.45
C ARG B 24 30.71 8.61 12.12
N VAL B 25 31.63 9.47 12.53
CA VAL B 25 32.81 8.98 13.23
C VAL B 25 32.41 8.26 14.51
N LYS B 26 31.47 8.84 15.25
CA LYS B 26 31.00 8.17 16.48
C LYS B 26 30.33 6.85 16.17
N LYS B 27 29.44 6.83 15.17
CA LYS B 27 28.77 5.59 14.81
C LYS B 27 29.77 4.53 14.36
N MET B 28 30.81 4.94 13.61
CA MET B 28 31.79 3.99 13.15
C MET B 28 32.58 3.40 14.31
N GLN B 29 32.94 4.23 15.29
CA GLN B 29 33.60 3.74 16.50
C GLN B 29 32.70 2.77 17.26
N GLU B 30 31.40 3.10 17.36
CA GLU B 30 30.47 2.22 18.07
C GLU B 30 30.30 0.89 17.34
N ALA B 31 30.48 0.89 16.03
CA ALA B 31 30.46 -0.32 15.23
C ALA B 31 31.82 -1.02 15.18
N GLY B 32 32.76 -0.60 16.03
CA GLY B 32 34.07 -1.23 16.04
C GLY B 32 34.82 -1.16 14.72
N TYR B 33 34.58 -0.11 13.92
CA TYR B 33 35.20 0.07 12.63
C TYR B 33 34.86 -1.03 11.63
N ASN B 34 33.75 -1.74 11.86
CA ASN B 34 33.27 -2.79 10.96
C ASN B 34 31.98 -2.30 10.33
N THR B 35 32.02 -2.01 9.01
CA THR B 35 30.81 -1.48 8.37
C THR B 35 29.63 -2.44 8.45
N PHE B 36 29.87 -3.75 8.61
CA PHE B 36 28.75 -4.68 8.77
C PHE B 36 27.94 -4.42 10.03
N LEU B 37 28.53 -3.74 11.02
CA LEU B 37 27.85 -3.46 12.28
C LEU B 37 27.12 -2.11 12.29
N LEU B 38 27.23 -1.32 11.23
CA LEU B 38 26.51 -0.05 11.18
C LEU B 38 25.01 -0.28 11.05
N ASN B 39 24.24 0.63 11.68
CA ASN B 39 22.80 0.63 11.53
C ASN B 39 22.41 1.26 10.19
N SER B 40 21.45 0.65 9.52
CA SER B 40 20.96 1.18 8.24
C SER B 40 20.56 2.65 8.35
N LYS B 41 19.91 3.04 9.45
CA LYS B 41 19.43 4.42 9.55
C LYS B 41 20.56 5.44 9.60
N ASP B 42 21.79 5.01 9.89
CA ASP B 42 22.94 5.91 9.94
C ASP B 42 23.71 5.98 8.62
N ILE B 43 23.17 5.41 7.56
CA ILE B 43 23.85 5.29 6.28
C ILE B 43 23.07 6.07 5.22
N TYR B 44 23.78 6.90 4.46
CA TYR B 44 23.17 7.67 3.38
C TYR B 44 23.05 6.81 2.11
N ILE B 45 24.15 6.22 1.69
CA ILE B 45 24.21 5.45 0.46
C ILE B 45 24.77 4.09 0.83
N ASP B 46 23.93 3.05 0.82
CA ASP B 46 24.31 1.76 1.36
C ASP B 46 24.66 0.83 0.20
N LEU B 47 25.96 0.65 -0.04
CA LEU B 47 26.49 -0.17 -1.11
C LEU B 47 27.04 -1.48 -0.58
N LEU B 48 26.52 -1.93 0.56
CA LEU B 48 26.95 -3.21 1.11
C LEU B 48 26.66 -4.35 0.14
N THR B 49 25.49 -4.32 -0.50
CA THR B 49 25.10 -5.41 -1.39
C THR B 49 24.01 -4.96 -2.36
N ASP B 50 23.98 -5.60 -3.52
CA ASP B 50 22.87 -5.48 -4.45
C ASP B 50 21.80 -6.54 -4.23
N SER B 51 21.90 -7.33 -3.16
CA SER B 51 20.96 -8.41 -2.91
C SER B 51 19.78 -7.94 -2.09
N GLY B 52 18.60 -7.92 -2.70
CA GLY B 52 17.36 -7.66 -1.97
C GLY B 52 17.15 -6.21 -1.62
N THR B 53 18.01 -5.32 -2.10
CA THR B 53 17.98 -3.90 -1.79
C THR B 53 17.35 -3.08 -2.92
N ASN B 54 16.78 -3.73 -3.92
CA ASN B 54 16.26 -3.07 -5.10
C ASN B 54 14.99 -2.27 -4.80
N ALA B 55 14.79 -1.21 -5.59
CA ALA B 55 13.54 -0.46 -5.56
C ALA B 55 12.54 -1.12 -6.50
N MET B 56 11.37 -1.44 -5.98
CA MET B 56 10.31 -2.00 -6.81
C MET B 56 9.55 -0.89 -7.53
N SER B 57 8.76 -1.28 -8.53
CA SER B 57 7.92 -0.31 -9.25
C SER B 57 6.54 -0.18 -8.59
N ASP B 58 5.83 0.86 -9.04
CA ASP B 58 4.42 1.00 -8.70
C ASP B 58 3.63 -0.24 -9.07
N LYS B 59 3.93 -0.84 -10.23
CA LYS B 59 3.23 -2.05 -10.66
C LYS B 59 3.51 -3.23 -9.73
N GLN B 60 4.76 -3.36 -9.28
CA GLN B 60 5.07 -4.39 -8.30
C GLN B 60 4.32 -4.15 -6.98
N TRP B 61 4.27 -2.90 -6.52
CA TRP B 61 3.54 -2.58 -5.30
C TRP B 61 2.04 -2.82 -5.45
N ALA B 62 1.48 -2.60 -6.64
CA ALA B 62 0.08 -3.00 -6.87
C ALA B 62 -0.06 -4.51 -6.69
N GLY B 63 0.90 -5.28 -7.24
CA GLY B 63 0.86 -6.72 -7.05
C GLY B 63 0.97 -7.10 -5.59
N MET B 64 1.72 -6.31 -4.80
CA MET B 64 1.84 -6.57 -3.37
C MET B 64 0.51 -6.45 -2.63
N MET B 65 -0.46 -5.74 -3.19
CA MET B 65 -1.77 -5.55 -2.58
CA MET B 65 -1.75 -5.58 -2.53
C MET B 65 -2.74 -6.67 -2.90
N ILE B 66 -2.43 -7.52 -3.87
CA ILE B 66 -3.33 -8.60 -4.26
C ILE B 66 -2.63 -9.94 -4.02
N GLY B 67 -1.89 -10.04 -2.93
CA GLY B 67 -1.40 -11.32 -2.50
C GLY B 67 -2.55 -12.25 -2.20
N ASP B 68 -2.54 -13.40 -2.85
CA ASP B 68 -3.49 -14.49 -2.65
C ASP B 68 -2.74 -15.45 -1.76
N GLU B 69 -3.05 -15.42 -0.47
CA GLU B 69 -2.22 -16.06 0.53
C GLU B 69 -2.61 -17.51 0.77
N ALA B 70 -3.35 -18.10 -0.15
CA ALA B 70 -3.76 -19.49 -0.03
C ALA B 70 -2.56 -20.42 -0.05
N TYR B 71 -2.68 -21.50 0.72
CA TYR B 71 -1.60 -22.47 0.87
C TYR B 71 -1.35 -23.23 -0.43
N ALA B 72 -2.39 -23.43 -1.22
CA ALA B 72 -2.31 -24.11 -2.51
C ALA B 72 -3.26 -23.39 -3.47
N GLY B 73 -2.88 -23.36 -4.74
CA GLY B 73 -3.74 -22.76 -5.75
C GLY B 73 -3.74 -21.25 -5.79
N SER B 74 -2.73 -20.60 -5.23
CA SER B 74 -2.66 -19.14 -5.28
C SER B 74 -2.52 -18.63 -6.70
N GLU B 75 -3.31 -17.61 -7.04
CA GLU B 75 -3.16 -16.92 -8.32
C GLU B 75 -1.74 -16.41 -8.53
N ASN B 76 -1.06 -16.00 -7.46
CA ASN B 76 0.28 -15.45 -7.62
C ASN B 76 1.27 -16.52 -8.05
N PHE B 77 1.09 -17.74 -7.54
CA PHE B 77 1.94 -18.82 -8.01
C PHE B 77 1.76 -19.04 -9.49
N TYR B 78 0.52 -19.08 -9.96
CA TYR B 78 0.28 -19.31 -11.38
C TYR B 78 0.91 -18.21 -12.22
N HIS B 79 0.86 -16.96 -11.74
CA HIS B 79 1.49 -15.87 -12.47
C HIS B 79 3.00 -16.05 -12.55
N LEU B 80 3.63 -16.37 -11.42
CA LEU B 80 5.08 -16.58 -11.41
C LEU B 80 5.47 -17.74 -12.31
N GLU B 81 4.74 -18.85 -12.23
CA GLU B 81 5.04 -20.02 -13.05
C GLU B 81 4.94 -19.67 -14.54
N LYS B 82 3.86 -19.00 -14.93
CA LYS B 82 3.69 -18.63 -16.33
C LYS B 82 4.80 -17.70 -16.81
N THR B 83 5.15 -16.70 -16.00
CA THR B 83 6.18 -15.75 -16.40
C THR B 83 7.54 -16.43 -16.54
N VAL B 84 7.91 -17.25 -15.56
CA VAL B 84 9.24 -17.86 -15.62
C VAL B 84 9.34 -18.85 -16.77
N LYS B 85 8.28 -19.62 -17.02
CA LYS B 85 8.32 -20.52 -18.16
C LYS B 85 8.46 -19.77 -19.47
N GLU B 86 7.74 -18.65 -19.60
CA GLU B 86 7.84 -17.85 -20.83
C GLU B 86 9.24 -17.28 -21.01
N LEU B 87 9.80 -16.69 -19.96
CA LEU B 87 11.04 -15.93 -20.12
C LEU B 87 12.28 -16.81 -20.05
N PHE B 88 12.30 -17.83 -19.21
CA PHE B 88 13.48 -18.69 -19.09
C PHE B 88 13.37 -19.98 -19.89
N GLY B 89 12.15 -20.43 -20.22
CA GLY B 89 11.95 -21.56 -21.10
C GLY B 89 11.97 -22.93 -20.43
N PHE B 90 12.18 -23.02 -19.13
CA PHE B 90 12.22 -24.32 -18.48
C PHE B 90 10.81 -24.86 -18.25
N LYS B 91 10.72 -26.19 -18.14
CA LYS B 91 9.40 -26.80 -18.04
C LYS B 91 8.75 -26.62 -16.67
N HIS B 92 9.54 -26.58 -15.60
CA HIS B 92 9.00 -26.66 -14.24
C HIS B 92 9.70 -25.67 -13.32
N ILE B 93 8.98 -25.24 -12.29
CA ILE B 93 9.48 -24.29 -11.31
C ILE B 93 9.11 -24.75 -9.91
N VAL B 94 10.03 -24.56 -8.98
CA VAL B 94 9.75 -24.67 -7.56
C VAL B 94 10.17 -23.36 -6.90
N PRO B 95 9.25 -22.57 -6.39
CA PRO B 95 9.64 -21.33 -5.72
C PRO B 95 10.40 -21.62 -4.43
N THR B 96 11.31 -20.71 -4.09
CA THR B 96 12.07 -20.79 -2.85
C THR B 96 12.14 -19.38 -2.26
N HIS B 97 12.48 -19.29 -0.98
CA HIS B 97 12.45 -17.97 -0.36
C HIS B 97 13.54 -17.06 -0.90
N GLN B 98 14.68 -17.63 -1.30
CA GLN B 98 15.71 -16.91 -2.06
C GLN B 98 16.63 -17.94 -2.71
N GLY B 99 17.72 -17.48 -3.30
CA GLY B 99 18.52 -18.35 -4.15
C GLY B 99 19.14 -19.53 -3.42
N ARG B 100 19.66 -19.29 -2.21
CA ARG B 100 20.33 -20.37 -1.49
C ARG B 100 19.36 -21.49 -1.09
N GLY B 101 18.07 -21.19 -0.99
CA GLY B 101 17.10 -22.26 -0.80
C GLY B 101 16.98 -23.15 -2.03
N ALA B 102 17.04 -22.55 -3.21
CA ALA B 102 17.05 -23.32 -4.45
C ALA B 102 18.33 -24.13 -4.59
N GLU B 103 19.46 -23.57 -4.16
CA GLU B 103 20.74 -24.30 -4.18
C GLU B 103 20.70 -25.53 -3.28
N ASN B 104 20.12 -25.38 -2.07
CA ASN B 104 19.96 -26.51 -1.18
C ASN B 104 19.21 -27.64 -1.87
N LEU B 105 18.13 -27.30 -2.57
CA LEU B 105 17.35 -28.33 -3.27
C LEU B 105 18.16 -28.96 -4.39
N LEU B 106 18.73 -28.13 -5.28
CA LEU B 106 19.45 -28.67 -6.43
C LEU B 106 20.58 -29.59 -6.00
N SER B 107 21.37 -29.18 -5.01
CA SER B 107 22.54 -29.98 -4.63
C SER B 107 22.14 -31.27 -3.94
N GLN B 108 21.01 -31.28 -3.20
CA GLN B 108 20.54 -32.53 -2.65
C GLN B 108 20.02 -33.47 -3.73
N LEU B 109 19.47 -32.92 -4.80
CA LEU B 109 18.86 -33.74 -5.85
C LEU B 109 19.86 -34.26 -6.85
N ALA B 110 20.91 -33.50 -7.15
CA ALA B 110 21.74 -33.75 -8.33
C ALA B 110 23.15 -34.25 -8.03
N ILE B 111 23.51 -34.43 -6.76
CA ILE B 111 24.87 -34.78 -6.38
C ILE B 111 24.84 -36.06 -5.56
N LYS B 112 25.68 -37.01 -5.92
CA LYS B 112 25.94 -38.11 -5.01
C LYS B 112 27.39 -38.03 -4.52
N PRO B 113 27.68 -38.55 -3.33
CA PRO B 113 29.03 -38.40 -2.77
C PRO B 113 30.11 -38.88 -3.73
N GLY B 114 31.24 -38.15 -3.74
CA GLY B 114 32.36 -38.47 -4.58
C GLY B 114 32.34 -37.81 -5.95
N GLN B 115 31.22 -37.21 -6.35
CA GLN B 115 31.14 -36.61 -7.67
C GLN B 115 31.78 -35.22 -7.68
N TYR B 116 31.94 -34.68 -8.89
CA TYR B 116 32.52 -33.38 -9.09
C TYR B 116 31.48 -32.42 -9.66
N VAL B 117 31.56 -31.16 -9.23
CA VAL B 117 30.81 -30.08 -9.84
C VAL B 117 31.84 -29.11 -10.41
N ALA B 118 31.75 -28.85 -11.70
CA ALA B 118 32.67 -27.94 -12.38
C ALA B 118 31.96 -26.63 -12.63
N GLY B 119 32.61 -25.52 -12.26
CA GLY B 119 31.98 -24.23 -12.35
C GLY B 119 32.98 -23.15 -12.72
N ASN B 120 32.44 -22.04 -13.23
CA ASN B 120 33.26 -20.85 -13.50
C ASN B 120 33.35 -20.04 -12.22
N MET B 121 34.36 -20.37 -11.40
CA MET B 121 34.51 -19.84 -10.04
C MET B 121 33.33 -20.25 -9.17
N TYR B 122 33.13 -19.61 -8.03
CA TYR B 122 32.15 -20.11 -7.08
C TYR B 122 31.60 -18.96 -6.24
N PHE B 123 30.48 -19.25 -5.58
CA PHE B 123 29.87 -18.39 -4.56
C PHE B 123 29.71 -19.19 -3.28
N THR B 124 29.78 -18.50 -2.15
CA THR B 124 29.89 -19.18 -0.85
CA THR B 124 29.88 -19.17 -0.86
C THR B 124 28.74 -20.15 -0.61
N THR B 125 27.49 -19.68 -0.74
CA THR B 125 26.37 -20.59 -0.45
C THR B 125 26.28 -21.71 -1.47
N THR B 126 26.48 -21.39 -2.75
CA THR B 126 26.37 -22.38 -3.81
C THR B 126 27.38 -23.50 -3.61
N ARG B 127 28.64 -23.14 -3.33
CA ARG B 127 29.66 -24.14 -3.10
C ARG B 127 29.42 -24.90 -1.81
N PHE B 128 28.92 -24.22 -0.77
CA PHE B 128 28.61 -24.93 0.47
C PHE B 128 27.63 -26.06 0.22
N HIS B 129 26.54 -25.78 -0.50
CA HIS B 129 25.53 -26.82 -0.71
C HIS B 129 26.07 -27.95 -1.60
N GLN B 130 26.91 -27.62 -2.57
CA GLN B 130 27.55 -28.66 -3.37
C GLN B 130 28.42 -29.55 -2.51
N GLU B 131 29.29 -28.95 -1.69
CA GLU B 131 30.20 -29.73 -0.86
C GLU B 131 29.47 -30.45 0.28
N LYS B 132 28.41 -29.83 0.82
CA LYS B 132 27.64 -30.47 1.88
C LYS B 132 27.03 -31.79 1.41
N ASN B 133 26.66 -31.88 0.14
CA ASN B 133 26.05 -33.08 -0.42
C ASN B 133 27.05 -33.99 -1.12
N GLY B 134 28.34 -33.77 -0.91
CA GLY B 134 29.37 -34.71 -1.31
C GLY B 134 30.19 -34.35 -2.54
N ALA B 135 30.01 -33.17 -3.12
CA ALA B 135 30.72 -32.83 -4.34
C ALA B 135 32.09 -32.23 -4.03
N THR B 136 33.01 -32.43 -4.98
CA THR B 136 34.27 -31.70 -5.02
C THR B 136 34.16 -30.66 -6.12
N PHE B 137 34.37 -29.39 -5.76
CA PHE B 137 34.29 -28.32 -6.72
C PHE B 137 35.57 -28.23 -7.55
N VAL B 138 35.41 -27.98 -8.85
CA VAL B 138 36.52 -27.80 -9.78
C VAL B 138 36.30 -26.49 -10.53
N ASP B 139 37.26 -25.57 -10.43
CA ASP B 139 37.16 -24.29 -11.12
C ASP B 139 37.59 -24.48 -12.57
N ILE B 140 36.69 -24.18 -13.51
CA ILE B 140 36.98 -24.29 -14.93
C ILE B 140 36.91 -22.95 -15.66
N VAL B 141 36.91 -21.83 -14.93
CA VAL B 141 36.99 -20.53 -15.58
C VAL B 141 38.37 -20.37 -16.23
N ARG B 142 38.43 -19.53 -17.27
CA ARG B 142 39.72 -19.26 -17.89
CA ARG B 142 39.73 -19.25 -17.89
C ARG B 142 40.68 -18.61 -16.88
N ASP B 143 41.95 -18.99 -16.97
CA ASP B 143 42.96 -18.45 -16.05
C ASP B 143 42.98 -16.93 -16.07
N GLU B 144 42.66 -16.31 -17.23
CA GLU B 144 42.71 -14.86 -17.35
C GLU B 144 41.73 -14.18 -16.39
N ALA B 145 40.63 -14.87 -16.04
CA ALA B 145 39.63 -14.30 -15.15
C ALA B 145 40.20 -13.95 -13.78
N HIS B 146 41.29 -14.59 -13.37
CA HIS B 146 41.89 -14.32 -12.08
C HIS B 146 42.80 -13.08 -12.07
N ASP B 147 43.02 -12.43 -13.22
CA ASP B 147 43.85 -11.24 -13.31
CA ASP B 147 43.84 -11.24 -13.28
C ASP B 147 42.93 -10.01 -13.22
N ALA B 148 42.96 -9.34 -12.07
CA ALA B 148 42.07 -8.21 -11.81
C ALA B 148 42.40 -6.98 -12.65
N SER B 149 43.53 -6.93 -13.34
CA SER B 149 43.83 -5.75 -14.15
C SER B 149 43.51 -5.94 -15.63
N LEU B 150 43.14 -7.14 -16.06
CA LEU B 150 42.98 -7.43 -17.48
C LEU B 150 41.62 -6.92 -17.94
N ASN B 151 41.63 -5.93 -18.82
CA ASN B 151 40.43 -5.39 -19.44
C ASN B 151 40.07 -6.29 -20.62
N LEU B 152 39.38 -7.39 -20.30
CA LEU B 152 39.00 -8.37 -21.28
C LEU B 152 37.49 -8.57 -21.24
N PRO B 153 36.83 -8.66 -22.39
CA PRO B 153 35.39 -8.94 -22.40
C PRO B 153 35.10 -10.38 -22.03
N PHE B 154 33.91 -10.61 -21.49
CA PHE B 154 33.42 -11.95 -21.18
C PHE B 154 34.40 -12.74 -20.33
N LYS B 155 34.89 -12.10 -19.28
CA LYS B 155 35.88 -12.76 -18.43
CA LYS B 155 35.86 -12.70 -18.38
C LYS B 155 35.28 -13.89 -17.60
N GLY B 156 33.96 -14.04 -17.58
CA GLY B 156 33.38 -15.17 -16.91
C GLY B 156 33.40 -16.47 -17.67
N ASP B 157 33.89 -16.45 -18.92
CA ASP B 157 33.81 -17.62 -19.78
C ASP B 157 34.56 -18.81 -19.22
N ILE B 158 33.99 -19.99 -19.46
CA ILE B 158 34.63 -21.26 -19.10
C ILE B 158 35.73 -21.58 -20.11
N ASP B 159 36.82 -22.16 -19.60
CA ASP B 159 37.88 -22.69 -20.45
C ASP B 159 37.46 -24.10 -20.88
N LEU B 160 37.10 -24.26 -22.16
CA LEU B 160 36.63 -25.56 -22.61
C LEU B 160 37.71 -26.63 -22.49
N ASN B 161 38.99 -26.23 -22.52
CA ASN B 161 40.06 -27.20 -22.34
C ASN B 161 40.08 -27.75 -20.92
N LYS B 162 39.81 -26.91 -19.92
CA LYS B 162 39.74 -27.39 -18.55
C LYS B 162 38.57 -28.35 -18.36
N LEU B 163 37.43 -28.06 -18.99
CA LEU B 163 36.30 -28.98 -18.94
C LEU B 163 36.62 -30.30 -19.62
N ALA B 164 37.24 -30.24 -20.81
CA ALA B 164 37.62 -31.47 -21.50
C ALA B 164 38.60 -32.29 -20.66
N THR B 165 39.53 -31.61 -19.99
CA THR B 165 40.49 -32.31 -19.14
C THR B 165 39.81 -33.00 -17.97
N LEU B 166 38.85 -32.32 -17.34
CA LEU B 166 38.14 -32.93 -16.22
C LEU B 166 37.35 -34.14 -16.68
N ILE B 167 36.68 -34.06 -17.84
CA ILE B 167 35.93 -35.20 -18.37
C ILE B 167 36.87 -36.37 -18.62
N LYS B 168 38.02 -36.09 -19.25
CA LYS B 168 38.97 -37.14 -19.57
C LYS B 168 39.53 -37.79 -18.31
N GLU B 169 39.88 -36.99 -17.31
CA GLU B 169 40.58 -37.52 -16.14
C GLU B 169 39.64 -38.16 -15.14
N LYS B 170 38.39 -37.71 -15.06
CA LYS B 170 37.45 -38.20 -14.06
C LYS B 170 36.32 -39.03 -14.61
N GLY B 171 35.99 -38.90 -15.90
CA GLY B 171 34.86 -39.60 -16.46
C GLY B 171 33.58 -38.79 -16.34
N ALA B 172 32.82 -38.70 -17.43
CA ALA B 172 31.61 -37.87 -17.44
C ALA B 172 30.63 -38.32 -16.38
N GLU B 173 30.56 -39.63 -16.11
CA GLU B 173 29.60 -40.15 -15.16
C GLU B 173 29.87 -39.69 -13.73
N ASN B 174 31.08 -39.22 -13.44
CA ASN B 174 31.43 -38.75 -12.12
C ASN B 174 31.33 -37.24 -11.97
N ILE B 175 30.88 -36.55 -13.01
CA ILE B 175 30.59 -35.13 -12.95
C ILE B 175 29.09 -34.98 -12.69
N ALA B 176 28.75 -34.49 -11.48
CA ALA B 176 27.34 -34.31 -11.14
C ALA B 176 26.67 -33.32 -12.09
N TYR B 177 27.27 -32.14 -12.25
CA TYR B 177 26.79 -31.18 -13.23
C TYR B 177 27.85 -30.11 -13.42
N ILE B 178 27.68 -29.34 -14.49
CA ILE B 178 28.41 -28.11 -14.68
C ILE B 178 27.56 -26.98 -14.14
N CYS B 179 28.13 -26.18 -13.23
CA CYS B 179 27.45 -25.04 -12.62
C CYS B 179 27.99 -23.79 -13.31
N LEU B 180 27.21 -23.25 -14.24
CA LEU B 180 27.62 -22.08 -15.00
C LEU B 180 26.93 -20.87 -14.40
N ALA B 181 27.71 -19.95 -13.85
CA ALA B 181 27.19 -18.75 -13.23
C ALA B 181 27.20 -17.59 -14.20
N VAL B 182 26.11 -16.81 -14.18
CA VAL B 182 25.98 -15.59 -14.95
C VAL B 182 25.42 -14.51 -14.05
N THR B 183 26.12 -13.38 -13.91
CA THR B 183 27.52 -13.18 -14.23
C THR B 183 28.39 -13.90 -13.18
N VAL B 184 29.70 -13.70 -13.22
CA VAL B 184 30.65 -14.38 -12.33
C VAL B 184 31.05 -13.41 -11.23
N ASN B 185 30.56 -13.67 -10.02
CA ASN B 185 30.69 -12.71 -8.93
C ASN B 185 32.14 -12.55 -8.48
N LEU B 186 32.88 -13.66 -8.34
CA LEU B 186 34.21 -13.60 -7.73
C LEU B 186 35.20 -12.82 -8.59
N ALA B 187 34.96 -12.75 -9.90
CA ALA B 187 35.78 -11.95 -10.79
C ALA B 187 35.33 -10.51 -10.90
N GLY B 188 34.35 -10.11 -10.09
CA GLY B 188 33.83 -8.75 -10.12
C GLY B 188 32.52 -8.54 -10.84
N GLY B 189 31.78 -9.61 -11.14
CA GLY B 189 30.53 -9.50 -11.89
C GLY B 189 30.75 -9.60 -13.39
N GLN B 190 31.55 -10.57 -13.83
CA GLN B 190 31.96 -10.61 -15.23
C GLN B 190 31.04 -11.51 -16.05
N PRO B 191 30.68 -11.11 -17.26
CA PRO B 191 29.71 -11.87 -18.03
C PRO B 191 30.33 -13.07 -18.75
N VAL B 192 29.43 -13.95 -19.18
CA VAL B 192 29.72 -15.12 -19.99
C VAL B 192 29.07 -14.88 -21.36
N SER B 193 29.81 -15.17 -22.42
CA SER B 193 29.27 -14.96 -23.75
C SER B 193 28.30 -16.07 -24.15
N MET B 194 27.40 -15.74 -25.08
CA MET B 194 26.53 -16.76 -25.64
C MET B 194 27.32 -17.84 -26.33
N ALA B 195 28.38 -17.46 -27.04
CA ALA B 195 29.21 -18.46 -27.71
C ALA B 195 29.79 -19.45 -26.70
N ASN B 196 30.15 -18.97 -25.51
CA ASN B 196 30.71 -19.85 -24.49
C ASN B 196 29.63 -20.78 -23.90
N MET B 197 28.45 -20.24 -23.60
CA MET B 197 27.36 -21.10 -23.15
C MET B 197 27.04 -22.16 -24.19
N ARG B 198 27.03 -21.77 -25.47
CA ARG B 198 26.74 -22.70 -26.56
C ARG B 198 27.81 -23.79 -26.63
N ALA B 199 29.09 -23.41 -26.54
CA ALA B 199 30.16 -24.39 -26.62
C ALA B 199 30.17 -25.33 -25.42
N VAL B 200 29.89 -24.79 -24.23
CA VAL B 200 29.80 -25.63 -23.04
C VAL B 200 28.68 -26.65 -23.19
N HIS B 201 27.52 -26.20 -23.70
CA HIS B 201 26.41 -27.13 -23.93
C HIS B 201 26.78 -28.18 -24.97
N GLU B 202 27.50 -27.78 -26.03
CA GLU B 202 27.88 -28.73 -27.06
CA GLU B 202 27.88 -28.73 -27.06
C GLU B 202 28.76 -29.84 -26.49
N MET B 203 29.75 -29.47 -25.68
CA MET B 203 30.64 -30.46 -25.08
C MET B 203 29.90 -31.31 -24.05
N ALA B 204 29.08 -30.66 -23.20
CA ALA B 204 28.33 -31.41 -22.20
C ALA B 204 27.34 -32.36 -22.85
N SER B 205 26.71 -31.94 -23.93
CA SER B 205 25.72 -32.78 -24.61
C SER B 205 26.36 -34.02 -25.20
N THR B 206 27.61 -33.93 -25.61
CA THR B 206 28.30 -35.11 -26.15
C THR B 206 28.41 -36.21 -25.11
N TYR B 207 28.62 -35.84 -23.84
CA TYR B 207 28.82 -36.79 -22.76
C TYR B 207 27.61 -36.95 -21.85
N GLY B 208 26.51 -36.26 -22.13
CA GLY B 208 25.33 -36.38 -21.30
C GLY B 208 25.46 -35.72 -19.94
N ILE B 209 26.31 -34.72 -19.81
CA ILE B 209 26.54 -34.04 -18.54
C ILE B 209 25.50 -32.92 -18.39
N LYS B 210 24.83 -32.87 -17.24
CA LYS B 210 23.85 -31.84 -16.97
C LYS B 210 24.51 -30.49 -16.76
N ILE B 211 23.79 -29.42 -17.12
CA ILE B 211 24.23 -28.06 -16.90
C ILE B 211 23.14 -27.33 -16.12
N PHE B 212 23.51 -26.74 -15.00
CA PHE B 212 22.58 -25.91 -14.24
C PHE B 212 23.21 -24.53 -14.06
N TYR B 213 22.44 -23.49 -14.35
CA TYR B 213 22.95 -22.14 -14.22
C TYR B 213 22.71 -21.62 -12.81
N ASP B 214 23.71 -20.94 -12.26
CA ASP B 214 23.54 -20.05 -11.13
C ASP B 214 23.23 -18.69 -11.76
N ALA B 215 21.93 -18.36 -11.82
CA ALA B 215 21.43 -17.35 -12.75
C ALA B 215 21.13 -16.01 -12.11
N THR B 216 21.67 -15.73 -10.92
CA THR B 216 21.20 -14.59 -10.13
C THR B 216 21.32 -13.26 -10.89
N ARG B 217 22.32 -13.11 -11.74
CA ARG B 217 22.52 -11.87 -12.49
C ARG B 217 22.48 -12.12 -13.99
N CYS B 218 21.52 -12.95 -14.41
CA CYS B 218 21.44 -13.34 -15.81
C CYS B 218 21.01 -12.19 -16.72
N VAL B 219 20.29 -11.19 -16.19
CA VAL B 219 19.85 -10.08 -17.03
C VAL B 219 20.99 -9.10 -17.26
N GLU B 220 21.75 -8.79 -16.21
CA GLU B 220 23.01 -8.09 -16.40
C GLU B 220 23.87 -8.79 -17.45
N ASN B 221 23.95 -10.12 -17.36
CA ASN B 221 24.73 -10.87 -18.34
C ASN B 221 24.18 -10.69 -19.76
N ALA B 222 22.85 -10.76 -19.90
CA ALA B 222 22.24 -10.56 -21.21
C ALA B 222 22.56 -9.18 -21.79
N TYR B 223 22.62 -8.16 -20.92
CA TYR B 223 22.98 -6.83 -21.41
C TYR B 223 24.38 -6.83 -22.01
N PHE B 224 25.34 -7.45 -21.31
CA PHE B 224 26.70 -7.47 -21.84
C PHE B 224 26.76 -8.17 -23.19
N ILE B 225 25.96 -9.22 -23.36
CA ILE B 225 25.88 -9.90 -24.66
C ILE B 225 25.34 -8.93 -25.72
N LYS B 226 24.24 -8.25 -25.41
CA LYS B 226 23.65 -7.32 -26.37
C LYS B 226 24.63 -6.22 -26.74
N GLU B 227 25.37 -5.70 -25.76
CA GLU B 227 26.27 -4.59 -26.00
C GLU B 227 27.53 -5.03 -26.75
N GLN B 228 28.05 -6.22 -26.47
CA GLN B 228 29.43 -6.54 -26.83
C GLN B 228 29.62 -7.77 -27.68
N GLU B 229 28.65 -8.69 -27.75
CA GLU B 229 28.85 -9.91 -28.51
C GLU B 229 28.33 -9.74 -29.94
N ALA B 230 29.20 -10.01 -30.91
CA ALA B 230 28.83 -9.84 -32.30
C ALA B 230 27.58 -10.65 -32.63
N GLY B 231 26.62 -10.00 -33.29
CA GLY B 231 25.39 -10.62 -33.70
C GLY B 231 24.22 -10.37 -32.77
N TYR B 232 24.42 -9.70 -31.64
CA TYR B 232 23.36 -9.48 -30.67
C TYR B 232 22.94 -8.03 -30.52
N GLU B 233 23.52 -7.12 -31.29
CA GLU B 233 23.27 -5.68 -31.13
CA GLU B 233 23.27 -5.69 -31.09
C GLU B 233 21.78 -5.36 -31.15
N ASN B 234 21.04 -5.97 -32.06
CA ASN B 234 19.62 -5.67 -32.26
C ASN B 234 18.70 -6.68 -31.61
N VAL B 235 19.23 -7.71 -30.97
CA VAL B 235 18.40 -8.75 -30.36
C VAL B 235 17.91 -8.25 -29.00
N SER B 236 16.65 -8.54 -28.69
CA SER B 236 16.08 -8.04 -27.44
C SER B 236 16.69 -8.77 -26.23
N ILE B 237 16.72 -8.08 -25.09
CA ILE B 237 17.14 -8.71 -23.85
C ILE B 237 16.35 -9.98 -23.60
N LYS B 238 15.04 -9.93 -23.80
CA LYS B 238 14.18 -11.10 -23.63
C LYS B 238 14.66 -12.28 -24.48
N ASP B 239 14.97 -12.02 -25.75
CA ASP B 239 15.40 -13.11 -26.61
C ASP B 239 16.80 -13.61 -26.25
N ILE B 240 17.68 -12.72 -25.78
CA ILE B 240 19.00 -13.15 -25.31
C ILE B 240 18.84 -14.06 -24.10
N VAL B 241 18.03 -13.65 -23.14
CA VAL B 241 17.82 -14.45 -21.94
C VAL B 241 17.28 -15.83 -22.31
N HIS B 242 16.32 -15.87 -23.22
CA HIS B 242 15.75 -17.16 -23.62
C HIS B 242 16.80 -18.07 -24.24
N GLU B 243 17.67 -17.51 -25.12
CA GLU B 243 18.71 -18.35 -25.71
C GLU B 243 19.72 -18.80 -24.67
N MET B 244 20.10 -17.92 -23.74
CA MET B 244 21.04 -18.33 -22.69
C MET B 244 20.57 -19.60 -22.00
N PHE B 245 19.31 -19.60 -21.55
CA PHE B 245 18.81 -20.73 -20.79
C PHE B 245 18.52 -21.95 -21.65
N SER B 246 18.44 -21.80 -22.97
CA SER B 246 18.25 -22.96 -23.84
C SER B 246 19.45 -23.89 -23.79
N TYR B 247 20.59 -23.42 -23.28
CA TYR B 247 21.80 -24.22 -23.14
C TYR B 247 21.94 -24.84 -21.75
N ALA B 248 20.87 -24.85 -20.97
CA ALA B 248 20.90 -25.37 -19.61
C ALA B 248 19.75 -26.34 -19.40
N ASP B 249 19.94 -27.24 -18.42
CA ASP B 249 18.90 -28.16 -17.97
C ASP B 249 18.09 -27.61 -16.81
N GLY B 250 18.49 -26.47 -16.25
CA GLY B 250 17.74 -25.83 -15.19
C GLY B 250 18.58 -24.70 -14.62
N CYS B 251 18.08 -24.12 -13.53
CA CYS B 251 18.80 -23.02 -12.90
C CYS B 251 18.37 -22.86 -11.46
N THR B 252 19.23 -22.22 -10.68
CA THR B 252 18.85 -21.62 -9.41
C THR B 252 18.85 -20.12 -9.61
N MET B 253 17.83 -19.44 -9.09
CA MET B 253 17.72 -18.00 -9.27
CA MET B 253 17.69 -18.01 -9.28
C MET B 253 17.46 -17.33 -7.94
N SER B 254 18.12 -16.21 -7.73
CA SER B 254 17.81 -15.31 -6.64
C SER B 254 17.04 -14.14 -7.24
N GLY B 255 15.75 -14.04 -6.92
CA GLY B 255 15.01 -12.88 -7.35
C GLY B 255 15.53 -11.60 -6.74
N LYS B 256 16.17 -11.71 -5.57
CA LYS B 256 16.75 -10.59 -4.86
C LYS B 256 17.80 -9.84 -5.67
N LYS B 257 18.33 -10.47 -6.72
CA LYS B 257 19.22 -9.77 -7.65
C LYS B 257 18.41 -9.30 -8.85
N ASP B 258 18.45 -10.02 -9.97
CA ASP B 258 17.95 -9.44 -11.22
C ASP B 258 16.43 -9.48 -11.37
N CYS B 259 15.66 -10.08 -10.44
CA CYS B 259 14.21 -9.97 -10.52
C CYS B 259 13.64 -8.74 -9.83
N LEU B 260 14.49 -7.84 -9.36
CA LEU B 260 14.04 -6.52 -8.91
C LEU B 260 13.13 -6.61 -7.67
N VAL B 261 13.42 -7.56 -6.77
CA VAL B 261 12.64 -7.75 -5.56
C VAL B 261 13.53 -7.73 -4.33
N ASN B 262 12.88 -7.72 -3.17
CA ASN B 262 13.56 -7.68 -1.88
C ASN B 262 13.66 -9.05 -1.23
N ILE B 263 12.95 -10.03 -1.78
CA ILE B 263 12.97 -11.41 -1.28
C ILE B 263 12.42 -12.25 -2.42
N GLY B 264 12.82 -13.52 -2.47
CA GLY B 264 12.32 -14.45 -3.46
C GLY B 264 13.42 -15.12 -4.27
N GLY B 265 13.14 -16.34 -4.70
CA GLY B 265 14.02 -17.08 -5.60
C GLY B 265 13.26 -18.27 -6.14
N PHE B 266 13.95 -19.08 -6.93
CA PHE B 266 13.29 -20.28 -7.46
C PHE B 266 14.32 -21.24 -8.06
N LEU B 267 13.88 -22.48 -8.18
CA LEU B 267 14.60 -23.53 -8.88
C LEU B 267 13.80 -23.89 -10.13
N CYS B 268 14.48 -23.96 -11.28
CA CYS B 268 13.86 -24.39 -12.52
C CYS B 268 14.54 -25.65 -13.02
N MET B 269 13.75 -26.52 -13.66
CA MET B 269 14.33 -27.69 -14.32
C MET B 269 13.40 -28.18 -15.40
N ASN B 270 13.96 -28.94 -16.34
CA ASN B 270 13.18 -29.56 -17.40
C ASN B 270 12.77 -30.99 -17.05
N ASP B 271 13.57 -31.68 -16.23
CA ASP B 271 13.39 -33.10 -16.00
C ASP B 271 12.21 -33.37 -15.06
N GLU B 272 11.33 -34.27 -15.49
CA GLU B 272 10.11 -34.54 -14.73
C GLU B 272 10.40 -35.21 -13.40
N GLU B 273 11.28 -36.20 -13.37
CA GLU B 273 11.58 -36.89 -12.13
CA GLU B 273 11.58 -36.89 -12.12
C GLU B 273 12.27 -35.97 -11.13
N MET B 274 13.18 -35.11 -11.62
CA MET B 274 13.81 -34.16 -10.72
C MET B 274 12.78 -33.19 -10.15
N PHE B 275 11.81 -32.78 -10.97
CA PHE B 275 10.76 -31.89 -10.50
C PHE B 275 9.95 -32.53 -9.38
N SER B 276 9.53 -33.78 -9.57
CA SER B 276 8.76 -34.47 -8.54
CA SER B 276 8.74 -34.44 -8.53
C SER B 276 9.57 -34.63 -7.26
N ALA B 277 10.85 -34.95 -7.40
CA ALA B 277 11.71 -35.09 -6.22
C ALA B 277 11.93 -33.74 -5.54
N ALA B 278 12.07 -32.67 -6.33
CA ALA B 278 12.22 -31.33 -5.77
C ALA B 278 10.98 -30.93 -4.98
N LYS B 279 9.79 -31.24 -5.50
CA LYS B 279 8.56 -30.88 -4.81
C LYS B 279 8.44 -31.61 -3.48
N GLU B 280 8.88 -32.86 -3.43
CA GLU B 280 8.83 -33.59 -2.16
C GLU B 280 9.83 -33.00 -1.16
N LEU B 281 10.99 -32.57 -1.64
CA LEU B 281 12.02 -32.06 -0.76
C LEU B 281 11.70 -30.66 -0.25
N VAL B 282 11.08 -29.82 -1.07
CA VAL B 282 10.90 -28.41 -0.69
C VAL B 282 9.98 -28.28 0.52
N VAL B 283 9.08 -29.24 0.73
CA VAL B 283 8.09 -29.15 1.81
CA VAL B 283 8.10 -29.12 1.80
C VAL B 283 8.77 -28.93 3.16
N VAL B 284 9.84 -29.68 3.43
CA VAL B 284 10.42 -29.63 4.77
C VAL B 284 11.37 -28.45 4.97
N TYR B 285 11.93 -27.88 3.90
CA TYR B 285 12.89 -26.80 4.02
C TYR B 285 12.28 -25.42 3.80
N GLU B 286 11.40 -25.28 2.79
CA GLU B 286 10.86 -23.98 2.41
C GLU B 286 9.36 -23.88 2.66
N GLY B 287 8.61 -24.89 2.25
CA GLY B 287 7.16 -24.84 2.25
C GLY B 287 6.63 -25.67 1.09
N MET B 288 5.32 -25.66 0.93
CA MET B 288 4.70 -26.43 -0.14
C MET B 288 5.20 -25.94 -1.50
N PRO B 289 5.17 -26.82 -2.52
CA PRO B 289 5.64 -26.40 -3.85
C PRO B 289 4.85 -25.24 -4.44
N SER B 290 3.69 -24.92 -3.85
CA SER B 290 2.79 -23.87 -4.30
C SER B 290 3.11 -22.49 -3.72
N TYR B 291 4.13 -22.39 -2.85
CA TYR B 291 4.53 -21.07 -2.35
C TYR B 291 6.03 -21.02 -2.00
N GLY B 292 6.59 -22.14 -1.58
CA GLY B 292 8.05 -22.25 -1.44
C GLY B 292 8.68 -21.28 -0.46
N GLY B 293 8.01 -21.00 0.64
CA GLY B 293 8.57 -20.08 1.61
C GLY B 293 8.38 -18.62 1.26
N LEU B 294 7.51 -18.31 0.31
CA LEU B 294 7.19 -16.93 -0.05
C LEU B 294 5.72 -16.67 0.18
N ALA B 295 5.42 -15.46 0.65
CA ALA B 295 4.05 -14.98 0.61
C ALA B 295 3.58 -14.88 -0.85
N GLY B 296 2.27 -15.05 -1.05
CA GLY B 296 1.71 -14.88 -2.39
C GLY B 296 2.09 -13.55 -3.00
N ARG B 297 2.00 -12.47 -2.22
CA ARG B 297 2.35 -11.16 -2.74
C ARG B 297 3.78 -11.12 -3.29
N ASP B 298 4.69 -11.90 -2.72
CA ASP B 298 6.08 -11.89 -3.18
C ASP B 298 6.28 -12.71 -4.45
N MET B 299 5.53 -13.81 -4.61
CA MET B 299 5.52 -14.47 -5.90
C MET B 299 5.03 -13.52 -6.98
N GLU B 300 4.01 -12.71 -6.66
CA GLU B 300 3.50 -11.74 -7.60
C GLU B 300 4.55 -10.68 -7.94
N ALA B 301 5.16 -10.10 -6.92
CA ALA B 301 6.14 -9.04 -7.15
C ALA B 301 7.33 -9.55 -7.95
N MET B 302 7.76 -10.78 -7.67
CA MET B 302 8.88 -11.36 -8.41
C MET B 302 8.52 -11.62 -9.85
N ALA B 303 7.30 -12.09 -10.12
CA ALA B 303 6.85 -12.29 -11.50
C ALA B 303 6.85 -10.96 -12.26
N ILE B 304 6.31 -9.91 -11.65
CA ILE B 304 6.27 -8.60 -12.30
C ILE B 304 7.68 -8.06 -12.49
N GLY B 305 8.54 -8.21 -11.47
CA GLY B 305 9.89 -7.67 -11.55
C GLY B 305 10.73 -8.33 -12.61
N LEU B 306 10.65 -9.65 -12.74
CA LEU B 306 11.42 -10.31 -13.78
C LEU B 306 11.04 -9.79 -15.17
N ARG B 307 9.75 -9.54 -15.40
CA ARG B 307 9.34 -9.00 -16.68
CA ARG B 307 9.33 -8.99 -16.68
C ARG B 307 9.85 -7.58 -16.88
N GLU B 308 9.84 -6.76 -15.82
CA GLU B 308 10.40 -5.41 -15.92
C GLU B 308 11.89 -5.44 -16.25
N ALA B 309 12.59 -6.46 -15.76
CA ALA B 309 14.02 -6.54 -15.98
C ALA B 309 14.35 -6.72 -17.45
N MET B 310 13.41 -7.17 -18.27
CA MET B 310 13.62 -7.36 -19.70
C MET B 310 13.66 -6.05 -20.48
N GLN B 311 13.28 -4.93 -19.87
CA GLN B 311 13.30 -3.66 -20.60
C GLN B 311 14.74 -3.23 -20.88
N TYR B 312 15.08 -3.12 -22.17
CA TYR B 312 16.45 -2.79 -22.54
C TYR B 312 16.96 -1.56 -21.81
N GLU B 313 16.19 -0.46 -21.84
CA GLU B 313 16.71 0.77 -21.27
C GLU B 313 16.95 0.64 -19.77
N TYR B 314 16.13 -0.14 -19.07
CA TYR B 314 16.35 -0.38 -17.65
C TYR B 314 17.71 -1.03 -17.41
N ILE B 315 17.99 -2.14 -18.10
CA ILE B 315 19.22 -2.87 -17.78
C ILE B 315 20.44 -2.15 -18.34
N GLU B 316 20.30 -1.46 -19.47
CA GLU B 316 21.39 -0.63 -19.98
C GLU B 316 21.77 0.43 -18.96
N HIS B 317 20.76 1.14 -18.42
CA HIS B 317 21.04 2.15 -17.41
C HIS B 317 21.65 1.52 -16.16
N ARG B 318 21.12 0.37 -15.73
CA ARG B 318 21.64 -0.30 -14.54
C ARG B 318 23.14 -0.51 -14.67
N VAL B 319 23.55 -1.12 -15.77
CA VAL B 319 24.96 -1.48 -15.96
C VAL B 319 25.79 -0.23 -16.19
N LYS B 320 25.29 0.73 -16.97
CA LYS B 320 26.06 1.94 -17.23
C LYS B 320 26.19 2.83 -16.00
N GLN B 321 25.26 2.74 -15.05
CA GLN B 321 25.43 3.49 -13.80
C GLN B 321 26.60 2.94 -13.00
N VAL B 322 26.72 1.62 -12.92
CA VAL B 322 27.88 1.01 -12.27
C VAL B 322 29.14 1.39 -13.03
N ARG B 323 29.08 1.35 -14.36
CA ARG B 323 30.22 1.70 -15.19
C ARG B 323 30.65 3.14 -14.95
N TYR B 324 29.69 4.06 -14.81
CA TYR B 324 29.98 5.46 -14.50
C TYR B 324 30.82 5.59 -13.25
N LEU B 325 30.44 4.88 -12.17
CA LEU B 325 31.23 4.93 -10.94
C LEU B 325 32.66 4.45 -11.19
N GLY B 326 32.80 3.33 -11.88
CA GLY B 326 34.15 2.85 -12.21
C GLY B 326 34.93 3.83 -13.05
N ASP B 327 34.26 4.45 -14.04
CA ASP B 327 34.92 5.40 -14.92
C ASP B 327 35.43 6.62 -14.15
N LYS B 328 34.60 7.17 -13.24
CA LYS B 328 35.04 8.32 -12.46
C LYS B 328 36.23 7.97 -11.59
N LEU B 329 36.21 6.77 -10.99
CA LEU B 329 37.34 6.36 -10.17
C LEU B 329 38.59 6.15 -11.01
N ARG B 330 38.45 5.49 -12.16
CA ARG B 330 39.60 5.21 -13.01
C ARG B 330 40.23 6.51 -13.53
N GLU B 331 39.39 7.48 -13.92
CA GLU B 331 39.91 8.74 -14.44
CA GLU B 331 39.95 8.70 -14.46
C GLU B 331 40.75 9.47 -13.42
N ALA B 332 40.48 9.28 -12.13
CA ALA B 332 41.23 9.88 -11.05
C ALA B 332 42.40 9.03 -10.57
N GLY B 333 42.62 7.88 -11.19
CA GLY B 333 43.73 7.02 -10.82
C GLY B 333 43.48 6.09 -9.63
N VAL B 334 42.22 5.95 -9.21
CA VAL B 334 41.92 5.05 -8.10
C VAL B 334 41.99 3.61 -8.59
N PRO B 335 42.71 2.71 -7.89
CA PRO B 335 42.86 1.33 -8.38
C PRO B 335 41.61 0.50 -8.15
N ILE B 336 41.10 -0.11 -9.23
CA ILE B 336 39.86 -0.89 -9.21
C ILE B 336 40.05 -2.18 -10.00
N VAL B 337 39.22 -3.17 -9.68
CA VAL B 337 39.17 -4.39 -10.49
C VAL B 337 38.59 -4.05 -11.86
N GLU B 338 39.18 -4.61 -12.92
CA GLU B 338 38.81 -4.30 -14.28
C GLU B 338 38.36 -5.56 -15.01
N PRO B 339 37.47 -5.43 -16.01
CA PRO B 339 36.66 -4.24 -16.25
C PRO B 339 35.54 -4.21 -15.23
N THR B 340 34.75 -3.14 -15.17
CA THR B 340 33.65 -3.09 -14.22
CA THR B 340 33.68 -3.14 -14.18
C THR B 340 32.60 -4.13 -14.58
N GLY B 341 32.12 -4.87 -13.57
CA GLY B 341 31.07 -5.85 -13.76
C GLY B 341 29.69 -5.22 -13.78
N GLY B 342 28.69 -6.09 -13.74
CA GLY B 342 27.33 -5.62 -13.90
C GLY B 342 26.74 -4.95 -12.68
N HIS B 343 27.28 -5.21 -11.50
CA HIS B 343 26.58 -4.89 -10.27
C HIS B 343 27.42 -4.19 -9.21
N ALA B 344 28.73 -4.05 -9.43
CA ALA B 344 29.60 -3.55 -8.36
C ALA B 344 30.89 -3.03 -8.95
N VAL B 345 31.53 -2.14 -8.21
CA VAL B 345 32.92 -1.75 -8.45
C VAL B 345 33.73 -2.18 -7.25
N PHE B 346 34.90 -2.78 -7.49
CA PHE B 346 35.75 -3.26 -6.42
C PHE B 346 37.01 -2.41 -6.36
N LEU B 347 37.24 -1.75 -5.23
CA LEU B 347 38.48 -1.03 -5.00
C LEU B 347 39.57 -2.02 -4.60
N ASP B 348 40.78 -1.81 -5.12
CA ASP B 348 41.94 -2.61 -4.73
C ASP B 348 42.58 -1.93 -3.52
N ALA B 349 42.27 -2.44 -2.32
CA ALA B 349 42.77 -1.83 -1.10
C ALA B 349 44.26 -2.02 -0.91
N ARG B 350 44.88 -3.02 -1.56
CA ARG B 350 46.33 -3.15 -1.49
C ARG B 350 47.00 -1.91 -2.06
N ARG B 351 46.60 -1.52 -3.28
CA ARG B 351 47.17 -0.34 -3.91
C ARG B 351 46.61 0.96 -3.33
N PHE B 352 45.39 0.93 -2.81
CA PHE B 352 44.87 2.12 -2.14
C PHE B 352 45.67 2.43 -0.88
N CYS B 353 46.16 1.40 -0.19
CA CYS B 353 46.81 1.58 1.11
C CYS B 353 48.18 0.90 1.09
N PRO B 354 49.11 1.40 0.27
CA PRO B 354 50.43 0.73 0.17
C PRO B 354 51.28 0.87 1.42
N HIS B 355 50.88 1.73 2.36
CA HIS B 355 51.57 1.88 3.64
C HIS B 355 51.12 0.84 4.67
N LEU B 356 50.14 0.01 4.34
CA LEU B 356 49.62 -0.99 5.25
C LEU B 356 49.92 -2.38 4.70
N THR B 357 50.25 -3.31 5.60
CA THR B 357 50.32 -4.71 5.21
C THR B 357 48.93 -5.33 5.29
N GLN B 358 48.75 -6.46 4.61
CA GLN B 358 47.43 -7.07 4.58
C GLN B 358 46.97 -7.50 5.98
N ASP B 359 47.91 -7.88 6.85
CA ASP B 359 47.56 -8.23 8.22
CA ASP B 359 47.53 -8.24 8.21
C ASP B 359 47.12 -7.04 9.04
N GLN B 360 47.18 -5.82 8.49
CA GLN B 360 46.64 -4.63 9.12
C GLN B 360 45.28 -4.26 8.55
N PHE B 361 44.68 -5.15 7.76
CA PHE B 361 43.30 -5.09 7.29
C PHE B 361 43.01 -3.82 6.48
N PRO B 362 43.74 -3.57 5.40
CA PRO B 362 43.52 -2.32 4.66
C PRO B 362 42.14 -2.21 4.03
N ALA B 363 41.55 -3.31 3.54
CA ALA B 363 40.19 -3.24 3.02
C ALA B 363 39.20 -2.89 4.11
N GLN B 364 39.31 -3.54 5.28
CA GLN B 364 38.41 -3.20 6.38
C GLN B 364 38.55 -1.73 6.75
N SER B 365 39.79 -1.24 6.84
CA SER B 365 39.97 0.15 7.24
CA SER B 365 40.01 0.15 7.23
C SER B 365 39.52 1.10 6.15
N LEU B 366 39.79 0.79 4.90
CA LEU B 366 39.33 1.63 3.80
C LEU B 366 37.81 1.74 3.81
N ALA B 367 37.11 0.62 4.04
CA ALA B 367 35.66 0.67 4.15
C ALA B 367 35.22 1.59 5.27
N ALA B 368 35.90 1.52 6.42
CA ALA B 368 35.55 2.38 7.55
C ALA B 368 35.79 3.84 7.20
N SER B 369 36.92 4.15 6.55
CA SER B 369 37.21 5.53 6.16
C SER B 369 36.18 6.06 5.18
N ILE B 370 35.78 5.25 4.20
CA ILE B 370 34.77 5.69 3.24
C ILE B 370 33.49 6.08 3.97
N TYR B 371 33.05 5.26 4.92
CA TYR B 371 31.83 5.61 5.66
C TYR B 371 32.03 6.91 6.45
N MET B 372 33.13 7.02 7.18
CA MET B 372 33.32 8.20 8.01
C MET B 372 33.34 9.48 7.19
N GLU B 373 33.91 9.44 5.98
CA GLU B 373 34.04 10.67 5.20
C GLU B 373 32.84 10.96 4.30
N THR B 374 31.94 10.00 4.04
CA THR B 374 30.86 10.21 3.07
C THR B 374 29.49 9.74 3.52
N GLY B 375 29.37 8.83 4.48
CA GLY B 375 28.09 8.20 4.72
C GLY B 375 27.78 7.07 3.77
N VAL B 376 28.77 6.58 3.02
CA VAL B 376 28.61 5.45 2.11
C VAL B 376 29.11 4.20 2.81
N ARG B 377 28.28 3.15 2.83
CA ARG B 377 28.69 1.85 3.34
C ARG B 377 29.12 0.97 2.19
N SER B 378 30.27 0.31 2.36
CA SER B 378 30.82 -0.65 1.41
C SER B 378 31.22 -1.91 2.19
N MET B 379 31.49 -2.99 1.46
CA MET B 379 31.75 -4.29 2.08
C MET B 379 33.23 -4.67 1.97
N GLU B 380 33.81 -5.10 3.09
CA GLU B 380 35.14 -5.70 3.05
C GLU B 380 35.06 -7.04 2.34
N ARG B 381 35.90 -7.22 1.33
CA ARG B 381 36.05 -8.49 0.63
C ARG B 381 37.55 -8.76 0.54
N GLY B 382 38.12 -9.15 1.67
CA GLY B 382 39.55 -9.35 1.77
C GLY B 382 39.91 -10.28 2.90
N ILE B 383 41.00 -9.97 3.60
CA ILE B 383 41.57 -10.88 4.59
C ILE B 383 40.58 -11.16 5.71
N VAL B 384 39.82 -10.17 6.15
CA VAL B 384 38.88 -10.40 7.24
C VAL B 384 37.79 -11.39 6.81
N SER B 385 37.18 -11.16 5.64
CA SER B 385 36.16 -12.07 5.15
C SER B 385 36.71 -13.46 4.85
N ALA B 386 38.00 -13.55 4.51
CA ALA B 386 38.59 -14.85 4.18
C ALA B 386 38.76 -15.74 5.41
N GLY B 387 38.76 -15.17 6.61
CA GLY B 387 38.91 -15.95 7.83
C GLY B 387 40.33 -16.43 8.04
N ARG B 388 40.55 -17.10 9.17
CA ARG B 388 41.85 -17.64 9.49
C ARG B 388 41.84 -19.16 9.40
N SER B 389 43.03 -19.72 9.16
CA SER B 389 43.16 -21.14 8.89
C SER B 389 43.01 -21.97 10.16
N LYS B 390 42.39 -23.14 10.02
CA LYS B 390 42.15 -24.00 11.17
C LYS B 390 43.44 -24.70 11.61
N GLU B 391 44.20 -25.25 10.66
CA GLU B 391 45.38 -26.04 11.03
C GLU B 391 46.52 -25.15 11.50
N THR B 392 46.71 -23.98 10.87
CA THR B 392 47.85 -23.14 11.19
C THR B 392 47.49 -21.94 12.07
N GLY B 393 46.21 -21.63 12.24
CA GLY B 393 45.79 -20.50 13.04
C GLY B 393 46.11 -19.15 12.46
N GLU B 394 46.72 -19.09 11.29
CA GLU B 394 47.08 -17.83 10.66
C GLU B 394 45.97 -17.36 9.74
N ASN B 395 45.89 -16.05 9.54
CA ASN B 395 44.92 -15.51 8.61
C ASN B 395 45.23 -16.00 7.20
N HIS B 396 44.19 -16.24 6.42
CA HIS B 396 44.37 -16.44 4.99
C HIS B 396 44.79 -15.12 4.37
N ARG B 397 45.61 -15.19 3.34
CA ARG B 397 46.05 -13.99 2.65
C ARG B 397 45.50 -14.01 1.23
N PRO B 398 44.23 -13.66 1.03
CA PRO B 398 43.65 -13.71 -0.32
C PRO B 398 44.38 -12.76 -1.25
N LYS B 399 44.56 -13.21 -2.49
CA LYS B 399 45.10 -12.36 -3.54
C LYS B 399 44.32 -11.05 -3.62
N LEU B 400 42.99 -11.13 -3.63
CA LEU B 400 42.14 -9.97 -3.72
C LEU B 400 41.86 -9.40 -2.33
N GLU B 401 42.32 -8.18 -2.10
CA GLU B 401 42.08 -7.44 -0.87
C GLU B 401 41.30 -6.22 -1.32
N THR B 402 39.97 -6.33 -1.31
CA THR B 402 39.13 -5.37 -1.99
C THR B 402 38.04 -4.83 -1.08
N VAL B 403 37.51 -3.67 -1.49
CA VAL B 403 36.31 -3.08 -0.92
C VAL B 403 35.28 -3.05 -2.03
N ARG B 404 34.10 -3.62 -1.76
CA ARG B 404 33.08 -3.79 -2.78
C ARG B 404 32.06 -2.66 -2.66
N LEU B 405 31.88 -1.92 -3.75
CA LEU B 405 30.85 -0.90 -3.88
C LEU B 405 29.73 -1.55 -4.70
N THR B 406 28.72 -2.08 -4.02
CA THR B 406 27.70 -2.91 -4.65
C THR B 406 26.45 -2.07 -4.84
N ILE B 407 25.92 -2.04 -6.06
CA ILE B 407 24.91 -1.05 -6.44
C ILE B 407 23.54 -1.72 -6.49
N PRO B 408 22.61 -1.39 -5.59
CA PRO B 408 21.23 -1.88 -5.72
C PRO B 408 20.60 -1.34 -7.00
N ARG B 409 19.60 -2.05 -7.50
CA ARG B 409 18.93 -1.64 -8.74
C ARG B 409 17.83 -0.61 -8.46
N ARG B 410 17.88 0.51 -9.20
CA ARG B 410 16.85 1.54 -9.23
C ARG B 410 16.75 2.36 -7.94
N VAL B 411 17.80 2.39 -7.12
CA VAL B 411 17.77 3.04 -5.81
C VAL B 411 18.48 4.38 -5.82
N TYR B 412 19.59 4.49 -6.54
CA TYR B 412 20.48 5.64 -6.48
C TYR B 412 20.57 6.32 -7.84
N THR B 413 21.10 7.54 -7.82
CA THR B 413 21.24 8.37 -9.02
C THR B 413 22.73 8.54 -9.35
N TYR B 414 23.01 9.20 -10.48
CA TYR B 414 24.40 9.56 -10.77
C TYR B 414 24.95 10.54 -9.76
N ALA B 415 24.10 11.39 -9.17
CA ALA B 415 24.59 12.30 -8.15
C ALA B 415 25.03 11.53 -6.91
N HIS B 416 24.32 10.45 -6.56
CA HIS B 416 24.80 9.56 -5.51
C HIS B 416 26.12 8.91 -5.89
N MET B 417 26.25 8.46 -7.15
CA MET B 417 27.53 7.92 -7.59
C MET B 417 28.64 8.95 -7.45
N ASP B 418 28.34 10.22 -7.72
CA ASP B 418 29.33 11.28 -7.53
C ASP B 418 29.72 11.45 -6.07
N VAL B 419 28.75 11.36 -5.14
CA VAL B 419 29.10 11.39 -3.72
C VAL B 419 30.12 10.30 -3.41
N VAL B 420 29.83 9.08 -3.88
CA VAL B 420 30.72 7.93 -3.66
C VAL B 420 32.09 8.19 -4.28
N ALA B 421 32.11 8.51 -5.57
CA ALA B 421 33.38 8.69 -6.27
C ALA B 421 34.18 9.85 -5.70
N ASP B 422 33.53 11.01 -5.52
CA ASP B 422 34.24 12.18 -5.02
C ASP B 422 34.85 11.92 -3.66
N GLY B 423 34.12 11.23 -2.78
CA GLY B 423 34.64 10.96 -1.45
C GLY B 423 35.81 9.99 -1.49
N ILE B 424 35.72 8.95 -2.33
CA ILE B 424 36.82 8.01 -2.46
C ILE B 424 38.04 8.68 -3.08
N ILE B 425 37.83 9.52 -4.10
CA ILE B 425 38.95 10.22 -4.73
C ILE B 425 39.63 11.14 -3.72
N LYS B 426 38.85 11.86 -2.90
CA LYS B 426 39.43 12.72 -1.89
C LYS B 426 40.25 11.92 -0.88
N LEU B 427 39.72 10.78 -0.43
CA LEU B 427 40.49 9.91 0.46
C LEU B 427 41.78 9.45 -0.21
N TYR B 428 41.70 9.09 -1.49
CA TYR B 428 42.88 8.61 -2.19
C TYR B 428 43.99 9.66 -2.23
N GLN B 429 43.62 10.95 -2.32
CA GLN B 429 44.61 12.02 -2.37
CA GLN B 429 44.63 11.99 -2.39
C GLN B 429 45.47 12.09 -1.13
N HIS B 430 44.99 11.55 -0.01
CA HIS B 430 45.77 11.50 1.24
C HIS B 430 45.67 10.11 1.85
N LYS B 431 45.82 9.08 1.00
CA LYS B 431 45.57 7.71 1.41
C LYS B 431 46.49 7.27 2.56
N GLU B 432 47.66 7.88 2.69
CA GLU B 432 48.58 7.54 3.76
C GLU B 432 47.99 7.78 5.15
N ASP B 433 46.90 8.54 5.25
CA ASP B 433 46.28 8.81 6.54
C ASP B 433 45.34 7.70 6.99
N ILE B 434 45.03 6.75 6.11
CA ILE B 434 44.16 5.64 6.49
C ILE B 434 44.93 4.75 7.45
N ARG B 435 44.39 4.56 8.65
CA ARG B 435 45.11 3.83 9.69
C ARG B 435 44.83 2.34 9.60
N GLY B 436 45.84 1.54 9.91
CA GLY B 436 45.65 0.11 10.02
C GLY B 436 44.77 -0.25 11.20
N LEU B 437 44.22 -1.46 11.15
CA LEU B 437 43.31 -1.97 12.17
C LEU B 437 43.85 -3.25 12.77
N THR B 438 43.40 -3.53 14.00
CA THR B 438 43.68 -4.78 14.68
C THR B 438 42.41 -5.24 15.38
N PHE B 439 42.25 -6.56 15.52
CA PHE B 439 41.09 -7.10 16.19
C PHE B 439 41.08 -6.71 17.66
N VAL B 440 39.92 -6.31 18.16
CA VAL B 440 39.65 -6.32 19.59
C VAL B 440 38.60 -7.33 19.98
N TYR B 441 37.76 -7.76 19.05
CA TYR B 441 36.83 -8.87 19.26
C TYR B 441 36.76 -9.63 17.94
N GLU B 442 37.04 -10.92 17.99
CA GLU B 442 37.04 -11.77 16.80
C GLU B 442 36.26 -13.04 17.11
N PRO B 443 35.07 -13.21 16.55
CA PRO B 443 34.36 -14.48 16.73
C PRO B 443 35.06 -15.62 16.00
N LYS B 444 34.75 -16.84 16.43
CA LYS B 444 35.41 -18.02 15.88
C LYS B 444 35.03 -18.26 14.42
N GLN B 445 33.79 -17.93 14.05
CA GLN B 445 33.31 -18.11 12.69
C GLN B 445 32.54 -16.87 12.28
N LEU B 446 32.30 -16.74 10.97
CA LEU B 446 31.55 -15.60 10.43
C LEU B 446 32.09 -14.27 10.96
N ARG B 447 33.42 -14.16 11.04
CA ARG B 447 34.03 -13.05 11.76
C ARG B 447 33.73 -11.71 11.10
N PHE B 448 33.52 -11.69 9.78
CA PHE B 448 33.26 -10.42 9.09
C PHE B 448 31.97 -9.76 9.56
N PHE B 449 31.00 -10.57 10.02
CA PHE B 449 29.70 -10.05 10.39
C PHE B 449 29.76 -9.22 11.68
N THR B 450 30.56 -9.64 12.65
CA THR B 450 30.52 -9.03 13.97
C THR B 450 31.87 -8.70 14.59
N ALA B 451 32.98 -8.91 13.88
CA ALA B 451 34.28 -8.58 14.47
C ALA B 451 34.36 -7.09 14.73
N ARG B 452 35.12 -6.73 15.76
CA ARG B 452 35.36 -5.35 16.13
CA ARG B 452 35.35 -5.35 16.12
C ARG B 452 36.85 -5.08 16.14
N PHE B 453 37.22 -3.85 15.80
CA PHE B 453 38.61 -3.47 15.60
C PHE B 453 38.90 -2.16 16.31
N ASP B 454 40.20 -1.85 16.42
CA ASP B 454 40.67 -0.51 16.77
CA ASP B 454 40.60 -0.47 16.65
C ASP B 454 41.90 -0.21 15.92
N PHE B 455 42.24 1.07 15.85
CA PHE B 455 43.40 1.48 15.07
C PHE B 455 44.69 0.99 15.71
N ILE B 456 45.66 0.66 14.87
CA ILE B 456 47.00 0.31 15.33
C ILE B 456 47.77 1.58 15.66
N MET C 1 -31.60 -16.35 1.11
CA MET C 1 -31.94 -16.45 2.53
C MET C 1 -32.09 -15.08 3.18
N ASN C 2 -32.62 -15.08 4.40
CA ASN C 2 -32.92 -13.82 5.07
C ASN C 2 -31.66 -13.01 5.32
N TYR C 3 -30.62 -13.68 5.81
CA TYR C 3 -29.39 -13.02 6.25
C TYR C 3 -28.20 -13.79 5.71
N PRO C 4 -27.81 -13.52 4.47
CA PRO C 4 -26.67 -14.22 3.88
C PRO C 4 -25.36 -13.80 4.53
N ALA C 5 -24.38 -14.71 4.48
CA ALA C 5 -23.07 -14.38 5.00
C ALA C 5 -22.37 -13.36 4.08
N GLU C 6 -21.33 -12.74 4.62
CA GLU C 6 -20.58 -11.77 3.84
C GLU C 6 -20.01 -12.44 2.59
N PRO C 7 -20.24 -11.89 1.39
CA PRO C 7 -19.74 -12.51 0.15
C PRO C 7 -18.33 -12.02 -0.17
N PHE C 8 -17.47 -12.03 0.84
CA PHE C 8 -16.10 -11.57 0.75
C PHE C 8 -15.39 -12.08 2.00
N ARG C 9 -14.06 -12.03 1.97
CA ARG C 9 -13.25 -12.32 3.12
C ARG C 9 -12.66 -11.02 3.66
N ILE C 10 -12.24 -11.05 4.92
CA ILE C 10 -11.47 -9.93 5.46
C ILE C 10 -10.04 -10.04 4.96
N LYS C 11 -9.55 -8.96 4.34
CA LYS C 11 -8.16 -8.85 3.93
C LYS C 11 -7.30 -8.15 4.97
N SER C 12 -7.81 -7.07 5.56
CA SER C 12 -7.10 -6.38 6.63
C SER C 12 -8.11 -5.82 7.61
N VAL C 13 -7.65 -5.60 8.85
CA VAL C 13 -8.52 -5.13 9.92
C VAL C 13 -8.05 -3.77 10.43
N GLU C 14 -8.98 -3.05 11.04
CA GLU C 14 -8.69 -1.89 11.85
C GLU C 14 -8.84 -2.31 13.31
N THR C 15 -7.75 -2.29 14.08
CA THR C 15 -7.84 -2.72 15.48
C THR C 15 -8.64 -1.71 16.29
N VAL C 16 -9.19 -2.18 17.41
CA VAL C 16 -10.02 -1.37 18.28
C VAL C 16 -9.55 -1.52 19.72
N SER C 17 -9.44 -0.39 20.42
CA SER C 17 -9.23 -0.40 21.86
C SER C 17 -10.56 -0.68 22.53
N MET C 18 -10.67 -1.82 23.21
CA MET C 18 -11.97 -2.25 23.74
C MET C 18 -12.16 -1.66 25.14
N ILE C 19 -12.45 -0.36 25.18
CA ILE C 19 -12.50 0.37 26.44
C ILE C 19 -13.78 0.04 27.21
N SER C 20 -13.75 0.36 28.51
CA SER C 20 -14.81 0.00 29.42
C SER C 20 -15.96 1.00 29.39
N ARG C 21 -17.07 0.61 30.01
CA ARG C 21 -18.20 1.53 30.16
C ARG C 21 -17.79 2.79 30.91
N ASP C 22 -17.06 2.63 32.02
CA ASP C 22 -16.65 3.82 32.77
C ASP C 22 -15.82 4.75 31.92
N GLU C 23 -14.94 4.19 31.08
CA GLU C 23 -14.15 5.03 30.19
C GLU C 23 -15.02 5.72 29.16
N ARG C 24 -16.00 5.00 28.60
CA ARG C 24 -16.88 5.63 27.62
C ARG C 24 -17.70 6.74 28.25
N VAL C 25 -18.13 6.57 29.51
CA VAL C 25 -18.87 7.63 30.17
C VAL C 25 -18.00 8.88 30.28
N LYS C 26 -16.73 8.71 30.66
CA LYS C 26 -15.83 9.85 30.75
CA LYS C 26 -15.82 9.84 30.75
C LYS C 26 -15.62 10.50 29.39
N LYS C 27 -15.47 9.70 28.34
CA LYS C 27 -15.28 10.27 27.02
C LYS C 27 -16.54 10.99 26.53
N MET C 28 -17.71 10.44 26.84
CA MET C 28 -18.94 11.09 26.44
C MET C 28 -19.11 12.43 27.15
N GLN C 29 -18.76 12.47 28.45
CA GLN C 29 -18.80 13.73 29.19
C GLN C 29 -17.81 14.74 28.63
N GLU C 30 -16.58 14.29 28.32
CA GLU C 30 -15.58 15.17 27.72
C GLU C 30 -16.06 15.75 26.40
N ALA C 31 -16.84 14.97 25.64
CA ALA C 31 -17.45 15.40 24.39
C ALA C 31 -18.74 16.19 24.60
N GLY C 32 -19.04 16.62 25.83
CA GLY C 32 -20.24 17.42 26.03
C GLY C 32 -21.53 16.71 25.69
N TYR C 33 -21.53 15.38 25.76
CA TYR C 33 -22.69 14.54 25.44
C TYR C 33 -23.12 14.68 23.98
N ASN C 34 -22.21 15.13 23.12
CA ASN C 34 -22.47 15.27 21.68
C ASN C 34 -21.63 14.23 20.95
N THR C 35 -22.28 13.24 20.33
CA THR C 35 -21.50 12.21 19.65
C THR C 35 -20.64 12.75 18.52
N PHE C 36 -20.98 13.91 17.94
CA PHE C 36 -20.13 14.51 16.91
C PHE C 36 -18.78 14.93 17.44
N LEU C 37 -18.64 15.10 18.75
CA LEU C 37 -17.38 15.51 19.36
C LEU C 37 -16.53 14.35 19.85
N LEU C 38 -17.00 13.11 19.74
CA LEU C 38 -16.18 11.96 20.13
C LEU C 38 -15.02 11.76 19.17
N ASN C 39 -13.90 11.27 19.72
CA ASN C 39 -12.75 10.89 18.91
C ASN C 39 -12.98 9.52 18.28
N SER C 40 -12.63 9.39 17.00
CA SER C 40 -12.76 8.12 16.30
C SER C 40 -12.09 6.98 17.06
N LYS C 41 -10.91 7.23 17.64
CA LYS C 41 -10.16 6.19 18.32
C LYS C 41 -10.89 5.65 19.54
N ASP C 42 -11.88 6.37 20.05
CA ASP C 42 -12.64 5.96 21.23
C ASP C 42 -13.93 5.23 20.87
N ILE C 43 -14.15 4.94 19.59
CA ILE C 43 -15.39 4.36 19.11
C ILE C 43 -15.14 2.96 18.58
N TYR C 44 -15.96 2.01 19.00
CA TYR C 44 -15.86 0.63 18.54
C TYR C 44 -16.56 0.46 17.19
N ILE C 45 -17.82 0.85 17.11
CA ILE C 45 -18.64 0.67 15.91
C ILE C 45 -19.17 2.05 15.58
N ASP C 46 -18.67 2.65 14.51
CA ASP C 46 -18.97 4.05 14.20
C ASP C 46 -20.06 4.08 13.11
N LEU C 47 -21.31 4.30 13.53
CA LEU C 47 -22.44 4.39 12.63
C LEU C 47 -22.89 5.84 12.43
N LEU C 48 -21.97 6.78 12.57
CA LEU C 48 -22.29 8.17 12.31
C LEU C 48 -22.76 8.38 10.87
N THR C 49 -22.11 7.70 9.92
CA THR C 49 -22.44 7.90 8.51
C THR C 49 -21.95 6.73 7.67
N ASP C 50 -22.65 6.48 6.57
CA ASP C 50 -22.18 5.57 5.54
C ASP C 50 -21.39 6.29 4.45
N SER C 51 -21.08 7.57 4.63
CA SER C 51 -20.39 8.34 3.60
C SER C 51 -18.89 8.24 3.80
N GLY C 52 -18.19 7.61 2.85
CA GLY C 52 -16.75 7.64 2.83
C GLY C 52 -16.09 6.73 3.83
N THR C 53 -16.87 5.93 4.55
CA THR C 53 -16.40 5.05 5.61
C THR C 53 -16.29 3.60 5.14
N ASN C 54 -16.47 3.35 3.85
CA ASN C 54 -16.52 1.99 3.32
C ASN C 54 -15.15 1.33 3.33
N ALA C 55 -15.16 0.01 3.43
CA ALA C 55 -13.92 -0.77 3.29
C ALA C 55 -13.69 -1.07 1.81
N MET C 56 -12.52 -0.69 1.30
CA MET C 56 -12.15 -1.01 -0.06
C MET C 56 -11.66 -2.46 -0.16
N SER C 57 -11.57 -2.96 -1.38
CA SER C 57 -11.05 -4.29 -1.62
C SER C 57 -9.54 -4.27 -1.84
N ASP C 58 -8.95 -5.47 -1.82
CA ASP C 58 -7.57 -5.66 -2.27
C ASP C 58 -7.36 -5.12 -3.68
N LYS C 59 -8.32 -5.33 -4.57
CA LYS C 59 -8.17 -4.84 -5.95
C LYS C 59 -8.19 -3.32 -5.99
N GLN C 60 -9.03 -2.68 -5.18
CA GLN C 60 -8.99 -1.23 -5.08
C GLN C 60 -7.66 -0.74 -4.53
N TRP C 61 -7.13 -1.42 -3.50
CA TRP C 61 -5.83 -1.03 -2.94
C TRP C 61 -4.70 -1.23 -3.93
N ALA C 62 -4.80 -2.24 -4.79
CA ALA C 62 -3.83 -2.37 -5.89
C ALA C 62 -3.91 -1.15 -6.80
N GLY C 63 -5.13 -0.72 -7.11
CA GLY C 63 -5.29 0.48 -7.91
C GLY C 63 -4.71 1.71 -7.24
N MET C 64 -4.79 1.76 -5.90
CA MET C 64 -4.21 2.87 -5.16
C MET C 64 -2.71 2.97 -5.32
N MET C 65 -2.04 1.88 -5.70
CA MET C 65 -0.60 1.86 -5.88
CA MET C 65 -0.60 1.91 -5.87
C MET C 65 -0.16 2.31 -7.27
N ILE C 66 -1.09 2.39 -8.23
CA ILE C 66 -0.76 2.80 -9.59
C ILE C 66 -1.48 4.09 -9.93
N GLY C 67 -1.54 5.00 -8.96
CA GLY C 67 -1.98 6.34 -9.26
C GLY C 67 -1.06 7.00 -10.27
N ASP C 68 -1.65 7.45 -11.37
CA ASP C 68 -0.99 8.21 -12.42
C ASP C 68 -1.36 9.65 -12.11
N GLU C 69 -0.44 10.36 -11.46
CA GLU C 69 -0.76 11.65 -10.88
C GLU C 69 -0.61 12.80 -11.84
N ALA C 70 -0.57 12.52 -13.15
CA ALA C 70 -0.46 13.55 -14.16
C ALA C 70 -1.66 14.47 -14.16
N TYR C 71 -1.39 15.75 -14.45
CA TYR C 71 -2.43 16.78 -14.39
C TYR C 71 -3.46 16.60 -15.50
N ALA C 72 -3.06 16.03 -16.62
CA ALA C 72 -3.92 15.75 -17.75
C ALA C 72 -3.46 14.43 -18.36
N GLY C 73 -4.41 13.67 -18.89
CA GLY C 73 -4.07 12.44 -19.56
C GLY C 73 -3.77 11.27 -18.65
N SER C 74 -4.20 11.32 -17.38
CA SER C 74 -3.96 10.21 -16.46
C SER C 74 -4.68 8.95 -16.93
N GLU C 75 -3.98 7.81 -16.89
CA GLU C 75 -4.62 6.52 -17.11
C GLU C 75 -5.81 6.31 -16.20
N ASN C 76 -5.74 6.83 -14.97
CA ASN C 76 -6.83 6.59 -14.03
C ASN C 76 -8.10 7.32 -14.45
N PHE C 77 -7.94 8.53 -15.01
CA PHE C 77 -9.09 9.23 -15.56
C PHE C 77 -9.74 8.42 -16.68
N TYR C 78 -8.93 7.87 -17.59
CA TYR C 78 -9.51 7.12 -18.69
C TYR C 78 -10.24 5.89 -18.17
N HIS C 79 -9.71 5.25 -17.13
CA HIS C 79 -10.40 4.08 -16.56
C HIS C 79 -11.73 4.48 -15.96
N LEU C 80 -11.75 5.57 -15.19
CA LEU C 80 -12.99 6.03 -14.57
C LEU C 80 -14.02 6.40 -15.65
N GLU C 81 -13.58 7.15 -16.66
CA GLU C 81 -14.46 7.56 -17.73
C GLU C 81 -15.06 6.35 -18.44
N LYS C 82 -14.22 5.37 -18.79
CA LYS C 82 -14.70 4.19 -19.48
CA LYS C 82 -14.70 4.19 -19.48
C LYS C 82 -15.69 3.41 -18.61
N THR C 83 -15.37 3.23 -17.34
CA THR C 83 -16.24 2.47 -16.45
C THR C 83 -17.60 3.14 -16.26
N VAL C 84 -17.59 4.45 -16.01
CA VAL C 84 -18.85 5.15 -15.77
C VAL C 84 -19.71 5.18 -17.04
N LYS C 85 -19.08 5.40 -18.20
CA LYS C 85 -19.86 5.35 -19.44
CA LYS C 85 -19.86 5.35 -19.43
C LYS C 85 -20.49 3.99 -19.63
N GLU C 86 -19.74 2.91 -19.37
CA GLU C 86 -20.26 1.56 -19.54
C GLU C 86 -21.41 1.30 -18.58
N LEU C 87 -21.25 1.66 -17.30
CA LEU C 87 -22.21 1.23 -16.29
C LEU C 87 -23.40 2.17 -16.16
N PHE C 88 -23.20 3.48 -16.29
CA PHE C 88 -24.29 4.44 -16.17
C PHE C 88 -24.85 4.90 -17.50
N GLY C 89 -24.09 4.78 -18.59
CA GLY C 89 -24.60 5.05 -19.91
C GLY C 89 -24.55 6.49 -20.38
N PHE C 90 -24.05 7.42 -19.58
CA PHE C 90 -24.01 8.81 -20.02
C PHE C 90 -22.83 9.07 -20.94
N LYS C 91 -22.97 10.08 -21.79
CA LYS C 91 -21.92 10.36 -22.78
C LYS C 91 -20.68 10.96 -22.16
N HIS C 92 -20.81 11.78 -21.12
CA HIS C 92 -19.71 12.59 -20.63
C HIS C 92 -19.62 12.54 -19.11
N ILE C 93 -18.40 12.72 -18.60
CA ILE C 93 -18.14 12.73 -17.16
C ILE C 93 -17.22 13.89 -16.81
N VAL C 94 -17.49 14.52 -15.67
CA VAL C 94 -16.57 15.45 -15.03
C VAL C 94 -16.34 14.94 -13.62
N PRO C 95 -15.15 14.47 -13.28
CA PRO C 95 -14.91 14.03 -11.90
C PRO C 95 -14.98 15.22 -10.96
N THR C 96 -15.37 14.94 -9.71
CA THR C 96 -15.41 15.94 -8.65
C THR C 96 -14.89 15.27 -7.38
N HIS C 97 -14.53 16.09 -6.37
CA HIS C 97 -13.90 15.46 -5.22
C HIS C 97 -14.90 14.65 -4.41
N GLN C 98 -16.17 15.06 -4.40
CA GLN C 98 -17.27 14.23 -3.90
C GLN C 98 -18.58 14.77 -4.47
N GLY C 99 -19.69 14.26 -3.97
CA GLY C 99 -20.98 14.54 -4.60
C GLY C 99 -21.34 16.01 -4.59
N ARG C 100 -21.13 16.70 -3.47
CA ARG C 100 -21.55 18.10 -3.39
C ARG C 100 -20.75 18.99 -4.33
N GLY C 101 -19.55 18.57 -4.74
CA GLY C 101 -18.84 19.30 -5.77
C GLY C 101 -19.55 19.19 -7.12
N ALA C 102 -20.08 18.00 -7.41
CA ALA C 102 -20.86 17.84 -8.64
C ALA C 102 -22.16 18.62 -8.57
N GLU C 103 -22.79 18.69 -7.40
CA GLU C 103 -24.02 19.47 -7.24
C GLU C 103 -23.78 20.95 -7.48
N ASN C 104 -22.66 21.47 -6.99
CA ASN C 104 -22.30 22.86 -7.25
C ASN C 104 -22.25 23.12 -8.75
N LEU C 105 -21.58 22.25 -9.50
CA LEU C 105 -21.51 22.41 -10.95
C LEU C 105 -22.88 22.34 -11.59
N LEU C 106 -23.64 21.28 -11.28
CA LEU C 106 -24.94 21.09 -11.93
C LEU C 106 -25.86 22.28 -11.70
N SER C 107 -25.96 22.73 -10.45
CA SER C 107 -26.90 23.80 -10.14
C SER C 107 -26.48 25.12 -10.77
N GLN C 108 -25.18 25.39 -10.88
CA GLN C 108 -24.76 26.61 -11.58
C GLN C 108 -25.08 26.52 -13.07
N LEU C 109 -24.99 25.33 -13.66
CA LEU C 109 -25.16 25.16 -15.09
C LEU C 109 -26.62 25.10 -15.52
N ALA C 110 -27.50 24.57 -14.67
CA ALA C 110 -28.81 24.13 -15.13
C ALA C 110 -29.95 24.95 -14.57
N ILE C 111 -29.69 25.96 -13.75
CA ILE C 111 -30.74 26.73 -13.08
C ILE C 111 -30.63 28.19 -13.47
N LYS C 112 -31.75 28.79 -13.91
CA LYS C 112 -31.86 30.22 -14.04
C LYS C 112 -32.67 30.78 -12.88
N PRO C 113 -32.40 32.02 -12.47
CA PRO C 113 -33.09 32.55 -11.28
C PRO C 113 -34.60 32.49 -11.41
N GLY C 114 -35.25 32.02 -10.35
CA GLY C 114 -36.69 31.90 -10.31
C GLY C 114 -37.25 30.57 -10.76
N GLN C 115 -36.44 29.71 -11.38
CA GLN C 115 -36.95 28.43 -11.83
C GLN C 115 -37.20 27.50 -10.64
N TYR C 116 -37.93 26.43 -10.91
CA TYR C 116 -38.24 25.42 -9.91
C TYR C 116 -37.39 24.17 -10.15
N VAL C 117 -36.98 23.53 -9.05
CA VAL C 117 -36.45 22.18 -9.09
C VAL C 117 -37.40 21.30 -8.31
N ALA C 118 -37.92 20.27 -8.95
CA ALA C 118 -38.87 19.35 -8.34
C ALA C 118 -38.15 18.07 -7.98
N GLY C 119 -38.31 17.60 -6.75
CA GLY C 119 -37.59 16.43 -6.30
C GLY C 119 -38.41 15.56 -5.38
N ASN C 120 -38.01 14.30 -5.28
CA ASN C 120 -38.59 13.39 -4.30
C ASN C 120 -37.86 13.58 -2.98
N MET C 121 -38.37 14.51 -2.17
CA MET C 121 -37.71 15.02 -0.97
C MET C 121 -36.37 15.65 -1.32
N TYR C 122 -35.51 15.89 -0.33
CA TYR C 122 -34.31 16.67 -0.59
C TYR C 122 -33.19 16.23 0.34
N PHE C 123 -31.98 16.61 -0.03
CA PHE C 123 -30.80 16.48 0.81
C PHE C 123 -30.19 17.86 0.99
N THR C 124 -29.54 18.07 2.14
CA THR C 124 -29.13 19.41 2.53
CA THR C 124 -29.10 19.40 2.55
C THR C 124 -28.23 20.08 1.49
N THR C 125 -27.15 19.41 1.06
CA THR C 125 -26.23 20.07 0.14
C THR C 125 -26.88 20.27 -1.21
N THR C 126 -27.65 19.27 -1.66
CA THR C 126 -28.25 19.32 -2.99
C THR C 126 -29.23 20.48 -3.07
N ARG C 127 -30.06 20.64 -2.04
CA ARG C 127 -31.02 21.73 -2.00
C ARG C 127 -30.32 23.07 -1.83
N PHE C 128 -29.24 23.12 -1.03
CA PHE C 128 -28.49 24.37 -0.90
C PHE C 128 -28.04 24.87 -2.27
N HIS C 129 -27.43 23.99 -3.06
CA HIS C 129 -26.91 24.45 -4.34
C HIS C 129 -28.03 24.84 -5.30
N GLN C 130 -29.16 24.16 -5.24
CA GLN C 130 -30.28 24.57 -6.07
C GLN C 130 -30.76 25.96 -5.68
N GLU C 131 -30.95 26.19 -4.38
CA GLU C 131 -31.44 27.48 -3.91
C GLU C 131 -30.41 28.59 -4.08
N LYS C 132 -29.14 28.28 -3.85
CA LYS C 132 -28.08 29.28 -4.02
C LYS C 132 -28.08 29.84 -5.43
N ASN C 133 -28.42 29.01 -6.40
CA ASN C 133 -28.45 29.42 -7.81
C ASN C 133 -29.81 29.91 -8.26
N GLY C 134 -30.72 30.14 -7.33
CA GLY C 134 -31.96 30.84 -7.61
C GLY C 134 -33.19 29.98 -7.81
N ALA C 135 -33.12 28.68 -7.52
CA ALA C 135 -34.28 27.82 -7.68
C ALA C 135 -35.15 27.79 -6.43
N THR C 136 -36.42 27.52 -6.63
CA THR C 136 -37.34 27.13 -5.56
C THR C 136 -37.50 25.61 -5.62
N PHE C 137 -37.26 24.94 -4.50
CA PHE C 137 -37.45 23.50 -4.43
C PHE C 137 -38.92 23.18 -4.15
N VAL C 138 -39.44 22.17 -4.86
CA VAL C 138 -40.80 21.66 -4.65
C VAL C 138 -40.73 20.15 -4.45
N ASP C 139 -41.30 19.68 -3.35
CA ASP C 139 -41.32 18.25 -3.04
C ASP C 139 -42.47 17.59 -3.81
N ILE C 140 -42.14 16.61 -4.65
CA ILE C 140 -43.14 15.87 -5.41
C ILE C 140 -43.17 14.40 -5.03
N VAL C 141 -42.57 14.03 -3.89
CA VAL C 141 -42.68 12.64 -3.43
C VAL C 141 -44.13 12.35 -3.06
N ARG C 142 -44.50 11.07 -3.11
CA ARG C 142 -45.82 10.64 -2.68
CA ARG C 142 -45.83 10.66 -2.68
C ARG C 142 -46.03 11.01 -1.21
N ASP C 143 -47.26 11.39 -0.86
CA ASP C 143 -47.54 11.79 0.52
C ASP C 143 -47.26 10.67 1.50
N GLU C 144 -47.43 9.41 1.09
CA GLU C 144 -47.18 8.28 1.98
CA GLU C 144 -47.19 8.30 1.99
C GLU C 144 -45.73 8.20 2.42
N ALA C 145 -44.81 8.79 1.65
CA ALA C 145 -43.40 8.76 2.02
C ALA C 145 -43.14 9.48 3.34
N HIS C 146 -44.02 10.39 3.74
CA HIS C 146 -43.88 11.12 4.98
C HIS C 146 -44.47 10.37 6.17
N ASP C 147 -45.05 9.19 5.95
CA ASP C 147 -45.60 8.36 7.02
C ASP C 147 -44.51 7.41 7.46
N ALA C 148 -43.81 7.75 8.55
CA ALA C 148 -42.67 6.97 8.99
C ALA C 148 -43.03 5.57 9.49
N SER C 149 -44.31 5.31 9.74
CA SER C 149 -44.75 4.00 10.21
C SER C 149 -45.13 3.06 9.08
N LEU C 150 -45.31 3.58 7.86
CA LEU C 150 -45.98 2.82 6.81
C LEU C 150 -45.00 1.88 6.11
N ASN C 151 -45.30 0.58 6.17
CA ASN C 151 -44.51 -0.45 5.51
C ASN C 151 -45.04 -0.59 4.10
N LEU C 152 -44.42 0.14 3.17
CA LEU C 152 -44.84 0.20 1.79
C LEU C 152 -43.59 0.10 0.92
N PRO C 153 -43.61 -0.68 -0.15
CA PRO C 153 -42.45 -0.74 -1.04
C PRO C 153 -42.35 0.54 -1.87
N PHE C 154 -41.12 0.83 -2.29
CA PHE C 154 -40.85 1.96 -3.19
C PHE C 154 -41.45 3.27 -2.69
N LYS C 155 -41.22 3.54 -1.40
CA LYS C 155 -41.72 4.75 -0.79
CA LYS C 155 -41.72 4.76 -0.78
C LYS C 155 -41.05 6.01 -1.31
N GLY C 156 -39.94 5.89 -2.03
CA GLY C 156 -39.31 7.05 -2.64
C GLY C 156 -39.95 7.55 -3.91
N ASP C 157 -40.96 6.86 -4.43
CA ASP C 157 -41.53 7.21 -5.73
C ASP C 157 -42.10 8.62 -5.76
N ILE C 158 -41.90 9.27 -6.92
CA ILE C 158 -42.55 10.54 -7.21
C ILE C 158 -44.04 10.32 -7.45
N ASP C 159 -44.86 11.23 -6.93
CA ASP C 159 -46.28 11.25 -7.26
C ASP C 159 -46.44 11.94 -8.62
N LEU C 160 -46.81 11.16 -9.63
CA LEU C 160 -46.92 11.71 -10.98
CA LEU C 160 -46.92 11.70 -10.98
C LEU C 160 -47.98 12.80 -11.07
N ASN C 161 -49.00 12.74 -10.21
CA ASN C 161 -50.01 13.80 -10.21
C ASN C 161 -49.42 15.10 -9.67
N LYS C 162 -48.55 15.02 -8.67
CA LYS C 162 -47.88 16.23 -8.19
C LYS C 162 -46.97 16.81 -9.27
N LEU C 163 -46.27 15.96 -10.01
CA LEU C 163 -45.44 16.45 -11.10
C LEU C 163 -46.29 17.11 -12.18
N ALA C 164 -47.38 16.44 -12.58
CA ALA C 164 -48.27 17.02 -13.58
C ALA C 164 -48.82 18.36 -13.12
N THR C 165 -49.21 18.45 -11.84
CA THR C 165 -49.73 19.72 -11.32
C THR C 165 -48.68 20.82 -11.36
N LEU C 166 -47.44 20.49 -10.99
CA LEU C 166 -46.39 21.50 -11.02
C LEU C 166 -46.16 22.01 -12.43
N ILE C 167 -46.13 21.10 -13.41
CA ILE C 167 -45.95 21.49 -14.81
C ILE C 167 -47.09 22.41 -15.25
N LYS C 168 -48.33 22.03 -14.94
CA LYS C 168 -49.48 22.83 -15.33
C LYS C 168 -49.44 24.19 -14.65
N GLU C 169 -49.10 24.24 -13.36
CA GLU C 169 -49.20 25.49 -12.62
C GLU C 169 -48.02 26.43 -12.86
N LYS C 170 -46.82 25.89 -13.07
CA LYS C 170 -45.65 26.74 -13.23
C LYS C 170 -45.19 26.88 -14.67
N GLY C 171 -45.51 25.92 -15.54
CA GLY C 171 -45.02 25.93 -16.90
C GLY C 171 -43.71 25.19 -17.03
N ALA C 172 -43.61 24.33 -18.04
CA ALA C 172 -42.42 23.50 -18.21
C ALA C 172 -41.16 24.34 -18.32
N GLU C 173 -41.25 25.49 -19.00
CA GLU C 173 -40.08 26.34 -19.20
CA GLU C 173 -40.07 26.32 -19.20
C GLU C 173 -39.54 26.90 -17.89
N ASN C 174 -40.34 26.88 -16.83
CA ASN C 174 -39.91 27.41 -15.54
C ASN C 174 -39.43 26.33 -14.59
N ILE C 175 -39.36 25.09 -15.05
CA ILE C 175 -38.78 24.00 -14.28
C ILE C 175 -37.36 23.80 -14.80
N ALA C 176 -36.38 24.09 -13.94
CA ALA C 176 -34.99 23.89 -14.33
C ALA C 176 -34.71 22.42 -14.59
N TYR C 177 -35.09 21.57 -13.65
CA TYR C 177 -34.97 20.13 -13.81
C TYR C 177 -35.74 19.43 -12.71
N ILE C 178 -36.02 18.16 -12.95
CA ILE C 178 -36.49 17.23 -11.93
C ILE C 178 -35.26 16.58 -11.32
N CYS C 179 -35.14 16.65 -10.00
CA CYS C 179 -34.03 16.05 -9.28
C CYS C 179 -34.56 14.77 -8.62
N LEU C 180 -34.34 13.64 -9.27
CA LEU C 180 -34.83 12.36 -8.79
C LEU C 180 -33.71 11.68 -8.01
N ALA C 181 -33.92 11.46 -6.72
CA ALA C 181 -32.92 10.87 -5.85
C ALA C 181 -33.15 9.38 -5.69
N VAL C 182 -32.07 8.61 -5.73
CA VAL C 182 -32.11 7.17 -5.46
C VAL C 182 -30.97 6.84 -4.49
N THR C 183 -31.29 6.18 -3.38
CA THR C 183 -32.60 6.10 -2.74
C THR C 183 -32.95 7.47 -2.15
N VAL C 184 -34.05 7.54 -1.39
CA VAL C 184 -34.52 8.80 -0.79
C VAL C 184 -34.10 8.83 0.67
N ASN C 185 -33.11 9.68 0.96
CA ASN C 185 -32.47 9.68 2.27
CA ASN C 185 -32.47 9.68 2.27
C ASN C 185 -33.42 10.15 3.37
N LEU C 186 -34.19 11.22 3.12
CA LEU C 186 -35.01 11.83 4.16
C LEU C 186 -36.12 10.90 4.64
N ALA C 187 -36.56 9.97 3.80
CA ALA C 187 -37.54 8.96 4.20
C ALA C 187 -36.90 7.72 4.82
N GLY C 188 -35.60 7.74 5.06
CA GLY C 188 -34.89 6.61 5.63
C GLY C 188 -34.14 5.75 4.66
N GLY C 189 -33.89 6.23 3.43
CA GLY C 189 -33.22 5.42 2.43
C GLY C 189 -34.18 4.57 1.62
N GLN C 190 -35.32 5.17 1.21
CA GLN C 190 -36.37 4.38 0.55
C GLN C 190 -36.16 4.37 -0.97
N PRO C 191 -36.37 3.22 -1.60
CA PRO C 191 -36.09 3.11 -3.04
C PRO C 191 -37.19 3.69 -3.91
N VAL C 192 -36.80 3.94 -5.16
CA VAL C 192 -37.68 4.37 -6.24
C VAL C 192 -37.80 3.22 -7.24
N SER C 193 -39.01 2.94 -7.69
CA SER C 193 -39.22 1.85 -8.63
C SER C 193 -38.79 2.25 -10.04
N MET C 194 -38.43 1.24 -10.84
CA MET C 194 -38.15 1.47 -12.25
C MET C 194 -39.37 2.03 -12.97
N ALA C 195 -40.56 1.51 -12.63
CA ALA C 195 -41.77 2.03 -13.26
C ALA C 195 -41.90 3.52 -13.05
N ASN C 196 -41.55 3.98 -11.85
CA ASN C 196 -41.67 5.40 -11.54
C ASN C 196 -40.63 6.21 -12.30
N MET C 197 -39.38 5.74 -12.34
CA MET C 197 -38.36 6.43 -13.14
C MET C 197 -38.78 6.53 -14.60
N ARG C 198 -39.32 5.44 -15.15
CA ARG C 198 -39.75 5.45 -16.54
C ARG C 198 -40.90 6.43 -16.77
N ALA C 199 -41.88 6.44 -15.85
CA ALA C 199 -43.03 7.32 -16.00
C ALA C 199 -42.64 8.78 -15.87
N VAL C 200 -41.73 9.08 -14.94
CA VAL C 200 -41.25 10.46 -14.80
C VAL C 200 -40.54 10.89 -16.07
N HIS C 201 -39.71 10.01 -16.63
CA HIS C 201 -39.02 10.34 -17.86
C HIS C 201 -39.98 10.58 -19.02
N GLU C 202 -41.03 9.77 -19.12
CA GLU C 202 -41.98 9.95 -20.21
C GLU C 202 -42.69 11.29 -20.09
N MET C 203 -43.15 11.64 -18.89
CA MET C 203 -43.84 12.92 -18.71
C MET C 203 -42.88 14.07 -18.99
N ALA C 204 -41.66 14.00 -18.47
CA ALA C 204 -40.69 15.05 -18.73
C ALA C 204 -40.39 15.17 -20.22
N SER C 205 -40.30 14.05 -20.93
CA SER C 205 -39.99 14.09 -22.35
CA SER C 205 -39.98 14.10 -22.35
CA SER C 205 -39.99 14.09 -22.35
C SER C 205 -41.06 14.84 -23.13
N THR C 206 -42.32 14.71 -22.74
CA THR C 206 -43.40 15.40 -23.41
C THR C 206 -43.22 16.91 -23.36
N TYR C 207 -42.65 17.42 -22.27
CA TYR C 207 -42.51 18.85 -22.05
C TYR C 207 -41.08 19.36 -22.19
N GLY C 208 -40.12 18.50 -22.53
CA GLY C 208 -38.74 18.91 -22.67
C GLY C 208 -38.04 19.22 -21.36
N ILE C 209 -38.53 18.70 -20.23
CA ILE C 209 -37.93 18.99 -18.94
C ILE C 209 -36.78 18.03 -18.68
N LYS C 210 -35.64 18.56 -18.24
CA LYS C 210 -34.49 17.74 -17.94
C LYS C 210 -34.66 17.03 -16.61
N ILE C 211 -34.05 15.85 -16.52
CA ILE C 211 -34.02 15.05 -15.30
C ILE C 211 -32.56 14.79 -14.95
N PHE C 212 -32.16 15.13 -13.72
CA PHE C 212 -30.84 14.78 -13.22
C PHE C 212 -31.02 13.97 -11.95
N TYR C 213 -30.36 12.82 -11.86
CA TYR C 213 -30.47 12.00 -10.67
C TYR C 213 -29.47 12.46 -9.61
N ASP C 214 -29.92 12.47 -8.35
CA ASP C 214 -29.04 12.49 -7.18
C ASP C 214 -28.85 11.01 -6.88
N ALA C 215 -27.72 10.46 -7.32
CA ALA C 215 -27.60 9.02 -7.53
C ALA C 215 -26.76 8.31 -6.47
N THR C 216 -26.53 8.95 -5.33
CA THR C 216 -25.51 8.46 -4.38
C THR C 216 -25.73 7.01 -3.94
N ARG C 217 -26.97 6.57 -3.80
CA ARG C 217 -27.27 5.19 -3.39
C ARG C 217 -28.04 4.44 -4.46
N CYS C 218 -27.62 4.63 -5.72
CA CYS C 218 -28.32 4.01 -6.86
C CYS C 218 -28.19 2.49 -6.86
N VAL C 219 -27.11 1.93 -6.30
CA VAL C 219 -26.95 0.48 -6.32
C VAL C 219 -27.83 -0.17 -5.26
N GLU C 220 -27.89 0.40 -4.06
CA GLU C 220 -28.88 -0.03 -3.08
C GLU C 220 -30.26 0.02 -3.70
N ASN C 221 -30.55 1.10 -4.44
CA ASN C 221 -31.85 1.21 -5.09
C ASN C 221 -32.08 0.07 -6.07
N ALA C 222 -31.07 -0.23 -6.90
CA ALA C 222 -31.17 -1.32 -7.86
C ALA C 222 -31.46 -2.64 -7.17
N TYR C 223 -30.87 -2.87 -6.00
CA TYR C 223 -31.16 -4.11 -5.28
C TYR C 223 -32.63 -4.21 -4.93
N PHE C 224 -33.22 -3.13 -4.42
CA PHE C 224 -34.63 -3.17 -4.06
C PHE C 224 -35.50 -3.47 -5.28
N ILE C 225 -35.14 -2.90 -6.43
CA ILE C 225 -35.86 -3.21 -7.67
C ILE C 225 -35.78 -4.70 -7.98
N LYS C 226 -34.56 -5.26 -7.96
CA LYS C 226 -34.39 -6.68 -8.23
C LYS C 226 -35.19 -7.53 -7.26
N GLU C 227 -35.18 -7.17 -5.98
CA GLU C 227 -35.81 -7.99 -4.97
C GLU C 227 -37.33 -7.90 -5.04
N GLN C 228 -37.88 -6.72 -5.38
CA GLN C 228 -39.28 -6.44 -5.10
C GLN C 228 -40.12 -5.99 -6.29
N GLU C 229 -39.52 -5.52 -7.38
CA GLU C 229 -40.33 -4.99 -8.47
C GLU C 229 -40.69 -6.07 -9.48
N ALA C 230 -41.98 -6.14 -9.85
CA ALA C 230 -42.44 -7.14 -10.79
C ALA C 230 -41.65 -7.08 -12.08
N GLY C 231 -41.19 -8.24 -12.54
CA GLY C 231 -40.44 -8.35 -13.77
C GLY C 231 -38.94 -8.26 -13.63
N TYR C 232 -38.42 -7.94 -12.45
CA TYR C 232 -36.98 -7.71 -12.27
C TYR C 232 -36.26 -8.83 -11.54
N GLU C 233 -36.96 -9.89 -11.15
CA GLU C 233 -36.37 -10.94 -10.32
CA GLU C 233 -36.35 -10.93 -10.32
C GLU C 233 -35.08 -11.49 -10.94
N ASN C 234 -35.07 -11.68 -12.26
CA ASN C 234 -33.94 -12.32 -12.94
C ASN C 234 -33.08 -11.35 -13.74
N VAL C 235 -33.20 -10.05 -13.50
CA VAL C 235 -32.38 -9.05 -14.18
C VAL C 235 -31.15 -8.77 -13.32
N SER C 236 -30.00 -8.62 -13.96
CA SER C 236 -28.79 -8.36 -13.17
C SER C 236 -28.80 -6.95 -12.58
N ILE C 237 -28.08 -6.79 -11.47
CA ILE C 237 -27.90 -5.46 -10.90
C ILE C 237 -27.35 -4.49 -11.93
N LYS C 238 -26.33 -4.93 -12.70
CA LYS C 238 -25.73 -4.10 -13.73
C LYS C 238 -26.79 -3.62 -14.72
N ASP C 239 -27.66 -4.52 -15.18
CA ASP C 239 -28.65 -4.11 -16.17
C ASP C 239 -29.73 -3.23 -15.55
N ILE C 240 -30.05 -3.43 -14.26
CA ILE C 240 -30.99 -2.54 -13.58
C ILE C 240 -30.41 -1.14 -13.47
N VAL C 241 -29.14 -1.05 -13.04
CA VAL C 241 -28.50 0.26 -12.92
C VAL C 241 -28.49 0.98 -14.27
N HIS C 242 -28.12 0.26 -15.33
CA HIS C 242 -28.07 0.89 -16.64
C HIS C 242 -29.44 1.40 -17.05
N GLU C 243 -30.48 0.61 -16.81
CA GLU C 243 -31.83 1.07 -17.17
C GLU C 243 -32.24 2.27 -16.33
N MET C 244 -31.94 2.27 -15.02
CA MET C 244 -32.28 3.43 -14.19
C MET C 244 -31.78 4.72 -14.83
N PHE C 245 -30.50 4.74 -15.19
CA PHE C 245 -29.91 5.97 -15.69
C PHE C 245 -30.36 6.30 -17.11
N SER C 246 -30.93 5.33 -17.83
CA SER C 246 -31.47 5.62 -19.16
C SER C 246 -32.64 6.58 -19.09
N TYR C 247 -33.23 6.76 -17.90
CA TYR C 247 -34.35 7.66 -17.71
C TYR C 247 -33.93 9.03 -17.22
N ALA C 248 -32.64 9.36 -17.33
CA ALA C 248 -32.09 10.61 -16.85
C ALA C 248 -31.24 11.26 -17.93
N ASP C 249 -31.08 12.58 -17.81
CA ASP C 249 -30.17 13.34 -18.68
C ASP C 249 -28.78 13.49 -18.09
N GLY C 250 -28.60 13.09 -16.84
CA GLY C 250 -27.31 13.18 -16.18
C GLY C 250 -27.50 12.83 -14.71
N CYS C 251 -26.42 12.97 -13.95
CA CYS C 251 -26.50 12.68 -12.52
C CYS C 251 -25.38 13.38 -11.78
N THR C 252 -25.59 13.58 -10.49
CA THR C 252 -24.53 13.84 -9.55
C THR C 252 -24.32 12.57 -8.73
N MET C 253 -23.07 12.15 -8.58
CA MET C 253 -22.78 10.91 -7.88
C MET C 253 -21.77 11.17 -6.76
N SER C 254 -22.00 10.54 -5.62
CA SER C 254 -21.01 10.47 -4.56
C SER C 254 -20.42 9.07 -4.57
N GLY C 255 -19.14 8.97 -4.92
CA GLY C 255 -18.48 7.68 -4.82
C GLY C 255 -18.38 7.21 -3.38
N LYS C 256 -18.39 8.16 -2.44
CA LYS C 256 -18.32 7.90 -1.02
C LYS C 256 -19.47 7.05 -0.52
N LYS C 257 -20.54 6.95 -1.30
CA LYS C 257 -21.62 6.05 -0.94
C LYS C 257 -21.46 4.77 -1.76
N ASP C 258 -22.22 4.60 -2.84
CA ASP C 258 -22.28 3.29 -3.47
C ASP C 258 -21.08 2.91 -4.35
N CYS C 259 -20.08 3.78 -4.55
CA CYS C 259 -18.89 3.34 -5.27
C CYS C 259 -17.82 2.76 -4.36
N LEU C 260 -18.12 2.54 -3.08
CA LEU C 260 -17.24 1.76 -2.22
C LEU C 260 -15.88 2.44 -2.02
N VAL C 261 -15.88 3.78 -1.94
CA VAL C 261 -14.64 4.52 -1.73
C VAL C 261 -14.76 5.46 -0.54
N ASN C 262 -13.62 6.07 -0.20
CA ASN C 262 -13.53 6.97 0.93
C ASN C 262 -13.56 8.43 0.51
N ILE C 263 -13.42 8.69 -0.79
CA ILE C 263 -13.48 10.04 -1.35
C ILE C 263 -13.76 9.85 -2.84
N GLY C 264 -14.37 10.86 -3.46
CA GLY C 264 -14.64 10.80 -4.88
C GLY C 264 -16.10 11.02 -5.24
N GLY C 265 -16.32 11.63 -6.39
CA GLY C 265 -17.64 11.79 -6.95
C GLY C 265 -17.52 12.18 -8.41
N PHE C 266 -18.66 12.47 -9.04
CA PHE C 266 -18.61 12.90 -10.42
C PHE C 266 -19.96 13.44 -10.86
N LEU C 267 -19.91 14.22 -11.94
CA LEU C 267 -21.07 14.73 -12.65
C LEU C 267 -21.10 14.06 -14.01
N CYS C 268 -22.25 13.51 -14.38
CA CYS C 268 -22.44 12.96 -15.72
C CYS C 268 -23.51 13.74 -16.46
N MET C 269 -23.36 13.81 -17.78
CA MET C 269 -24.41 14.40 -18.60
C MET C 269 -24.27 13.89 -20.02
N ASN C 270 -25.36 14.00 -20.77
CA ASN C 270 -25.35 13.66 -22.18
C ASN C 270 -25.13 14.85 -23.09
N ASP C 271 -25.50 16.05 -22.64
CA ASP C 271 -25.53 17.22 -23.51
C ASP C 271 -24.13 17.79 -23.70
N GLU C 272 -23.75 18.02 -24.96
CA GLU C 272 -22.41 18.52 -25.30
CA GLU C 272 -22.40 18.50 -25.26
C GLU C 272 -22.16 19.92 -24.73
N GLU C 273 -23.14 20.81 -24.91
CA GLU C 273 -22.94 22.18 -24.44
C GLU C 273 -22.81 22.23 -22.92
N MET C 274 -23.61 21.44 -22.22
CA MET C 274 -23.50 21.38 -20.77
CA MET C 274 -23.48 21.40 -20.77
C MET C 274 -22.14 20.83 -20.34
N PHE C 275 -21.66 19.80 -21.05
CA PHE C 275 -20.34 19.24 -20.77
C PHE C 275 -19.25 20.30 -20.91
N SER C 276 -19.28 21.05 -22.03
CA SER C 276 -18.30 22.11 -22.22
CA SER C 276 -18.30 22.11 -22.22
C SER C 276 -18.37 23.15 -21.11
N ALA C 277 -19.59 23.56 -20.74
CA ALA C 277 -19.74 24.54 -19.68
C ALA C 277 -19.30 23.98 -18.33
N ALA C 278 -19.58 22.69 -18.08
CA ALA C 278 -19.17 22.08 -16.82
C ALA C 278 -17.65 22.04 -16.71
N LYS C 279 -16.97 21.77 -17.81
CA LYS C 279 -15.50 21.73 -17.80
C LYS C 279 -14.91 23.11 -17.51
N GLU C 280 -15.51 24.18 -18.04
CA GLU C 280 -15.08 25.52 -17.69
C GLU C 280 -15.18 25.75 -16.21
N LEU C 281 -16.30 25.36 -15.62
CA LEU C 281 -16.62 25.68 -14.24
C LEU C 281 -15.79 24.83 -13.28
N VAL C 282 -15.55 23.56 -13.62
CA VAL C 282 -14.87 22.68 -12.67
C VAL C 282 -13.48 23.21 -12.38
N VAL C 283 -12.86 23.88 -13.35
CA VAL C 283 -11.47 24.33 -13.20
C VAL C 283 -11.31 25.17 -11.94
N VAL C 284 -12.25 26.07 -11.69
CA VAL C 284 -12.04 27.01 -10.58
C VAL C 284 -12.46 26.46 -9.22
N TYR C 285 -13.39 25.50 -9.17
CA TYR C 285 -13.84 24.97 -7.89
C TYR C 285 -13.16 23.67 -7.49
N GLU C 286 -12.91 22.77 -8.44
CA GLU C 286 -12.40 21.44 -8.13
C GLU C 286 -11.00 21.19 -8.67
N GLY C 287 -10.76 21.53 -9.93
CA GLY C 287 -9.54 21.20 -10.63
C GLY C 287 -9.86 21.00 -12.09
N MET C 288 -8.83 20.63 -12.85
CA MET C 288 -9.04 20.45 -14.29
C MET C 288 -10.03 19.30 -14.54
N PRO C 289 -10.69 19.30 -15.70
CA PRO C 289 -11.66 18.22 -16.01
C PRO C 289 -11.04 16.84 -16.01
N SER C 290 -9.71 16.75 -16.09
CA SER C 290 -8.95 15.52 -16.13
C SER C 290 -8.66 14.92 -14.76
N TYR C 291 -9.08 15.58 -13.67
CA TYR C 291 -8.92 14.99 -12.33
C TYR C 291 -9.97 15.49 -11.34
N GLY C 292 -10.49 16.71 -11.52
CA GLY C 292 -11.66 17.13 -10.75
C GLY C 292 -11.48 17.13 -9.24
N GLY C 293 -10.30 17.47 -8.75
CA GLY C 293 -10.09 17.51 -7.32
C GLY C 293 -9.80 16.17 -6.68
N LEU C 294 -9.47 15.16 -7.48
CA LEU C 294 -9.10 13.84 -7.01
C LEU C 294 -7.69 13.49 -7.44
N ALA C 295 -6.97 12.82 -6.55
CA ALA C 295 -5.74 12.16 -6.96
C ALA C 295 -6.06 11.08 -7.98
N GLY C 296 -5.09 10.81 -8.87
CA GLY C 296 -5.29 9.75 -9.84
C GLY C 296 -5.66 8.42 -9.20
N ARG C 297 -4.98 8.09 -8.10
CA ARG C 297 -5.27 6.83 -7.41
C ARG C 297 -6.73 6.74 -6.98
N ASP C 298 -7.37 7.87 -6.68
CA ASP C 298 -8.76 7.85 -6.24
C ASP C 298 -9.73 7.71 -7.42
N MET C 299 -9.41 8.30 -8.57
CA MET C 299 -10.19 7.98 -9.76
C MET C 299 -10.14 6.48 -10.04
N GLU C 300 -8.96 5.88 -9.87
CA GLU C 300 -8.80 4.44 -10.06
C GLU C 300 -9.63 3.66 -9.06
N ALA C 301 -9.52 3.99 -7.77
CA ALA C 301 -10.24 3.23 -6.75
C ALA C 301 -11.74 3.34 -6.94
N MET C 302 -12.22 4.52 -7.35
CA MET C 302 -13.65 4.71 -7.58
C MET C 302 -14.13 3.92 -8.79
N ALA C 303 -13.33 3.87 -9.86
CA ALA C 303 -13.69 3.06 -11.02
C ALA C 303 -13.81 1.60 -10.63
N ILE C 304 -12.84 1.10 -9.86
CA ILE C 304 -12.86 -0.31 -9.46
C ILE C 304 -14.05 -0.57 -8.54
N GLY C 305 -14.28 0.34 -7.59
CA GLY C 305 -15.35 0.13 -6.61
C GLY C 305 -16.73 0.15 -7.23
N LEU C 306 -16.97 1.03 -8.19
CA LEU C 306 -18.28 1.05 -8.84
C LEU C 306 -18.56 -0.28 -9.52
N ARG C 307 -17.54 -0.86 -10.15
CA ARG C 307 -17.72 -2.17 -10.77
C ARG C 307 -17.98 -3.24 -9.72
N GLU C 308 -17.27 -3.19 -8.59
CA GLU C 308 -17.51 -4.16 -7.51
C GLU C 308 -18.92 -4.07 -6.99
N ALA C 309 -19.49 -2.86 -6.97
CA ALA C 309 -20.83 -2.67 -6.41
C ALA C 309 -21.88 -3.40 -7.24
N MET C 310 -21.57 -3.77 -8.48
CA MET C 310 -22.54 -4.47 -9.33
C MET C 310 -22.71 -5.93 -8.94
N GLN C 311 -21.85 -6.48 -8.09
CA GLN C 311 -21.96 -7.88 -7.73
C GLN C 311 -23.22 -8.11 -6.90
N TYR C 312 -24.12 -8.96 -7.41
CA TYR C 312 -25.40 -9.19 -6.74
C TYR C 312 -25.23 -9.53 -5.28
N GLU C 313 -24.37 -10.50 -4.97
CA GLU C 313 -24.26 -10.96 -3.59
C GLU C 313 -23.75 -9.86 -2.67
N TYR C 314 -22.88 -8.99 -3.17
CA TYR C 314 -22.40 -7.87 -2.36
C TYR C 314 -23.56 -6.96 -1.97
N ILE C 315 -24.36 -6.50 -2.93
CA ILE C 315 -25.39 -5.52 -2.59
C ILE C 315 -26.55 -6.17 -1.83
N GLU C 316 -26.87 -7.43 -2.15
CA GLU C 316 -27.86 -8.18 -1.37
C GLU C 316 -27.44 -8.24 0.10
N HIS C 317 -26.20 -8.62 0.36
CA HIS C 317 -25.72 -8.67 1.73
C HIS C 317 -25.73 -7.29 2.36
N ARG C 318 -25.29 -6.27 1.61
CA ARG C 318 -25.25 -4.93 2.16
C ARG C 318 -26.62 -4.54 2.71
N VAL C 319 -27.65 -4.69 1.88
CA VAL C 319 -29.01 -4.26 2.25
C VAL C 319 -29.57 -5.18 3.33
N LYS C 320 -29.32 -6.48 3.22
CA LYS C 320 -29.87 -7.40 4.23
C LYS C 320 -29.19 -7.27 5.58
N GLN C 321 -27.94 -6.80 5.62
CA GLN C 321 -27.32 -6.54 6.91
C GLN C 321 -28.00 -5.39 7.63
N VAL C 322 -28.31 -4.30 6.91
CA VAL C 322 -29.09 -3.22 7.50
C VAL C 322 -30.46 -3.74 7.92
N ARG C 323 -31.07 -4.57 7.08
CA ARG C 323 -32.40 -5.12 7.38
C ARG C 323 -32.36 -5.95 8.66
N TYR C 324 -31.29 -6.72 8.85
CA TYR C 324 -31.13 -7.53 10.05
C TYR C 324 -31.18 -6.66 11.30
N LEU C 325 -30.45 -5.54 11.30
CA LEU C 325 -30.49 -4.63 12.42
C LEU C 325 -31.91 -4.13 12.68
N GLY C 326 -32.61 -3.72 11.62
CA GLY C 326 -33.99 -3.29 11.77
C GLY C 326 -34.89 -4.39 12.29
N ASP C 327 -34.72 -5.62 11.77
CA ASP C 327 -35.54 -6.74 12.22
C ASP C 327 -35.34 -7.04 13.70
N LYS C 328 -34.09 -7.04 14.17
CA LYS C 328 -33.84 -7.34 15.57
CA LYS C 328 -33.82 -7.33 15.57
C LYS C 328 -34.45 -6.28 16.48
N LEU C 329 -34.36 -5.01 16.08
CA LEU C 329 -34.97 -3.94 16.87
C LEU C 329 -36.49 -4.05 16.85
N ARG C 330 -37.08 -4.28 15.67
CA ARG C 330 -38.53 -4.38 15.56
C ARG C 330 -39.07 -5.53 16.39
N GLU C 331 -38.39 -6.69 16.36
CA GLU C 331 -38.85 -7.85 17.11
CA GLU C 331 -38.91 -7.82 17.10
C GLU C 331 -38.90 -7.58 18.61
N ALA C 332 -38.06 -6.67 19.09
CA ALA C 332 -38.03 -6.26 20.49
C ALA C 332 -38.94 -5.08 20.79
N GLY C 333 -39.65 -4.56 19.80
CA GLY C 333 -40.55 -3.44 20.02
C GLY C 333 -39.91 -2.08 20.02
N VAL C 334 -38.66 -1.97 19.59
CA VAL C 334 -38.02 -0.65 19.53
C VAL C 334 -38.61 0.13 18.37
N PRO C 335 -39.00 1.39 18.56
CA PRO C 335 -39.66 2.15 17.47
C PRO C 335 -38.63 2.66 16.46
N ILE C 336 -38.87 2.34 15.18
CA ILE C 336 -37.95 2.68 14.10
C ILE C 336 -38.76 3.16 12.90
N VAL C 337 -38.09 3.92 12.03
CA VAL C 337 -38.69 4.30 10.76
C VAL C 337 -38.83 3.05 9.89
N GLU C 338 -39.97 2.94 9.20
CA GLU C 338 -40.29 1.75 8.42
C GLU C 338 -40.53 2.10 6.96
N PRO C 339 -40.31 1.15 6.04
CA PRO C 339 -39.52 -0.07 6.26
C PRO C 339 -38.05 0.32 6.29
N THR C 340 -37.15 -0.62 6.59
CA THR C 340 -35.73 -0.27 6.63
CA THR C 340 -35.75 -0.21 6.63
C THR C 340 -35.22 0.06 5.23
N GLY C 341 -34.48 1.15 5.10
CA GLY C 341 -33.89 1.54 3.84
C GLY C 341 -32.59 0.82 3.56
N GLY C 342 -31.88 1.33 2.54
CA GLY C 342 -30.71 0.62 2.08
C GLY C 342 -29.48 0.77 2.94
N HIS C 343 -29.38 1.82 3.75
CA HIS C 343 -28.10 2.22 4.31
C HIS C 343 -28.14 2.51 5.80
N ALA C 344 -29.31 2.50 6.43
CA ALA C 344 -29.40 2.99 7.80
C ALA C 344 -30.70 2.49 8.42
N VAL C 345 -30.72 2.46 9.75
CA VAL C 345 -31.93 2.30 10.55
C VAL C 345 -32.07 3.58 11.37
N PHE C 346 -33.27 4.13 11.42
CA PHE C 346 -33.55 5.35 12.17
C PHE C 346 -34.41 5.00 13.38
N LEU C 347 -33.90 5.26 14.58
CA LEU C 347 -34.68 5.11 15.79
C LEU C 347 -35.57 6.33 15.98
N ASP C 348 -36.80 6.11 16.43
CA ASP C 348 -37.70 7.20 16.77
C ASP C 348 -37.45 7.56 18.24
N ALA C 349 -36.69 8.64 18.46
CA ALA C 349 -36.31 9.00 19.82
C ALA C 349 -37.47 9.62 20.60
N ARG C 350 -38.48 10.15 19.91
CA ARG C 350 -39.67 10.64 20.60
C ARG C 350 -40.35 9.49 21.34
N ARG C 351 -40.57 8.38 20.65
CA ARG C 351 -41.20 7.22 21.28
C ARG C 351 -40.23 6.46 22.18
N PHE C 352 -38.93 6.50 21.88
CA PHE C 352 -37.96 5.88 22.78
C PHE C 352 -37.94 6.58 24.12
N CYS C 353 -38.19 7.89 24.15
CA CYS C 353 -38.02 8.69 25.36
C CYS C 353 -39.30 9.49 25.62
N PRO C 354 -40.41 8.80 25.92
CA PRO C 354 -41.67 9.51 26.12
C PRO C 354 -41.71 10.37 27.37
N HIS C 355 -40.72 10.22 28.26
CA HIS C 355 -40.60 11.02 29.48
C HIS C 355 -39.87 12.34 29.23
N LEU C 356 -39.39 12.59 28.02
CA LEU C 356 -38.67 13.80 27.67
C LEU C 356 -39.48 14.60 26.67
N THR C 357 -39.44 15.92 26.78
CA THR C 357 -39.98 16.78 25.75
C THR C 357 -38.92 17.00 24.67
N GLN C 358 -39.35 17.43 23.49
CA GLN C 358 -38.40 17.60 22.40
C GLN C 358 -37.34 18.65 22.73
N ASP C 359 -37.70 19.68 23.51
CA ASP C 359 -36.75 20.69 23.94
CA ASP C 359 -36.70 20.67 23.87
C ASP C 359 -35.72 20.18 24.94
N GLN C 360 -35.84 18.92 25.37
CA GLN C 360 -34.85 18.26 26.21
C GLN C 360 -33.97 17.33 25.38
N PHE C 361 -34.11 17.38 24.06
CA PHE C 361 -33.20 16.77 23.07
C PHE C 361 -33.13 15.27 23.22
N PRO C 362 -34.26 14.56 23.09
CA PRO C 362 -34.22 13.10 23.29
C PRO C 362 -33.34 12.37 22.29
N ALA C 363 -33.31 12.78 21.02
CA ALA C 363 -32.43 12.11 20.07
C ALA C 363 -30.97 12.31 20.46
N GLN C 364 -30.60 13.54 20.83
CA GLN C 364 -29.22 13.80 21.23
C GLN C 364 -28.84 12.96 22.44
N SER C 365 -29.75 12.89 23.43
CA SER C 365 -29.44 12.12 24.62
CA SER C 365 -29.49 12.12 24.64
C SER C 365 -29.42 10.62 24.35
N LEU C 366 -30.36 10.12 23.53
CA LEU C 366 -30.34 8.70 23.18
C LEU C 366 -29.03 8.33 22.47
N ALA C 367 -28.56 9.17 21.55
CA ALA C 367 -27.28 8.90 20.91
C ALA C 367 -26.16 8.81 21.94
N ALA C 368 -26.15 9.72 22.91
CA ALA C 368 -25.13 9.67 23.96
C ALA C 368 -25.23 8.39 24.77
N SER C 369 -26.45 7.99 25.14
CA SER C 369 -26.66 6.76 25.89
C SER C 369 -26.19 5.54 25.13
N ILE C 370 -26.47 5.49 23.83
CA ILE C 370 -26.05 4.34 23.02
C ILE C 370 -24.53 4.21 23.06
N TYR C 371 -23.82 5.33 22.88
CA TYR C 371 -22.36 5.26 22.97
C TYR C 371 -21.91 4.79 24.35
N MET C 372 -22.47 5.37 25.40
CA MET C 372 -22.00 5.03 26.74
C MET C 372 -22.21 3.56 27.03
N GLU C 373 -23.30 2.98 26.53
CA GLU C 373 -23.60 1.58 26.84
C GLU C 373 -22.90 0.58 25.94
N THR C 374 -22.42 0.98 24.76
CA THR C 374 -21.92 0.00 23.78
C THR C 374 -20.64 0.40 23.07
N GLY C 375 -20.26 1.66 23.03
CA GLY C 375 -19.20 2.07 22.13
C GLY C 375 -19.63 2.27 20.70
N VAL C 376 -20.93 2.31 20.44
CA VAL C 376 -21.50 2.58 19.12
C VAL C 376 -21.79 4.07 19.02
N ARG C 377 -21.27 4.72 17.96
CA ARG C 377 -21.62 6.09 17.65
C ARG C 377 -22.75 6.15 16.63
N SER C 378 -23.75 6.99 16.91
CA SER C 378 -24.87 7.24 16.03
C SER C 378 -25.06 8.75 15.92
N MET C 379 -25.88 9.17 14.94
CA MET C 379 -26.04 10.58 14.64
C MET C 379 -27.40 11.11 15.08
N GLU C 380 -27.40 12.24 15.79
CA GLU C 380 -28.64 12.96 16.06
C GLU C 380 -29.19 13.52 14.75
N ARG C 381 -30.45 13.22 14.47
CA ARG C 381 -31.17 13.78 13.32
C ARG C 381 -32.53 14.22 13.85
N GLY C 382 -32.53 15.31 14.60
CA GLY C 382 -33.74 15.82 15.25
C GLY C 382 -33.64 17.29 15.51
N ILE C 383 -34.14 17.73 16.66
CA ILE C 383 -34.27 19.15 16.95
C ILE C 383 -32.92 19.86 16.94
N VAL C 384 -31.87 19.21 17.44
CA VAL C 384 -30.58 19.91 17.48
C VAL C 384 -30.08 20.17 16.06
N SER C 385 -30.08 19.13 15.22
CA SER C 385 -29.64 19.28 13.83
C SER C 385 -30.54 20.22 13.05
N ALA C 386 -31.83 20.33 13.43
CA ALA C 386 -32.76 21.18 12.70
C ALA C 386 -32.46 22.65 12.88
N GLY C 387 -31.72 23.01 13.92
CA GLY C 387 -31.33 24.39 14.13
C GLY C 387 -32.44 25.22 14.75
N ARG C 388 -32.11 26.46 15.02
CA ARG C 388 -33.09 27.36 15.59
CA ARG C 388 -33.00 27.44 15.64
C ARG C 388 -33.48 28.43 14.58
N SER C 389 -34.75 28.82 14.66
CA SER C 389 -35.40 29.57 13.58
C SER C 389 -34.67 30.85 13.22
N LYS C 390 -34.64 31.13 11.91
CA LYS C 390 -33.94 32.29 11.37
C LYS C 390 -34.61 33.59 11.75
N GLU C 391 -35.93 33.57 11.97
CA GLU C 391 -36.70 34.78 12.20
C GLU C 391 -37.16 34.97 13.63
N THR C 392 -37.47 33.89 14.36
CA THR C 392 -38.02 34.02 15.70
C THR C 392 -37.04 33.62 16.79
N GLY C 393 -35.88 33.05 16.44
CA GLY C 393 -34.94 32.62 17.45
C GLY C 393 -35.40 31.44 18.28
N GLU C 394 -36.46 30.76 17.87
CA GLU C 394 -36.95 29.58 18.56
C GLU C 394 -36.44 28.33 17.83
N ASN C 395 -36.36 27.23 18.59
CA ASN C 395 -36.00 25.95 17.98
C ASN C 395 -37.11 25.48 17.06
N HIS C 396 -36.71 24.81 15.98
CA HIS C 396 -37.68 24.08 15.17
C HIS C 396 -38.06 22.80 15.92
N ARG C 397 -39.29 22.33 15.66
CA ARG C 397 -39.81 21.12 16.27
C ARG C 397 -40.07 20.09 15.18
N PRO C 398 -39.01 19.49 14.63
CA PRO C 398 -39.21 18.58 13.50
C PRO C 398 -40.03 17.36 13.90
N LYS C 399 -40.91 16.94 12.98
CA LYS C 399 -41.69 15.73 13.19
C LYS C 399 -40.78 14.54 13.45
N LEU C 400 -39.70 14.40 12.68
CA LEU C 400 -38.75 13.31 12.85
C LEU C 400 -37.71 13.73 13.88
N GLU C 401 -37.76 13.10 15.04
CA GLU C 401 -36.77 13.26 16.10
C GLU C 401 -36.09 11.89 16.17
N THR C 402 -35.01 11.72 15.40
CA THR C 402 -34.47 10.39 15.18
C THR C 402 -32.99 10.33 15.54
N VAL C 403 -32.55 9.10 15.78
CA VAL C 403 -31.14 8.75 15.91
C VAL C 403 -30.83 7.83 14.74
N ARG C 404 -29.82 8.20 13.96
CA ARG C 404 -29.50 7.46 12.74
C ARG C 404 -28.37 6.47 13.01
N LEU C 405 -28.63 5.20 12.72
CA LEU C 405 -27.64 4.12 12.76
C LEU C 405 -27.27 3.86 11.31
N THR C 406 -26.19 4.49 10.85
CA THR C 406 -25.81 4.51 9.44
C THR C 406 -24.70 3.49 9.22
N ILE C 407 -24.87 2.61 8.24
CA ILE C 407 -24.03 1.42 8.15
C ILE C 407 -23.03 1.59 7.01
N PRO C 408 -21.74 1.75 7.29
CA PRO C 408 -20.74 1.73 6.21
C PRO C 408 -20.76 0.40 5.47
N ARG C 409 -20.31 0.41 4.22
CA ARG C 409 -20.31 -0.80 3.42
C ARG C 409 -19.06 -1.62 3.67
N ARG C 410 -19.24 -2.91 3.96
CA ARG C 410 -18.17 -3.91 4.08
C ARG C 410 -17.28 -3.73 5.30
N VAL C 411 -17.74 -3.04 6.34
CA VAL C 411 -16.92 -2.72 7.50
C VAL C 411 -17.27 -3.59 8.71
N TYR C 412 -18.55 -3.90 8.88
CA TYR C 412 -19.05 -4.54 10.10
C TYR C 412 -19.68 -5.89 9.76
N THR C 413 -19.89 -6.68 10.81
CA THR C 413 -20.45 -8.03 10.71
C THR C 413 -21.82 -8.07 11.38
N TYR C 414 -22.49 -9.22 11.28
CA TYR C 414 -23.74 -9.40 12.03
C TYR C 414 -23.50 -9.38 13.52
N ALA C 415 -22.32 -9.82 13.98
CA ALA C 415 -22.03 -9.75 15.41
C ALA C 415 -21.94 -8.31 15.88
N HIS C 416 -21.36 -7.43 15.04
CA HIS C 416 -21.41 -6.00 15.36
C HIS C 416 -22.84 -5.48 15.37
N MET C 417 -23.67 -5.92 14.41
CA MET C 417 -25.07 -5.52 14.42
C MET C 417 -25.74 -5.98 15.71
N ASP C 418 -25.37 -7.15 16.23
CA ASP C 418 -25.92 -7.61 17.51
C ASP C 418 -25.45 -6.74 18.67
N VAL C 419 -24.19 -6.29 18.67
CA VAL C 419 -23.76 -5.36 19.72
C VAL C 419 -24.66 -4.14 19.72
N VAL C 420 -24.92 -3.59 18.53
CA VAL C 420 -25.77 -2.42 18.38
C VAL C 420 -27.18 -2.71 18.88
N ALA C 421 -27.80 -3.76 18.31
CA ALA C 421 -29.18 -4.07 18.64
C ALA C 421 -29.34 -4.43 20.11
N ASP C 422 -28.47 -5.30 20.63
CA ASP C 422 -28.61 -5.73 22.02
C ASP C 422 -28.51 -4.54 22.97
N GLY C 423 -27.59 -3.62 22.71
CA GLY C 423 -27.43 -2.47 23.57
C GLY C 423 -28.62 -1.53 23.52
N ILE C 424 -29.16 -1.31 22.32
CA ILE C 424 -30.34 -0.46 22.19
C ILE C 424 -31.55 -1.10 22.86
N ILE C 425 -31.71 -2.42 22.69
CA ILE C 425 -32.84 -3.12 23.30
C ILE C 425 -32.73 -3.05 24.82
N LYS C 426 -31.52 -3.24 25.36
CA LYS C 426 -31.35 -3.14 26.81
C LYS C 426 -31.68 -1.73 27.31
N LEU C 427 -31.22 -0.70 26.59
CA LEU C 427 -31.61 0.67 26.94
C LEU C 427 -33.12 0.87 26.90
N TYR C 428 -33.78 0.30 25.88
CA TYR C 428 -35.21 0.48 25.74
C TYR C 428 -35.97 -0.12 26.92
N GLN C 429 -35.44 -1.20 27.50
CA GLN C 429 -36.12 -1.85 28.60
CA GLN C 429 -36.09 -1.87 28.62
C GLN C 429 -36.17 -0.99 29.86
N HIS C 430 -35.28 -0.01 30.01
CA HIS C 430 -35.34 0.96 31.10
C HIS C 430 -35.21 2.37 30.56
N LYS C 431 -35.93 2.65 29.48
CA LYS C 431 -35.76 3.91 28.74
C LYS C 431 -35.97 5.14 29.61
N GLU C 432 -36.80 5.02 30.66
CA GLU C 432 -37.05 6.15 31.55
C GLU C 432 -35.79 6.68 32.21
N ASP C 433 -34.71 5.90 32.22
CA ASP C 433 -33.46 6.33 32.83
C ASP C 433 -32.63 7.23 31.92
N ILE C 434 -33.00 7.37 30.65
CA ILE C 434 -32.29 8.28 29.76
C ILE C 434 -32.60 9.71 30.19
N ARG C 435 -31.56 10.49 30.47
CA ARG C 435 -31.73 11.84 31.00
C ARG C 435 -31.82 12.87 29.88
N GLY C 436 -32.65 13.89 30.10
CA GLY C 436 -32.70 15.00 29.17
C GLY C 436 -31.44 15.83 29.21
N LEU C 437 -31.22 16.59 28.13
CA LEU C 437 -30.05 17.44 27.98
C LEU C 437 -30.48 18.89 27.84
N THR C 438 -29.54 19.79 28.17
CA THR C 438 -29.68 21.21 27.93
C THR C 438 -28.36 21.74 27.40
N PHE C 439 -28.42 22.77 26.56
CA PHE C 439 -27.21 23.36 26.02
C PHE C 439 -26.37 24.00 27.13
N VAL C 440 -25.07 23.77 27.06
CA VAL C 440 -24.13 24.57 27.81
CA VAL C 440 -24.06 24.50 27.83
C VAL C 440 -23.30 25.45 26.90
N TYR C 441 -23.12 25.04 25.65
CA TYR C 441 -22.51 25.85 24.61
C TYR C 441 -23.33 25.62 23.36
N GLU C 442 -23.96 26.68 22.83
CA GLU C 442 -24.74 26.59 21.61
C GLU C 442 -24.14 27.55 20.59
N PRO C 443 -23.33 27.09 19.66
CA PRO C 443 -22.84 27.98 18.61
C PRO C 443 -24.00 28.50 17.77
N LYS C 444 -23.84 29.72 17.26
CA LYS C 444 -24.88 30.28 16.42
C LYS C 444 -24.93 29.59 15.06
N GLN C 445 -23.84 28.97 14.65
CA GLN C 445 -23.71 28.33 13.34
C GLN C 445 -23.37 26.86 13.54
N LEU C 446 -23.98 26.00 12.72
CA LEU C 446 -23.62 24.59 12.62
C LEU C 446 -23.62 23.93 14.00
N ARG C 447 -24.73 24.10 14.72
CA ARG C 447 -24.70 23.80 16.15
C ARG C 447 -24.55 22.31 16.43
N PHE C 448 -25.07 21.44 15.56
CA PHE C 448 -24.98 20.00 15.82
C PHE C 448 -23.53 19.52 15.84
N PHE C 449 -22.62 20.24 15.19
CA PHE C 449 -21.24 19.80 15.03
C PHE C 449 -20.43 20.01 16.30
N THR C 450 -20.70 21.07 17.06
CA THR C 450 -19.85 21.41 18.20
C THR C 450 -20.60 21.80 19.46
N ALA C 451 -21.93 21.79 19.46
CA ALA C 451 -22.65 22.11 20.69
C ALA C 451 -22.26 21.16 21.82
N ARG C 452 -22.26 21.70 23.04
CA ARG C 452 -22.01 20.93 24.24
C ARG C 452 -23.22 21.03 25.15
N PHE C 453 -23.50 19.95 25.87
CA PHE C 453 -24.70 19.79 26.67
C PHE C 453 -24.34 19.33 28.08
N ASP C 454 -25.30 19.45 28.98
CA ASP C 454 -25.25 18.75 30.25
C ASP C 454 -26.65 18.20 30.54
N PHE C 455 -26.71 17.26 31.49
CA PHE C 455 -27.99 16.66 31.87
C PHE C 455 -28.86 17.66 32.62
N ILE C 456 -30.17 17.53 32.43
CA ILE C 456 -31.14 18.35 33.16
C ILE C 456 -31.35 17.75 34.55
N MET D 1 -18.73 -13.33 27.39
CA MET D 1 -19.84 -14.05 26.75
C MET D 1 -19.34 -15.21 25.90
N ASN D 2 -20.26 -16.08 25.50
CA ASN D 2 -19.88 -17.28 24.78
C ASN D 2 -19.23 -16.95 23.45
N TYR D 3 -19.82 -16.00 22.72
CA TYR D 3 -19.41 -15.68 21.36
C TYR D 3 -19.32 -14.17 21.21
N PRO D 4 -18.20 -13.58 21.60
CA PRO D 4 -18.04 -12.13 21.49
C PRO D 4 -17.93 -11.68 20.03
N ALA D 5 -18.36 -10.45 19.79
CA ALA D 5 -18.19 -9.89 18.46
C ALA D 5 -16.72 -9.61 18.17
N GLU D 6 -16.40 -9.46 16.88
CA GLU D 6 -15.03 -9.20 16.50
C GLU D 6 -14.53 -7.92 17.15
N PRO D 7 -13.39 -7.94 17.84
CA PRO D 7 -12.87 -6.72 18.48
C PRO D 7 -12.02 -5.90 17.51
N PHE D 8 -12.56 -5.73 16.30
CA PHE D 8 -11.87 -5.02 15.22
C PHE D 8 -12.93 -4.72 14.17
N ARG D 9 -12.59 -3.81 13.26
CA ARG D 9 -13.42 -3.52 12.10
C ARG D 9 -12.74 -4.09 10.86
N ILE D 10 -13.50 -4.25 9.79
CA ILE D 10 -12.91 -4.62 8.51
C ILE D 10 -12.36 -3.36 7.88
N LYS D 11 -11.06 -3.38 7.55
CA LYS D 11 -10.42 -2.28 6.85
C LYS D 11 -10.43 -2.49 5.35
N SER D 12 -10.14 -3.71 4.90
CA SER D 12 -10.24 -4.02 3.48
C SER D 12 -10.69 -5.46 3.32
N VAL D 13 -11.27 -5.76 2.16
CA VAL D 13 -11.84 -7.07 1.87
C VAL D 13 -11.13 -7.72 0.69
N GLU D 14 -11.19 -9.05 0.66
CA GLU D 14 -10.85 -9.82 -0.52
CA GLU D 14 -10.85 -9.83 -0.52
C GLU D 14 -12.16 -10.25 -1.16
N THR D 15 -12.40 -9.78 -2.39
CA THR D 15 -13.64 -10.16 -3.06
C THR D 15 -13.62 -11.64 -3.42
N VAL D 16 -14.82 -12.19 -3.57
CA VAL D 16 -14.96 -13.59 -3.94
CA VAL D 16 -15.04 -13.60 -3.87
C VAL D 16 -15.99 -13.70 -5.05
N SER D 17 -15.84 -14.73 -5.89
N SER D 17 -15.72 -14.62 -5.97
CA SER D 17 -16.68 -14.83 -7.07
CA SER D 17 -16.65 -14.97 -7.02
C SER D 17 -18.09 -15.34 -6.78
C SER D 17 -17.61 -15.99 -6.43
N MET D 18 -18.30 -16.10 -5.71
N MET D 18 -18.86 -15.59 -6.21
CA MET D 18 -19.63 -16.58 -5.35
CA MET D 18 -19.81 -16.48 -5.52
C MET D 18 -20.25 -17.41 -6.49
C MET D 18 -20.37 -17.49 -6.51
N ILE D 19 -19.49 -18.39 -6.98
CA ILE D 19 -19.92 -19.26 -8.07
C ILE D 19 -21.02 -20.21 -7.62
N SER D 20 -21.83 -20.66 -8.58
CA SER D 20 -22.98 -21.50 -8.29
C SER D 20 -22.54 -22.91 -7.91
N ARG D 21 -23.50 -23.67 -7.38
CA ARG D 21 -23.24 -25.08 -7.07
C ARG D 21 -22.82 -25.84 -8.31
N ASP D 22 -23.51 -25.62 -9.44
CA ASP D 22 -23.14 -26.33 -10.66
C ASP D 22 -21.70 -26.02 -11.05
N GLU D 23 -21.29 -24.77 -10.89
CA GLU D 23 -19.92 -24.40 -11.21
CA GLU D 23 -19.92 -24.39 -11.20
C GLU D 23 -18.93 -25.03 -10.23
N ARG D 24 -19.27 -25.04 -8.93
CA ARG D 24 -18.40 -25.70 -7.97
C ARG D 24 -18.26 -27.19 -8.27
N VAL D 25 -19.34 -27.84 -8.68
CA VAL D 25 -19.25 -29.25 -9.04
C VAL D 25 -18.28 -29.43 -10.19
N LYS D 26 -18.36 -28.56 -11.21
CA LYS D 26 -17.42 -28.65 -12.33
CA LYS D 26 -17.42 -28.66 -12.33
C LYS D 26 -15.99 -28.43 -11.88
N LYS D 27 -15.76 -27.45 -11.00
CA LYS D 27 -14.41 -27.20 -10.50
C LYS D 27 -13.92 -28.38 -9.68
N MET D 28 -14.79 -28.96 -8.85
CA MET D 28 -14.37 -30.09 -8.05
C MET D 28 -14.02 -31.29 -8.93
N GLN D 29 -14.77 -31.48 -10.01
CA GLN D 29 -14.48 -32.56 -10.95
C GLN D 29 -13.15 -32.32 -11.66
N GLU D 30 -12.86 -31.07 -12.03
CA GLU D 30 -11.57 -30.77 -12.66
C GLU D 30 -10.43 -30.98 -11.68
N ALA D 31 -10.68 -30.84 -10.39
CA ALA D 31 -9.70 -31.14 -9.35
C ALA D 31 -9.69 -32.61 -8.96
N GLY D 32 -10.39 -33.46 -9.71
CA GLY D 32 -10.43 -34.89 -9.42
C GLY D 32 -10.88 -35.20 -8.01
N TYR D 33 -11.77 -34.39 -7.46
CA TYR D 33 -12.31 -34.58 -6.11
C TYR D 33 -11.26 -34.43 -5.02
N ASN D 34 -10.14 -33.78 -5.33
CA ASN D 34 -9.07 -33.52 -4.35
C ASN D 34 -9.07 -32.02 -4.05
N THR D 35 -9.45 -31.63 -2.83
CA THR D 35 -9.52 -30.20 -2.53
C THR D 35 -8.15 -29.52 -2.61
N PHE D 36 -7.05 -30.26 -2.48
CA PHE D 36 -5.74 -29.62 -2.61
C PHE D 36 -5.49 -29.10 -4.02
N LEU D 37 -6.23 -29.60 -5.02
CA LEU D 37 -6.08 -29.15 -6.40
C LEU D 37 -6.98 -27.99 -6.77
N LEU D 38 -7.88 -27.57 -5.89
CA LEU D 38 -8.73 -26.43 -6.22
C LEU D 38 -7.91 -25.15 -6.29
N ASN D 39 -8.31 -24.27 -7.20
CA ASN D 39 -7.72 -22.95 -7.29
C ASN D 39 -8.33 -22.04 -6.24
N SER D 40 -7.47 -21.21 -5.63
CA SER D 40 -7.92 -20.26 -4.63
C SER D 40 -9.07 -19.39 -5.13
N LYS D 41 -9.01 -18.96 -6.39
CA LYS D 41 -10.03 -18.07 -6.93
C LYS D 41 -11.41 -18.72 -6.97
N ASP D 42 -11.48 -20.04 -6.84
CA ASP D 42 -12.76 -20.76 -6.92
C ASP D 42 -13.31 -21.10 -5.54
N ILE D 43 -12.70 -20.60 -4.48
CA ILE D 43 -13.03 -20.97 -3.11
C ILE D 43 -13.59 -19.76 -2.38
N TYR D 44 -14.71 -19.95 -1.69
CA TYR D 44 -15.34 -18.90 -0.90
C TYR D 44 -14.66 -18.77 0.45
N ILE D 45 -14.60 -19.86 1.21
CA ILE D 45 -14.05 -19.92 2.56
C ILE D 45 -12.99 -21.01 2.54
N ASP D 46 -11.73 -20.62 2.69
CA ASP D 46 -10.61 -21.56 2.52
C ASP D 46 -10.07 -21.93 3.89
N LEU D 47 -10.48 -23.11 4.37
CA LEU D 47 -10.07 -23.62 5.69
C LEU D 47 -9.00 -24.70 5.56
N LEU D 48 -8.24 -24.66 4.48
CA LEU D 48 -7.15 -25.61 4.31
C LEU D 48 -6.13 -25.50 5.44
N THR D 49 -5.82 -24.27 5.86
CA THR D 49 -4.80 -24.07 6.89
C THR D 49 -4.93 -22.70 7.54
N ASP D 50 -4.50 -22.63 8.80
CA ASP D 50 -4.34 -21.34 9.48
C ASP D 50 -2.93 -20.80 9.34
N SER D 51 -2.10 -21.42 8.51
CA SER D 51 -0.71 -21.00 8.36
C SER D 51 -0.56 -19.97 7.25
N GLY D 52 -0.20 -18.74 7.63
CA GLY D 52 0.15 -17.73 6.65
C GLY D 52 -1.04 -17.10 5.96
N THR D 53 -2.25 -17.47 6.37
CA THR D 53 -3.49 -17.02 5.75
C THR D 53 -4.15 -15.89 6.53
N ASN D 54 -3.50 -15.37 7.56
CA ASN D 54 -4.10 -14.39 8.46
C ASN D 54 -4.28 -13.05 7.79
N ALA D 55 -5.28 -12.30 8.27
CA ALA D 55 -5.47 -10.91 7.87
C ALA D 55 -4.63 -10.01 8.77
N MET D 56 -3.78 -9.20 8.15
CA MET D 56 -3.00 -8.22 8.89
C MET D 56 -3.85 -6.99 9.21
N SER D 57 -3.37 -6.18 10.13
CA SER D 57 -4.02 -4.92 10.45
C SER D 57 -3.52 -3.79 9.57
N ASP D 58 -4.26 -2.68 9.62
CA ASP D 58 -3.80 -1.43 9.04
C ASP D 58 -2.42 -1.03 9.55
N LYS D 59 -2.18 -1.22 10.85
CA LYS D 59 -0.88 -0.88 11.43
C LYS D 59 0.23 -1.78 10.87
N GLN D 60 -0.07 -3.06 10.67
CA GLN D 60 0.92 -3.93 10.03
C GLN D 60 1.18 -3.48 8.59
N TRP D 61 0.12 -3.11 7.86
CA TRP D 61 0.31 -2.63 6.49
C TRP D 61 1.08 -1.32 6.44
N ALA D 62 0.91 -0.45 7.44
CA ALA D 62 1.78 0.73 7.54
C ALA D 62 3.22 0.30 7.71
N GLY D 63 3.48 -0.69 8.56
CA GLY D 63 4.84 -1.23 8.69
C GLY D 63 5.38 -1.77 7.39
N MET D 64 4.51 -2.38 6.58
CA MET D 64 4.93 -2.92 5.28
C MET D 64 5.44 -1.83 4.35
N MET D 65 5.07 -0.57 4.57
CA MET D 65 5.51 0.53 3.73
C MET D 65 6.83 1.12 4.17
N ILE D 66 7.34 0.75 5.35
CA ILE D 66 8.61 1.27 5.82
C ILE D 66 9.60 0.13 6.00
N GLY D 67 9.55 -0.83 5.08
CA GLY D 67 10.58 -1.84 5.03
C GLY D 67 11.93 -1.21 4.76
N ASP D 68 12.88 -1.46 5.65
CA ASP D 68 14.27 -1.04 5.55
C ASP D 68 14.99 -2.28 5.04
N GLU D 69 15.26 -2.31 3.74
CA GLU D 69 15.68 -3.54 3.08
C GLU D 69 17.19 -3.76 3.11
N ALA D 70 17.88 -3.08 4.03
CA ALA D 70 19.31 -3.25 4.19
C ALA D 70 19.67 -4.68 4.61
N TYR D 71 20.80 -5.14 4.11
CA TYR D 71 21.27 -6.51 4.36
C TYR D 71 21.64 -6.72 5.83
N ALA D 72 22.12 -5.67 6.47
CA ALA D 72 22.53 -5.69 7.86
C ALA D 72 22.10 -4.37 8.49
N GLY D 73 21.71 -4.44 9.76
CA GLY D 73 21.35 -3.24 10.50
C GLY D 73 20.00 -2.65 10.16
N SER D 74 19.10 -3.43 9.56
CA SER D 74 17.76 -2.93 9.27
C SER D 74 17.03 -2.54 10.55
N GLU D 75 16.38 -1.37 10.51
CA GLU D 75 15.54 -0.93 11.62
CA GLU D 75 15.57 -0.96 11.65
C GLU D 75 14.46 -1.96 11.93
N ASN D 76 13.98 -2.66 10.91
CA ASN D 76 12.93 -3.65 11.14
C ASN D 76 13.45 -4.83 11.94
N PHE D 77 14.70 -5.23 11.69
CA PHE D 77 15.31 -6.28 12.51
C PHE D 77 15.38 -5.84 13.97
N TYR D 78 15.83 -4.60 14.20
CA TYR D 78 15.93 -4.12 15.58
C TYR D 78 14.57 -4.09 16.25
N HIS D 79 13.52 -3.71 15.51
CA HIS D 79 12.17 -3.72 16.06
C HIS D 79 11.74 -5.14 16.44
N LEU D 80 11.97 -6.10 15.54
CA LEU D 80 11.61 -7.49 15.81
C LEU D 80 12.38 -8.01 17.02
N GLU D 81 13.67 -7.77 17.06
CA GLU D 81 14.51 -8.23 18.16
C GLU D 81 14.04 -7.65 19.49
N LYS D 82 13.77 -6.35 19.52
CA LYS D 82 13.30 -5.70 20.73
C LYS D 82 11.96 -6.27 21.18
N THR D 83 11.04 -6.47 20.23
CA THR D 83 9.70 -6.95 20.56
C THR D 83 9.75 -8.37 21.12
N VAL D 84 10.50 -9.25 20.46
CA VAL D 84 10.56 -10.64 20.89
C VAL D 84 11.26 -10.75 22.24
N LYS D 85 12.34 -9.97 22.44
CA LYS D 85 13.00 -9.98 23.74
C LYS D 85 12.05 -9.52 24.84
N GLU D 86 11.26 -8.48 24.57
CA GLU D 86 10.32 -7.97 25.57
C GLU D 86 9.23 -8.99 25.87
N LEU D 87 8.63 -9.58 24.84
CA LEU D 87 7.44 -10.40 25.03
C LEU D 87 7.77 -11.84 25.39
N PHE D 88 8.83 -12.42 24.83
CA PHE D 88 9.18 -13.80 25.11
C PHE D 88 10.29 -13.94 26.15
N GLY D 89 11.13 -12.92 26.33
CA GLY D 89 12.12 -12.92 27.38
C GLY D 89 13.45 -13.55 27.03
N PHE D 90 13.59 -14.18 25.86
CA PHE D 90 14.85 -14.83 25.51
C PHE D 90 15.94 -13.79 25.17
N LYS D 91 17.19 -14.19 25.40
CA LYS D 91 18.30 -13.27 25.23
C LYS D 91 18.57 -12.96 23.76
N HIS D 92 18.38 -13.93 22.86
CA HIS D 92 18.85 -13.80 21.49
C HIS D 92 17.79 -14.30 20.51
N ILE D 93 17.83 -13.75 19.29
CA ILE D 93 16.92 -14.13 18.22
C ILE D 93 17.70 -14.29 16.92
N VAL D 94 17.30 -15.28 16.12
CA VAL D 94 17.73 -15.42 14.74
C VAL D 94 16.48 -15.54 13.88
N PRO D 95 16.17 -14.56 13.03
CA PRO D 95 15.00 -14.68 12.17
C PRO D 95 15.18 -15.77 11.12
N THR D 96 14.04 -16.36 10.72
CA THR D 96 14.01 -17.36 9.66
C THR D 96 12.79 -17.06 8.79
N HIS D 97 12.76 -17.64 7.58
CA HIS D 97 11.66 -17.28 6.69
C HIS D 97 10.33 -17.83 7.18
N GLN D 98 10.33 -18.97 7.87
CA GLN D 98 9.16 -19.46 8.59
C GLN D 98 9.63 -20.48 9.62
N GLY D 99 8.67 -21.16 10.26
CA GLY D 99 9.01 -22.00 11.40
C GLY D 99 9.92 -23.17 11.06
N ARG D 100 9.67 -23.85 9.93
CA ARG D 100 10.48 -25.00 9.60
C ARG D 100 11.93 -24.62 9.31
N GLY D 101 12.19 -23.36 8.93
CA GLY D 101 13.57 -22.90 8.86
C GLY D 101 14.23 -22.84 10.21
N ALA D 102 13.50 -22.37 11.23
CA ALA D 102 14.05 -22.36 12.58
C ALA D 102 14.24 -23.77 13.13
N GLU D 103 13.37 -24.71 12.75
CA GLU D 103 13.50 -26.09 13.19
C GLU D 103 14.73 -26.74 12.58
N ASN D 104 15.01 -26.44 11.31
CA ASN D 104 16.24 -26.91 10.68
C ASN D 104 17.46 -26.48 11.48
N LEU D 105 17.52 -25.19 11.85
CA LEU D 105 18.63 -24.70 12.64
C LEU D 105 18.72 -25.39 13.99
N LEU D 106 17.61 -25.39 14.74
CA LEU D 106 17.63 -25.97 16.08
C LEU D 106 18.08 -27.43 16.05
N SER D 107 17.50 -28.22 15.14
CA SER D 107 17.79 -29.65 15.11
C SER D 107 19.25 -29.92 14.74
N GLN D 108 19.82 -29.12 13.82
CA GLN D 108 21.22 -29.30 13.49
C GLN D 108 22.14 -28.88 14.63
N LEU D 109 21.73 -27.88 15.42
CA LEU D 109 22.58 -27.36 16.49
C LEU D 109 22.49 -28.18 17.77
N ALA D 110 21.34 -28.76 18.07
CA ALA D 110 21.05 -29.28 19.41
C ALA D 110 20.93 -30.78 19.49
N ILE D 111 21.09 -31.51 18.38
CA ILE D 111 20.93 -32.96 18.36
C ILE D 111 22.22 -33.60 17.86
N LYS D 112 22.61 -34.73 18.50
CA LYS D 112 23.63 -35.66 18.01
C LYS D 112 22.96 -36.97 17.58
N PRO D 113 23.43 -37.59 16.50
CA PRO D 113 22.75 -38.80 16.00
C PRO D 113 22.65 -39.89 17.05
N GLY D 114 21.48 -40.55 17.09
CA GLY D 114 21.19 -41.56 18.07
C GLY D 114 20.54 -41.06 19.34
N GLN D 115 20.60 -39.76 19.61
CA GLN D 115 20.00 -39.20 20.81
C GLN D 115 18.48 -39.17 20.71
N TYR D 116 17.85 -38.85 21.82
CA TYR D 116 16.39 -38.78 21.92
C TYR D 116 15.93 -37.34 22.04
N VAL D 117 14.83 -37.03 21.37
CA VAL D 117 14.08 -35.81 21.61
C VAL D 117 12.73 -36.22 22.17
N ALA D 118 12.39 -35.72 23.35
CA ALA D 118 11.14 -36.04 24.02
C ALA D 118 10.16 -34.89 23.85
N GLY D 119 8.96 -35.19 23.37
CA GLY D 119 7.99 -34.15 23.08
C GLY D 119 6.56 -34.59 23.28
N ASN D 120 5.66 -33.60 23.32
CA ASN D 120 4.22 -33.85 23.48
C ASN D 120 3.57 -33.99 22.10
N MET D 121 3.53 -35.24 21.60
CA MET D 121 3.13 -35.55 20.23
C MET D 121 4.10 -34.93 19.22
N TYR D 122 3.73 -34.87 17.94
CA TYR D 122 4.67 -34.43 16.93
C TYR D 122 3.95 -33.67 15.82
N PHE D 123 4.74 -32.96 15.02
CA PHE D 123 4.29 -32.30 13.79
C PHE D 123 5.24 -32.70 12.67
N THR D 124 4.73 -32.72 11.45
CA THR D 124 5.44 -33.35 10.33
C THR D 124 6.82 -32.74 10.10
N THR D 125 6.90 -31.41 9.96
CA THR D 125 8.20 -30.78 9.67
C THR D 125 9.14 -30.87 10.87
N THR D 126 8.61 -30.64 12.07
CA THR D 126 9.43 -30.67 13.27
C THR D 126 10.08 -32.03 13.46
N ARG D 127 9.28 -33.10 13.35
CA ARG D 127 9.80 -34.44 13.51
C ARG D 127 10.76 -34.81 12.39
N PHE D 128 10.51 -34.34 11.16
CA PHE D 128 11.45 -34.60 10.08
C PHE D 128 12.83 -34.07 10.43
N HIS D 129 12.91 -32.82 10.91
CA HIS D 129 14.22 -32.23 11.17
C HIS D 129 14.90 -32.89 12.37
N GLN D 130 14.12 -33.35 13.35
CA GLN D 130 14.70 -34.15 14.42
C GLN D 130 15.28 -35.45 13.89
N GLU D 131 14.50 -36.19 13.09
CA GLU D 131 14.95 -37.50 12.62
C GLU D 131 16.02 -37.38 11.54
N LYS D 132 15.96 -36.33 10.69
CA LYS D 132 16.98 -36.13 9.68
C LYS D 132 18.35 -35.94 10.30
N ASN D 133 18.41 -35.37 11.50
CA ASN D 133 19.64 -35.13 12.22
C ASN D 133 19.98 -36.24 13.20
N GLY D 134 19.27 -37.37 13.14
CA GLY D 134 19.66 -38.56 13.85
C GLY D 134 18.95 -38.81 15.16
N ALA D 135 17.98 -37.99 15.53
CA ALA D 135 17.28 -38.17 16.78
C ALA D 135 16.22 -39.26 16.67
N THR D 136 15.90 -39.87 17.81
CA THR D 136 14.76 -40.75 17.93
C THR D 136 13.70 -39.99 18.71
N PHE D 137 12.51 -39.84 18.11
CA PHE D 137 11.43 -39.13 18.76
C PHE D 137 10.74 -40.02 19.79
N VAL D 138 10.51 -39.49 20.98
CA VAL D 138 9.77 -40.18 22.04
C VAL D 138 8.58 -39.31 22.42
N ASP D 139 7.38 -39.88 22.31
CA ASP D 139 6.16 -39.17 22.68
C ASP D 139 5.94 -39.30 24.18
N ILE D 140 5.91 -38.16 24.88
CA ILE D 140 5.73 -38.14 26.33
C ILE D 140 4.46 -37.41 26.74
N VAL D 141 3.54 -37.18 25.81
CA VAL D 141 2.22 -36.67 26.18
C VAL D 141 1.46 -37.75 26.96
N ARG D 142 0.46 -37.32 27.73
CA ARG D 142 -0.36 -38.28 28.47
C ARG D 142 -1.11 -39.18 27.50
N ASP D 143 -1.29 -40.45 27.90
CA ASP D 143 -2.07 -41.37 27.08
C ASP D 143 -3.46 -40.83 26.76
N GLU D 144 -4.04 -40.09 27.70
CA GLU D 144 -5.39 -39.54 27.51
C GLU D 144 -5.45 -38.59 26.32
N ALA D 145 -4.33 -37.93 25.99
CA ALA D 145 -4.31 -37.01 24.87
C ALA D 145 -4.64 -37.70 23.56
N HIS D 146 -4.42 -39.01 23.47
CA HIS D 146 -4.67 -39.74 22.24
C HIS D 146 -6.11 -40.21 22.11
N ASP D 147 -6.95 -39.96 23.11
CA ASP D 147 -8.35 -40.35 23.04
C ASP D 147 -9.11 -39.17 22.45
N ALA D 148 -9.43 -39.27 21.17
CA ALA D 148 -10.05 -38.18 20.43
C ALA D 148 -11.46 -37.86 20.90
N SER D 149 -12.08 -38.72 21.69
CA SER D 149 -13.41 -38.46 22.20
C SER D 149 -13.41 -37.76 23.55
N LEU D 150 -12.26 -37.69 24.21
CA LEU D 150 -12.19 -37.32 25.63
C LEU D 150 -12.10 -35.81 25.78
N ASN D 151 -13.07 -35.23 26.49
CA ASN D 151 -13.18 -33.78 26.70
C ASN D 151 -12.32 -33.38 27.90
N LEU D 152 -11.02 -33.52 27.73
CA LEU D 152 -10.02 -33.31 28.78
C LEU D 152 -9.38 -31.94 28.61
N PRO D 153 -9.38 -31.07 29.61
CA PRO D 153 -8.65 -29.80 29.48
C PRO D 153 -7.15 -30.05 29.50
N PHE D 154 -6.42 -29.10 28.90
CA PHE D 154 -4.96 -29.13 28.84
C PHE D 154 -4.44 -30.47 28.33
N LYS D 155 -5.07 -30.93 27.25
CA LYS D 155 -4.74 -32.22 26.65
C LYS D 155 -3.32 -32.26 26.11
N GLY D 156 -2.66 -31.12 25.96
CA GLY D 156 -1.30 -31.12 25.50
C GLY D 156 -0.24 -31.39 26.55
N ASP D 157 -0.61 -31.50 27.82
CA ASP D 157 0.36 -31.61 28.90
C ASP D 157 1.26 -32.83 28.75
N ILE D 158 2.54 -32.64 29.09
CA ILE D 158 3.49 -33.76 29.16
C ILE D 158 3.23 -34.58 30.41
N ASP D 159 3.32 -35.90 30.26
CA ASP D 159 3.28 -36.82 31.39
C ASP D 159 4.67 -36.82 32.04
N LEU D 160 4.76 -36.21 33.23
CA LEU D 160 6.06 -36.13 33.91
C LEU D 160 6.59 -37.51 34.26
N ASN D 161 5.72 -38.51 34.41
CA ASN D 161 6.21 -39.86 34.68
C ASN D 161 6.88 -40.46 33.46
N LYS D 162 6.38 -40.17 32.26
CA LYS D 162 7.05 -40.64 31.06
C LYS D 162 8.41 -39.95 30.89
N LEU D 163 8.48 -38.67 31.25
CA LEU D 163 9.77 -37.97 31.20
C LEU D 163 10.73 -38.54 32.24
N ALA D 164 10.23 -38.81 33.44
CA ALA D 164 11.08 -39.40 34.47
C ALA D 164 11.59 -40.77 34.04
N THR D 165 10.74 -41.57 33.42
CA THR D 165 11.16 -42.89 32.95
C THR D 165 12.25 -42.77 31.90
N LEU D 166 12.12 -41.81 30.99
CA LEU D 166 13.14 -41.60 29.97
C LEU D 166 14.47 -41.18 30.59
N ILE D 167 14.43 -40.26 31.55
CA ILE D 167 15.65 -39.80 32.21
C ILE D 167 16.33 -40.97 32.92
N LYS D 168 15.55 -41.76 33.65
CA LYS D 168 16.12 -42.87 34.40
C LYS D 168 16.66 -43.95 33.48
N GLU D 169 15.95 -44.26 32.40
N GLU D 169 15.94 -44.27 32.41
CA GLU D 169 16.35 -45.39 31.56
CA GLU D 169 16.31 -45.38 31.54
C GLU D 169 17.44 -45.02 30.56
C GLU D 169 17.44 -45.01 30.58
N LYS D 170 17.38 -43.82 29.98
CA LYS D 170 18.36 -43.42 28.97
C LYS D 170 19.47 -42.54 29.52
N GLY D 171 19.27 -41.89 30.66
CA GLY D 171 20.26 -40.95 31.17
C GLY D 171 20.04 -39.56 30.60
N ALA D 172 20.10 -38.55 31.47
CA ALA D 172 19.81 -37.19 31.04
C ALA D 172 20.77 -36.72 29.95
N GLU D 173 22.02 -37.18 29.99
CA GLU D 173 23.00 -36.74 29.01
C GLU D 173 22.69 -37.24 27.61
N ASN D 174 21.82 -38.24 27.47
N ASN D 174 21.82 -38.24 27.47
CA ASN D 174 21.41 -38.75 26.17
CA ASN D 174 21.42 -38.74 26.15
C ASN D 174 20.09 -38.16 25.67
C ASN D 174 20.09 -38.17 25.68
N ILE D 175 19.56 -37.17 26.37
CA ILE D 175 18.38 -36.45 25.92
C ILE D 175 18.88 -35.13 25.34
N ALA D 176 18.76 -34.97 24.03
CA ALA D 176 19.18 -33.74 23.38
C ALA D 176 18.40 -32.56 23.93
N TYR D 177 17.07 -32.65 23.91
CA TYR D 177 16.22 -31.66 24.53
C TYR D 177 14.80 -32.21 24.61
N ILE D 178 13.99 -31.54 25.42
CA ILE D 178 12.56 -31.75 25.46
C ILE D 178 11.92 -30.71 24.53
N CYS D 179 11.08 -31.18 23.61
CA CYS D 179 10.40 -30.30 22.65
C CYS D 179 8.95 -30.15 23.11
N LEU D 180 8.63 -29.02 23.72
CA LEU D 180 7.29 -28.78 24.24
C LEU D 180 6.56 -27.87 23.26
N ALA D 181 5.52 -28.38 22.64
CA ALA D 181 4.72 -27.62 21.68
C ALA D 181 3.52 -26.99 22.37
N VAL D 182 3.28 -25.72 22.03
CA VAL D 182 2.11 -24.99 22.53
C VAL D 182 1.47 -24.29 21.34
N THR D 183 0.21 -24.60 21.03
CA THR D 183 -0.55 -25.74 21.51
C THR D 183 -0.08 -27.03 20.79
N VAL D 184 -0.78 -28.16 21.00
CA VAL D 184 -0.42 -29.45 20.43
C VAL D 184 -1.31 -29.73 19.22
N ASN D 185 -0.71 -29.74 18.02
CA ASN D 185 -1.48 -29.78 16.80
C ASN D 185 -2.16 -31.12 16.55
N LEU D 186 -1.45 -32.23 16.75
CA LEU D 186 -1.97 -33.54 16.35
C LEU D 186 -3.22 -33.95 17.12
N ALA D 187 -3.41 -33.43 18.34
CA ALA D 187 -4.61 -33.69 19.11
C ALA D 187 -5.74 -32.71 18.80
N GLY D 188 -5.55 -31.85 17.81
CA GLY D 188 -6.54 -30.87 17.43
C GLY D 188 -6.29 -29.45 17.90
N GLY D 189 -5.08 -29.13 18.36
CA GLY D 189 -4.79 -27.78 18.84
C GLY D 189 -5.00 -27.63 20.34
N GLN D 190 -4.40 -28.51 21.15
CA GLN D 190 -4.73 -28.59 22.58
C GLN D 190 -3.69 -27.91 23.45
N PRO D 191 -4.11 -27.19 24.49
CA PRO D 191 -3.17 -26.38 25.25
C PRO D 191 -2.40 -27.17 26.30
N VAL D 192 -1.32 -26.53 26.75
CA VAL D 192 -0.47 -26.99 27.84
C VAL D 192 -0.62 -26.01 29.00
N SER D 193 -0.74 -26.53 30.21
CA SER D 193 -0.92 -25.67 31.37
C SER D 193 0.41 -25.06 31.83
N MET D 194 0.30 -23.92 32.51
CA MET D 194 1.48 -23.30 33.11
C MET D 194 2.09 -24.22 34.16
N ALA D 195 1.25 -24.90 34.94
CA ALA D 195 1.75 -25.83 35.94
C ALA D 195 2.58 -26.92 35.28
N ASN D 196 2.16 -27.39 34.10
CA ASN D 196 2.92 -28.42 33.41
C ASN D 196 4.25 -27.89 32.90
N MET D 197 4.26 -26.70 32.30
CA MET D 197 5.52 -26.10 31.87
C MET D 197 6.46 -25.88 33.05
N ARG D 198 5.90 -25.47 34.19
CA ARG D 198 6.71 -25.28 35.39
C ARG D 198 7.31 -26.60 35.86
N ALA D 199 6.50 -27.67 35.87
CA ALA D 199 6.97 -28.96 36.35
C ALA D 199 8.02 -29.55 35.42
N VAL D 200 7.82 -29.43 34.11
CA VAL D 200 8.83 -29.89 33.15
C VAL D 200 10.13 -29.14 33.35
N HIS D 201 10.04 -27.82 33.58
CA HIS D 201 11.25 -27.04 33.81
C HIS D 201 11.96 -27.47 35.09
N GLU D 202 11.21 -27.68 36.18
N GLU D 202 11.21 -27.65 36.19
CA GLU D 202 11.81 -28.05 37.45
CA GLU D 202 11.88 -28.05 37.44
C GLU D 202 12.54 -29.40 37.35
C GLU D 202 12.59 -29.38 37.27
N MET D 203 11.95 -30.35 36.63
CA MET D 203 12.59 -31.66 36.47
CA MET D 203 12.59 -31.66 36.48
C MET D 203 13.79 -31.58 35.55
N ALA D 204 13.63 -30.92 34.40
CA ALA D 204 14.76 -30.77 33.49
C ALA D 204 15.90 -29.99 34.14
N SER D 205 15.57 -29.02 35.00
CA SER D 205 16.60 -28.21 35.64
C SER D 205 17.45 -29.06 36.58
N THR D 206 16.83 -30.02 37.26
CA THR D 206 17.58 -30.92 38.13
C THR D 206 18.62 -31.71 37.35
N TYR D 207 18.28 -32.13 36.13
CA TYR D 207 19.12 -33.00 35.33
C TYR D 207 19.89 -32.28 34.23
N GLY D 208 19.76 -30.95 34.13
CA GLY D 208 20.50 -30.22 33.11
C GLY D 208 20.02 -30.43 31.69
N ILE D 209 18.76 -30.82 31.51
CA ILE D 209 18.22 -31.08 30.18
C ILE D 209 17.63 -29.79 29.61
N LYS D 210 17.96 -29.49 28.36
CA LYS D 210 17.46 -28.29 27.71
C LYS D 210 15.99 -28.47 27.29
N ILE D 211 15.26 -27.36 27.30
CA ILE D 211 13.87 -27.32 26.89
C ILE D 211 13.74 -26.27 25.80
N PHE D 212 13.21 -26.68 24.65
CA PHE D 212 12.88 -25.76 23.57
C PHE D 212 11.42 -25.89 23.21
N TYR D 213 10.72 -24.76 23.11
CA TYR D 213 9.31 -24.77 22.79
C TYR D 213 9.11 -24.69 21.28
N ASP D 214 8.14 -25.45 20.78
CA ASP D 214 7.55 -25.22 19.46
C ASP D 214 6.40 -24.28 19.74
N ALA D 215 6.63 -22.98 19.54
CA ALA D 215 5.78 -21.93 20.07
C ALA D 215 4.76 -21.39 19.06
N THR D 216 4.55 -22.10 17.95
CA THR D 216 3.79 -21.54 16.83
CA THR D 216 3.81 -21.55 16.83
C THR D 216 2.42 -21.02 17.23
N ARG D 217 1.77 -21.65 18.20
CA ARG D 217 0.46 -21.20 18.68
C ARG D 217 0.47 -20.90 20.17
N CYS D 218 1.52 -20.19 20.60
CA CYS D 218 1.72 -19.91 22.02
C CYS D 218 0.70 -18.92 22.57
N VAL D 219 0.15 -18.04 21.72
CA VAL D 219 -0.84 -17.09 22.21
C VAL D 219 -2.20 -17.74 22.39
N GLU D 220 -2.61 -18.58 21.43
CA GLU D 220 -3.76 -19.45 21.65
C GLU D 220 -3.60 -20.22 22.96
N ASN D 221 -2.40 -20.75 23.20
CA ASN D 221 -2.16 -21.47 24.45
C ASN D 221 -2.38 -20.57 25.66
N ALA D 222 -1.82 -19.37 25.62
CA ALA D 222 -1.93 -18.42 26.73
C ALA D 222 -3.41 -18.11 27.01
N TYR D 223 -4.24 -18.01 25.97
CA TYR D 223 -5.66 -17.77 26.18
C TYR D 223 -6.27 -18.90 27.00
N PHE D 224 -5.98 -20.15 26.64
CA PHE D 224 -6.54 -21.27 27.40
C PHE D 224 -6.11 -21.23 28.86
N ILE D 225 -4.86 -20.84 29.12
CA ILE D 225 -4.42 -20.70 30.51
C ILE D 225 -5.23 -19.63 31.24
N LYS D 226 -5.40 -18.47 30.61
CA LYS D 226 -6.17 -17.40 31.23
C LYS D 226 -7.61 -17.84 31.48
N GLU D 227 -8.19 -18.59 30.54
CA GLU D 227 -9.58 -18.96 30.65
C GLU D 227 -9.79 -20.06 31.68
N GLN D 228 -8.86 -21.02 31.78
CA GLN D 228 -9.15 -22.28 32.45
C GLN D 228 -8.20 -22.66 33.59
N GLU D 229 -7.01 -22.09 33.70
CA GLU D 229 -6.08 -22.50 34.74
C GLU D 229 -6.27 -21.66 35.99
N ALA D 230 -6.46 -22.34 37.12
CA ALA D 230 -6.78 -21.64 38.36
C ALA D 230 -5.68 -20.64 38.70
N GLY D 231 -6.10 -19.42 39.05
CA GLY D 231 -5.17 -18.37 39.43
C GLY D 231 -4.77 -17.45 38.30
N TYR D 232 -5.10 -17.76 37.05
CA TYR D 232 -4.68 -16.94 35.92
C TYR D 232 -5.80 -16.09 35.35
N GLU D 233 -6.98 -16.09 35.98
CA GLU D 233 -8.13 -15.39 35.42
C GLU D 233 -7.83 -13.92 35.20
N ASN D 234 -7.05 -13.31 36.08
CA ASN D 234 -6.79 -11.87 36.03
C ASN D 234 -5.35 -11.54 35.66
N VAL D 235 -4.63 -12.49 35.08
CA VAL D 235 -3.29 -12.25 34.58
C VAL D 235 -3.40 -11.93 33.09
N SER D 236 -2.67 -10.92 32.64
CA SER D 236 -2.76 -10.53 31.23
C SER D 236 -2.19 -11.62 30.33
N ILE D 237 -2.65 -11.63 29.08
CA ILE D 237 -2.07 -12.52 28.08
C ILE D 237 -0.56 -12.33 28.00
N LYS D 238 -0.09 -11.07 27.96
CA LYS D 238 1.35 -10.81 27.87
CA LYS D 238 1.35 -10.87 27.83
C LYS D 238 2.11 -11.41 29.04
N ASP D 239 1.56 -11.28 30.25
CA ASP D 239 2.25 -11.82 31.42
C ASP D 239 2.22 -13.34 31.42
N ILE D 240 1.15 -13.94 30.89
CA ILE D 240 1.09 -15.39 30.75
C ILE D 240 2.15 -15.87 29.76
N VAL D 241 2.22 -15.21 28.59
CA VAL D 241 3.21 -15.59 27.58
C VAL D 241 4.62 -15.48 28.15
N HIS D 242 4.91 -14.39 28.85
CA HIS D 242 6.24 -14.19 29.39
C HIS D 242 6.60 -15.28 30.39
N GLU D 243 5.65 -15.66 31.25
CA GLU D 243 5.95 -16.72 32.21
C GLU D 243 6.11 -18.07 31.52
N MET D 244 5.29 -18.36 30.50
CA MET D 244 5.45 -19.59 29.74
C MET D 244 6.90 -19.78 29.30
N PHE D 245 7.44 -18.77 28.62
CA PHE D 245 8.77 -18.90 28.06
C PHE D 245 9.88 -18.83 29.11
N SER D 246 9.56 -18.38 30.32
CA SER D 246 10.55 -18.43 31.39
C SER D 246 10.91 -19.87 31.75
N TYR D 247 10.10 -20.84 31.34
CA TYR D 247 10.35 -22.24 31.61
C TYR D 247 11.03 -22.96 30.44
N ALA D 248 11.57 -22.21 29.48
CA ALA D 248 12.24 -22.78 28.32
C ALA D 248 13.61 -22.15 28.17
N ASP D 249 14.48 -22.84 27.44
CA ASP D 249 15.79 -22.31 27.07
C ASP D 249 15.79 -21.64 25.70
N GLY D 250 14.69 -21.76 24.96
CA GLY D 250 14.59 -21.19 23.63
C GLY D 250 13.30 -21.65 23.00
N CYS D 251 13.10 -21.23 21.75
CA CYS D 251 11.92 -21.67 21.03
C CYS D 251 12.16 -21.57 19.52
N THR D 252 11.36 -22.30 18.77
CA THR D 252 11.14 -22.07 17.35
C THR D 252 9.75 -21.51 17.18
N MET D 253 9.61 -20.51 16.33
CA MET D 253 8.32 -19.85 16.12
CA MET D 253 8.29 -19.90 16.11
C MET D 253 8.02 -19.77 14.63
N SER D 254 6.78 -20.07 14.26
CA SER D 254 6.25 -19.72 12.94
C SER D 254 5.38 -18.49 13.14
N GLY D 255 5.85 -17.33 12.65
CA GLY D 255 5.01 -16.16 12.68
C GLY D 255 3.75 -16.31 11.86
N LYS D 256 3.77 -17.22 10.88
CA LYS D 256 2.61 -17.52 10.04
C LYS D 256 1.41 -17.99 10.83
N LYS D 257 1.60 -18.38 12.08
CA LYS D 257 0.47 -18.71 12.93
C LYS D 257 0.19 -17.54 13.86
N ASP D 258 0.64 -17.59 15.11
CA ASP D 258 0.13 -16.61 16.08
C ASP D 258 0.74 -15.22 15.96
N CYS D 259 1.72 -14.96 15.10
CA CYS D 259 2.19 -13.58 14.90
C CYS D 259 1.38 -12.82 13.85
N LEU D 260 0.31 -13.41 13.32
CA LEU D 260 -0.65 -12.66 12.51
C LEU D 260 -0.02 -12.16 11.21
N VAL D 261 0.87 -12.96 10.62
CA VAL D 261 1.52 -12.60 9.37
C VAL D 261 1.34 -13.71 8.34
N ASN D 262 1.75 -13.40 7.11
CA ASN D 262 1.66 -14.32 5.98
C ASN D 262 2.97 -15.03 5.71
N ILE D 263 4.07 -14.59 6.35
CA ILE D 263 5.37 -15.20 6.20
C ILE D 263 6.20 -14.74 7.39
N GLY D 264 7.17 -15.54 7.78
CA GLY D 264 8.05 -15.17 8.88
C GLY D 264 8.13 -16.20 9.98
N GLY D 265 9.29 -16.28 10.62
CA GLY D 265 9.50 -17.13 11.79
C GLY D 265 10.78 -16.70 12.47
N PHE D 266 11.12 -17.42 13.54
CA PHE D 266 12.39 -17.12 14.21
C PHE D 266 12.77 -18.23 15.17
N LEU D 267 14.05 -18.23 15.52
CA LEU D 267 14.62 -19.09 16.55
C LEU D 267 15.10 -18.19 17.70
N CYS D 268 14.71 -18.55 18.93
CA CYS D 268 15.16 -17.85 20.12
C CYS D 268 15.98 -18.79 20.99
N MET D 269 16.97 -18.22 21.68
CA MET D 269 17.73 -19.00 22.66
C MET D 269 18.35 -18.04 23.65
N ASN D 270 18.69 -18.59 24.82
CA ASN D 270 19.41 -17.85 25.85
C ASN D 270 20.90 -18.07 25.80
N ASP D 271 21.35 -19.24 25.32
CA ASP D 271 22.73 -19.65 25.42
C ASP D 271 23.59 -18.94 24.37
N GLU D 272 24.71 -18.37 24.81
CA GLU D 272 25.57 -17.61 23.91
C GLU D 272 26.23 -18.50 22.85
N GLU D 273 26.70 -19.69 23.25
CA GLU D 273 27.36 -20.57 22.31
C GLU D 273 26.40 -21.03 21.23
N MET D 274 25.17 -21.39 21.60
CA MET D 274 24.20 -21.80 20.60
C MET D 274 23.84 -20.65 19.67
N PHE D 275 23.77 -19.43 20.21
CA PHE D 275 23.48 -18.26 19.38
C PHE D 275 24.55 -18.08 18.31
N SER D 276 25.83 -18.23 18.69
CA SER D 276 26.91 -18.11 17.72
C SER D 276 26.81 -19.20 16.65
N ALA D 277 26.52 -20.43 17.06
CA ALA D 277 26.44 -21.52 16.09
C ALA D 277 25.23 -21.36 15.19
N ALA D 278 24.11 -20.86 15.74
CA ALA D 278 22.92 -20.62 14.93
C ALA D 278 23.20 -19.58 13.85
N LYS D 279 23.98 -18.55 14.19
CA LYS D 279 24.28 -17.50 13.22
C LYS D 279 25.14 -18.02 12.08
N GLU D 280 26.08 -18.91 12.39
CA GLU D 280 26.88 -19.51 11.32
C GLU D 280 26.02 -20.35 10.39
N LEU D 281 25.06 -21.09 10.95
CA LEU D 281 24.25 -22.00 10.15
C LEU D 281 23.19 -21.27 9.34
N VAL D 282 22.60 -20.21 9.90
CA VAL D 282 21.50 -19.53 9.22
C VAL D 282 21.95 -18.98 7.88
N VAL D 283 23.23 -18.60 7.76
CA VAL D 283 23.73 -17.94 6.56
C VAL D 283 23.55 -18.81 5.33
N VAL D 284 23.80 -20.11 5.45
CA VAL D 284 23.75 -20.96 4.25
C VAL D 284 22.35 -21.43 3.90
N TYR D 285 21.42 -21.47 4.86
CA TYR D 285 20.06 -21.95 4.58
C TYR D 285 19.06 -20.83 4.37
N GLU D 286 19.15 -19.75 5.14
CA GLU D 286 18.12 -18.71 5.14
C GLU D 286 18.63 -17.37 4.67
N GLY D 287 19.78 -16.93 5.17
CA GLY D 287 20.28 -15.59 4.94
C GLY D 287 21.07 -15.14 6.16
N MET D 288 21.58 -13.92 6.10
CA MET D 288 22.37 -13.39 7.21
C MET D 288 21.52 -13.35 8.49
N PRO D 289 22.15 -13.39 9.66
CA PRO D 289 21.39 -13.33 10.91
C PRO D 289 20.58 -12.06 11.09
N SER D 290 20.82 -11.04 10.26
CA SER D 290 20.15 -9.75 10.31
C SER D 290 18.86 -9.70 9.49
N TYR D 291 18.48 -10.80 8.83
CA TYR D 291 17.20 -10.82 8.12
C TYR D 291 16.66 -12.25 7.96
N GLY D 292 17.53 -13.25 7.92
CA GLY D 292 17.08 -14.64 8.00
C GLY D 292 16.08 -15.08 6.94
N GLY D 293 16.27 -14.63 5.70
CA GLY D 293 15.35 -15.01 4.64
C GLY D 293 14.05 -14.24 4.60
N LEU D 294 13.99 -13.10 5.28
CA LEU D 294 12.81 -12.25 5.30
C LEU D 294 13.16 -10.86 4.79
N ALA D 295 12.23 -10.28 4.04
CA ALA D 295 12.31 -8.85 3.74
C ALA D 295 12.19 -8.04 5.04
N GLY D 296 12.80 -6.86 5.04
CA GLY D 296 12.67 -5.98 6.19
C GLY D 296 11.21 -5.71 6.55
N ARG D 297 10.39 -5.43 5.54
CA ARG D 297 8.97 -5.18 5.79
C ARG D 297 8.31 -6.33 6.55
N ASP D 298 8.74 -7.56 6.31
CA ASP D 298 8.13 -8.70 6.98
C ASP D 298 8.61 -8.86 8.41
N MET D 299 9.87 -8.52 8.70
CA MET D 299 10.28 -8.44 10.10
C MET D 299 9.44 -7.42 10.84
N GLU D 300 9.14 -6.29 10.18
CA GLU D 300 8.32 -5.25 10.79
C GLU D 300 6.89 -5.74 11.03
N ALA D 301 6.28 -6.35 10.00
CA ALA D 301 4.91 -6.83 10.15
C ALA D 301 4.80 -7.90 11.23
N MET D 302 5.83 -8.75 11.35
CA MET D 302 5.81 -9.81 12.35
C MET D 302 5.97 -9.24 13.75
N ALA D 303 6.83 -8.21 13.91
CA ALA D 303 6.98 -7.55 15.20
C ALA D 303 5.66 -6.91 15.63
N ILE D 304 5.01 -6.21 14.70
CA ILE D 304 3.74 -5.55 15.01
C ILE D 304 2.67 -6.59 15.32
N GLY D 305 2.61 -7.66 14.52
CA GLY D 305 1.58 -8.66 14.70
C GLY D 305 1.69 -9.43 16.01
N LEU D 306 2.92 -9.77 16.41
CA LEU D 306 3.08 -10.47 17.68
C LEU D 306 2.55 -9.63 18.84
N ARG D 307 2.78 -8.31 18.79
CA ARG D 307 2.26 -7.43 19.84
CA ARG D 307 2.25 -7.43 19.84
C ARG D 307 0.73 -7.36 19.78
N GLU D 308 0.17 -7.29 18.57
CA GLU D 308 -1.29 -7.30 18.43
C GLU D 308 -1.90 -8.57 19.00
N ALA D 309 -1.21 -9.70 18.85
CA ALA D 309 -1.75 -10.96 19.32
C ALA D 309 -1.95 -10.97 20.83
N MET D 310 -1.26 -10.08 21.56
CA MET D 310 -1.37 -10.03 23.02
C MET D 310 -2.66 -9.39 23.49
N GLN D 311 -3.44 -8.77 22.62
CA GLN D 311 -4.68 -8.15 23.05
C GLN D 311 -5.68 -9.23 23.46
N TYR D 312 -6.11 -9.19 24.72
CA TYR D 312 -7.00 -10.24 25.23
C TYR D 312 -8.22 -10.44 24.34
N GLU D 313 -8.89 -9.34 23.96
CA GLU D 313 -10.13 -9.51 23.23
C GLU D 313 -9.90 -10.13 21.87
N TYR D 314 -8.76 -9.84 21.23
CA TYR D 314 -8.43 -10.48 19.96
C TYR D 314 -8.33 -12.00 20.13
N ILE D 315 -7.52 -12.46 21.08
CA ILE D 315 -7.27 -13.91 21.16
C ILE D 315 -8.49 -14.63 21.73
N GLU D 316 -9.22 -14.01 22.64
CA GLU D 316 -10.49 -14.56 23.11
C GLU D 316 -11.44 -14.78 21.95
N HIS D 317 -11.61 -13.76 21.11
CA HIS D 317 -12.48 -13.92 19.96
C HIS D 317 -11.96 -14.98 19.00
N ARG D 318 -10.64 -15.00 18.76
CA ARG D 318 -10.08 -15.98 17.85
C ARG D 318 -10.47 -17.39 18.29
N VAL D 319 -10.21 -17.71 19.56
CA VAL D 319 -10.46 -19.06 20.05
C VAL D 319 -11.96 -19.35 20.13
N LYS D 320 -12.76 -18.37 20.56
CA LYS D 320 -14.19 -18.60 20.67
C LYS D 320 -14.87 -18.72 19.31
N GLN D 321 -14.30 -18.12 18.26
CA GLN D 321 -14.86 -18.31 16.93
C GLN D 321 -14.71 -19.75 16.47
N VAL D 322 -13.54 -20.34 16.70
CA VAL D 322 -13.34 -21.77 16.43
C VAL D 322 -14.26 -22.60 17.30
N ARG D 323 -14.39 -22.23 18.58
CA ARG D 323 -15.26 -22.96 19.49
C ARG D 323 -16.71 -22.94 19.01
N TYR D 324 -17.16 -21.79 18.49
CA TYR D 324 -18.50 -21.66 17.94
C TYR D 324 -18.75 -22.69 16.85
N LEU D 325 -17.80 -22.83 15.92
CA LEU D 325 -17.95 -23.83 14.88
C LEU D 325 -18.10 -25.22 15.46
N GLY D 326 -17.21 -25.57 16.41
CA GLY D 326 -17.33 -26.87 17.07
C GLY D 326 -18.64 -27.04 17.79
N ASP D 327 -19.11 -26.00 18.48
CA ASP D 327 -20.36 -26.08 19.23
C ASP D 327 -21.54 -26.33 18.29
N LYS D 328 -21.60 -25.62 17.17
CA LYS D 328 -22.72 -25.80 16.24
CA LYS D 328 -22.72 -25.79 16.25
C LYS D 328 -22.72 -27.19 15.66
N LEU D 329 -21.56 -27.74 15.35
CA LEU D 329 -21.47 -29.11 14.86
C LEU D 329 -21.89 -30.10 15.93
N ARG D 330 -21.37 -29.94 17.15
CA ARG D 330 -21.72 -30.86 18.24
C ARG D 330 -23.22 -30.84 18.51
N GLU D 331 -23.83 -29.65 18.51
CA GLU D 331 -25.26 -29.51 18.78
CA GLU D 331 -25.25 -29.59 18.83
C GLU D 331 -26.11 -30.25 17.75
N ALA D 332 -25.57 -30.49 16.56
CA ALA D 332 -26.25 -31.21 15.50
C ALA D 332 -25.86 -32.68 15.44
N GLY D 333 -25.03 -33.16 16.35
CA GLY D 333 -24.64 -34.56 16.36
C GLY D 333 -23.51 -34.92 15.42
N VAL D 334 -22.84 -33.95 14.81
CA VAL D 334 -21.75 -34.25 13.88
C VAL D 334 -20.55 -34.78 14.67
N PRO D 335 -19.94 -35.89 14.27
CA PRO D 335 -18.82 -36.44 15.04
C PRO D 335 -17.55 -35.63 14.82
N ILE D 336 -16.98 -35.13 15.91
CA ILE D 336 -15.81 -34.26 15.87
C ILE D 336 -14.83 -34.68 16.96
N VAL D 337 -13.55 -34.38 16.73
CA VAL D 337 -12.55 -34.54 17.77
C VAL D 337 -12.83 -33.55 18.89
N GLU D 338 -12.64 -33.98 20.14
CA GLU D 338 -12.92 -33.18 21.31
C GLU D 338 -11.69 -33.05 22.19
N PRO D 339 -11.59 -31.97 22.98
CA PRO D 339 -12.44 -30.78 22.85
C PRO D 339 -11.96 -29.96 21.66
N THR D 340 -12.68 -28.89 21.32
CA THR D 340 -12.26 -28.07 20.20
C THR D 340 -10.95 -27.38 20.53
N GLY D 341 -10.00 -27.45 19.60
CA GLY D 341 -8.71 -26.82 19.77
C GLY D 341 -8.74 -25.33 19.47
N GLY D 342 -7.56 -24.72 19.55
CA GLY D 342 -7.46 -23.28 19.39
C GLY D 342 -7.65 -22.78 17.98
N HIS D 343 -7.41 -23.62 16.98
CA HIS D 343 -7.27 -23.14 15.62
C HIS D 343 -8.02 -23.96 14.58
N ALA D 344 -8.65 -25.07 14.96
CA ALA D 344 -9.25 -25.95 13.96
C ALA D 344 -10.30 -26.82 14.61
N VAL D 345 -11.21 -27.33 13.78
CA VAL D 345 -12.13 -28.39 14.16
C VAL D 345 -11.86 -29.58 13.23
N PHE D 346 -11.83 -30.78 13.80
CA PHE D 346 -11.59 -32.00 13.01
C PHE D 346 -12.87 -32.81 12.97
N LEU D 347 -13.38 -33.07 11.77
CA LEU D 347 -14.50 -33.99 11.60
C LEU D 347 -13.98 -35.42 11.57
N ASP D 348 -14.69 -36.33 12.23
CA ASP D 348 -14.37 -37.75 12.17
C ASP D 348 -15.09 -38.32 10.96
N ALA D 349 -14.37 -38.44 9.85
CA ALA D 349 -14.99 -38.89 8.61
C ALA D 349 -15.33 -40.38 8.64
N ARG D 350 -14.67 -41.15 9.48
CA ARG D 350 -15.03 -42.56 9.62
C ARG D 350 -16.44 -42.69 10.17
N ARG D 351 -16.74 -41.94 11.24
CA ARG D 351 -18.09 -41.96 11.80
C ARG D 351 -19.07 -41.15 10.96
N PHE D 352 -18.58 -40.17 10.22
CA PHE D 352 -19.47 -39.41 9.34
C PHE D 352 -19.97 -40.28 8.21
N CYS D 353 -19.16 -41.24 7.76
CA CYS D 353 -19.47 -42.07 6.60
C CYS D 353 -19.34 -43.54 6.98
N PRO D 354 -20.24 -44.04 7.83
CA PRO D 354 -20.13 -45.44 8.29
C PRO D 354 -20.41 -46.46 7.20
N HIS D 355 -20.97 -46.04 6.07
CA HIS D 355 -21.23 -46.91 4.94
C HIS D 355 -20.00 -47.10 4.05
N LEU D 356 -18.92 -46.37 4.30
CA LEU D 356 -17.71 -46.46 3.51
C LEU D 356 -16.61 -47.10 4.34
N THR D 357 -15.77 -47.90 3.68
CA THR D 357 -14.56 -48.39 4.31
C THR D 357 -13.45 -47.38 4.12
N GLN D 358 -12.39 -47.50 4.94
CA GLN D 358 -11.30 -46.53 4.86
C GLN D 358 -10.64 -46.54 3.48
N ASP D 359 -10.58 -47.71 2.84
CA ASP D 359 -10.04 -47.86 1.50
CA ASP D 359 -9.98 -47.78 1.52
C ASP D 359 -10.84 -47.12 0.45
N GLN D 360 -12.02 -46.63 0.80
CA GLN D 360 -12.86 -45.85 -0.09
C GLN D 360 -12.75 -44.36 0.20
N PHE D 361 -11.79 -43.97 1.03
CA PHE D 361 -11.35 -42.59 1.26
C PHE D 361 -12.48 -41.69 1.75
N PRO D 362 -13.08 -42.00 2.89
CA PRO D 362 -14.21 -41.17 3.37
C PRO D 362 -13.82 -39.74 3.69
N ALA D 363 -12.63 -39.52 4.26
CA ALA D 363 -12.22 -38.14 4.53
C ALA D 363 -12.02 -37.36 3.24
N GLN D 364 -11.37 -37.96 2.24
CA GLN D 364 -11.22 -37.27 0.97
C GLN D 364 -12.58 -36.95 0.36
N SER D 365 -13.51 -37.90 0.41
CA SER D 365 -14.81 -37.67 -0.22
C SER D 365 -15.62 -36.64 0.55
N LEU D 366 -15.60 -36.71 1.88
CA LEU D 366 -16.29 -35.72 2.69
C LEU D 366 -15.78 -34.31 2.40
N ALA D 367 -14.46 -34.14 2.29
CA ALA D 367 -13.92 -32.83 1.95
C ALA D 367 -14.43 -32.36 0.58
N ALA D 368 -14.49 -33.27 -0.39
CA ALA D 368 -15.01 -32.89 -1.71
C ALA D 368 -16.47 -32.46 -1.60
N SER D 369 -17.27 -33.22 -0.86
CA SER D 369 -18.69 -32.90 -0.69
C SER D 369 -18.86 -31.54 -0.04
N ILE D 370 -18.06 -31.24 0.98
CA ILE D 370 -18.16 -29.96 1.66
C ILE D 370 -17.93 -28.82 0.68
N TYR D 371 -16.91 -28.94 -0.17
CA TYR D 371 -16.68 -27.88 -1.15
C TYR D 371 -17.84 -27.78 -2.14
N MET D 372 -18.29 -28.91 -2.67
CA MET D 372 -19.36 -28.85 -3.65
C MET D 372 -20.62 -28.23 -3.08
N GLU D 373 -20.92 -28.47 -1.80
CA GLU D 373 -22.16 -27.95 -1.25
C GLU D 373 -22.06 -26.50 -0.76
N THR D 374 -20.85 -25.98 -0.50
CA THR D 374 -20.72 -24.68 0.16
C THR D 374 -19.67 -23.74 -0.41
N GLY D 375 -18.68 -24.22 -1.16
CA GLY D 375 -17.54 -23.39 -1.50
C GLY D 375 -16.50 -23.30 -0.40
N VAL D 376 -16.60 -24.15 0.62
CA VAL D 376 -15.62 -24.22 1.71
C VAL D 376 -14.58 -25.29 1.37
N ARG D 377 -13.30 -24.93 1.43
CA ARG D 377 -12.23 -25.91 1.30
C ARG D 377 -11.74 -26.37 2.66
N SER D 378 -11.64 -27.68 2.83
CA SER D 378 -11.11 -28.31 4.03
C SER D 378 -10.03 -29.30 3.60
N MET D 379 -9.27 -29.81 4.56
CA MET D 379 -8.11 -30.66 4.24
C MET D 379 -8.34 -32.10 4.66
N GLU D 380 -8.11 -33.03 3.73
CA GLU D 380 -8.03 -34.44 4.08
C GLU D 380 -6.85 -34.69 5.01
N ARG D 381 -7.11 -35.31 6.15
CA ARG D 381 -6.09 -35.75 7.09
C ARG D 381 -6.44 -37.18 7.50
N GLY D 382 -6.25 -38.09 6.57
CA GLY D 382 -6.62 -39.49 6.76
C GLY D 382 -5.77 -40.38 5.92
N ILE D 383 -6.38 -41.43 5.37
CA ILE D 383 -5.63 -42.48 4.69
C ILE D 383 -4.86 -41.94 3.49
N VAL D 384 -5.43 -40.99 2.75
CA VAL D 384 -4.73 -40.49 1.57
C VAL D 384 -3.45 -39.76 1.96
N SER D 385 -3.55 -38.85 2.93
CA SER D 385 -2.37 -38.11 3.39
C SER D 385 -1.36 -39.03 4.06
N ALA D 386 -1.81 -40.15 4.63
CA ALA D 386 -0.89 -41.08 5.30
C ALA D 386 0.03 -41.77 4.31
N GLY D 387 -0.37 -41.87 3.05
CA GLY D 387 0.50 -42.42 2.02
C GLY D 387 0.45 -43.92 1.94
N ARG D 388 1.16 -44.43 0.94
CA ARG D 388 1.26 -45.85 0.67
C ARG D 388 2.58 -46.36 1.23
N SER D 389 2.55 -47.55 1.84
CA SER D 389 3.67 -48.01 2.66
C SER D 389 4.94 -48.16 1.83
N LYS D 390 6.07 -47.92 2.51
CA LYS D 390 7.38 -48.04 1.87
C LYS D 390 7.65 -49.46 1.41
N GLU D 391 7.41 -50.43 2.29
CA GLU D 391 7.82 -51.82 2.05
C GLU D 391 6.74 -52.66 1.39
N THR D 392 5.48 -52.53 1.82
CA THR D 392 4.44 -53.43 1.36
C THR D 392 3.69 -52.91 0.13
N GLY D 393 3.80 -51.62 -0.18
CA GLY D 393 2.96 -51.06 -1.21
C GLY D 393 1.50 -50.94 -0.84
N GLU D 394 1.16 -51.19 0.42
CA GLU D 394 -0.20 -51.10 0.91
C GLU D 394 -0.43 -49.74 1.56
N ASN D 395 -1.69 -49.29 1.52
CA ASN D 395 -2.04 -48.04 2.18
C ASN D 395 -1.84 -48.17 3.68
N HIS D 396 -1.34 -47.09 4.29
CA HIS D 396 -1.40 -47.00 5.74
C HIS D 396 -2.84 -46.82 6.17
N ARG D 397 -3.14 -47.27 7.40
CA ARG D 397 -4.50 -47.26 7.94
C ARG D 397 -4.50 -46.42 9.20
N PRO D 398 -4.48 -45.08 9.07
CA PRO D 398 -4.40 -44.23 10.27
C PRO D 398 -5.64 -44.36 11.13
N LYS D 399 -5.44 -44.32 12.44
CA LYS D 399 -6.56 -44.36 13.38
C LYS D 399 -7.49 -43.17 13.13
N LEU D 400 -6.93 -42.00 12.88
CA LEU D 400 -7.71 -40.80 12.62
C LEU D 400 -7.94 -40.64 11.13
N GLU D 401 -9.20 -40.73 10.72
CA GLU D 401 -9.63 -40.53 9.34
C GLU D 401 -10.47 -39.25 9.43
N THR D 402 -9.83 -38.10 9.19
CA THR D 402 -10.46 -36.85 9.54
C THR D 402 -10.42 -35.84 8.40
N VAL D 403 -11.31 -34.85 8.51
CA VAL D 403 -11.31 -33.67 7.66
C VAL D 403 -11.05 -32.48 8.57
N ARG D 404 -10.03 -31.70 8.24
CA ARG D 404 -9.61 -30.59 9.08
C ARG D 404 -10.21 -29.28 8.57
N LEU D 405 -10.89 -28.56 9.47
CA LEU D 405 -11.43 -27.23 9.22
C LEU D 405 -10.53 -26.27 10.00
N THR D 406 -9.57 -25.66 9.31
CA THR D 406 -8.52 -24.87 9.94
C THR D 406 -8.83 -23.39 9.72
N ILE D 407 -8.85 -22.60 10.79
CA ILE D 407 -9.45 -21.28 10.73
C ILE D 407 -8.32 -20.23 10.74
N PRO D 408 -8.11 -19.50 9.64
CA PRO D 408 -7.18 -18.36 9.66
C PRO D 408 -7.62 -17.31 10.65
N ARG D 409 -6.67 -16.50 11.11
CA ARG D 409 -6.95 -15.45 12.08
C ARG D 409 -7.43 -14.18 11.40
N ARG D 410 -8.59 -13.67 11.84
CA ARG D 410 -9.14 -12.37 11.47
C ARG D 410 -9.64 -12.31 10.04
N VAL D 411 -9.93 -13.45 9.41
CA VAL D 411 -10.33 -13.51 8.00
C VAL D 411 -11.85 -13.70 7.85
N TYR D 412 -12.45 -14.49 8.72
CA TYR D 412 -13.84 -14.91 8.57
C TYR D 412 -14.67 -14.45 9.75
N THR D 413 -15.98 -14.54 9.58
CA THR D 413 -16.97 -14.11 10.56
C THR D 413 -17.75 -15.30 11.08
N TYR D 414 -18.62 -15.05 12.08
CA TYR D 414 -19.51 -16.12 12.53
C TYR D 414 -20.46 -16.55 11.43
N ALA D 415 -20.83 -15.63 10.53
CA ALA D 415 -21.70 -15.99 9.43
C ALA D 415 -21.01 -16.94 8.48
N HIS D 416 -19.70 -16.75 8.27
CA HIS D 416 -18.93 -17.75 7.53
C HIS D 416 -18.89 -19.07 8.28
N MET D 417 -18.71 -19.03 9.60
CA MET D 417 -18.76 -20.28 10.35
C MET D 417 -20.09 -20.98 10.18
N ASP D 418 -21.19 -20.21 10.08
CA ASP D 418 -22.50 -20.80 9.83
C ASP D 418 -22.58 -21.42 8.43
N VAL D 419 -21.97 -20.80 7.42
CA VAL D 419 -21.95 -21.43 6.10
C VAL D 419 -21.31 -22.81 6.19
N VAL D 420 -20.17 -22.88 6.88
CA VAL D 420 -19.45 -24.12 7.08
C VAL D 420 -20.31 -25.13 7.83
N ALA D 421 -20.80 -24.75 9.01
CA ALA D 421 -21.54 -25.69 9.85
C ALA D 421 -22.83 -26.12 9.18
N ASP D 422 -23.58 -25.17 8.61
CA ASP D 422 -24.85 -25.53 7.99
C ASP D 422 -24.65 -26.54 6.86
N GLY D 423 -23.61 -26.35 6.05
CA GLY D 423 -23.39 -27.26 4.95
C GLY D 423 -22.98 -28.64 5.43
N ILE D 424 -22.13 -28.69 6.45
CA ILE D 424 -21.72 -29.98 7.01
C ILE D 424 -22.92 -30.68 7.66
N ILE D 425 -23.74 -29.94 8.40
CA ILE D 425 -24.91 -30.53 9.03
C ILE D 425 -25.86 -31.09 7.97
N LYS D 426 -26.07 -30.34 6.89
CA LYS D 426 -26.93 -30.83 5.82
C LYS D 426 -26.38 -32.11 5.21
N LEU D 427 -25.07 -32.16 4.95
CA LEU D 427 -24.46 -33.40 4.48
C LEU D 427 -24.65 -34.54 5.47
N TYR D 428 -24.49 -34.26 6.77
CA TYR D 428 -24.63 -35.30 7.78
C TYR D 428 -26.03 -35.89 7.78
N GLN D 429 -27.04 -35.07 7.51
CA GLN D 429 -28.41 -35.54 7.50
CA GLN D 429 -28.42 -35.52 7.49
C GLN D 429 -28.74 -36.43 6.31
N HIS D 430 -27.88 -36.49 5.29
CA HIS D 430 -28.01 -37.53 4.26
CA HIS D 430 -28.00 -37.47 4.22
C HIS D 430 -26.64 -38.10 3.95
N LYS D 431 -25.92 -38.45 5.01
CA LYS D 431 -24.53 -38.90 4.90
C LYS D 431 -24.39 -40.12 4.01
N GLU D 432 -25.43 -40.94 3.92
CA GLU D 432 -25.36 -42.16 3.10
C GLU D 432 -25.19 -41.85 1.63
N ASP D 433 -25.44 -40.61 1.20
CA ASP D 433 -25.27 -40.23 -0.19
C ASP D 433 -23.84 -39.80 -0.53
N ILE D 434 -22.97 -39.68 0.46
CA ILE D 434 -21.57 -39.40 0.18
C ILE D 434 -20.95 -40.66 -0.42
N ARG D 435 -20.42 -40.53 -1.62
CA ARG D 435 -19.94 -41.68 -2.37
C ARG D 435 -18.47 -41.94 -2.08
N GLY D 436 -18.11 -43.22 -2.07
CA GLY D 436 -16.71 -43.57 -1.96
C GLY D 436 -15.92 -43.13 -3.18
N LEU D 437 -14.62 -42.98 -2.98
CA LEU D 437 -13.70 -42.59 -4.03
C LEU D 437 -12.69 -43.70 -4.30
N THR D 438 -12.13 -43.67 -5.50
CA THR D 438 -11.02 -44.52 -5.89
C THR D 438 -10.05 -43.67 -6.69
N PHE D 439 -8.76 -44.00 -6.59
CA PHE D 439 -7.76 -43.28 -7.37
C PHE D 439 -8.00 -43.47 -8.86
N VAL D 440 -7.92 -42.38 -9.62
CA VAL D 440 -7.67 -42.45 -11.05
C VAL D 440 -6.26 -42.02 -11.42
N TYR D 441 -5.59 -41.26 -10.57
CA TYR D 441 -4.21 -40.82 -10.80
C TYR D 441 -3.56 -40.74 -9.43
N GLU D 442 -2.49 -41.51 -9.22
CA GLU D 442 -1.82 -41.55 -7.91
C GLU D 442 -0.32 -41.39 -8.08
N PRO D 443 0.24 -40.22 -7.78
CA PRO D 443 1.70 -40.07 -7.85
C PRO D 443 2.39 -40.87 -6.76
N LYS D 444 3.65 -41.21 -7.03
CA LYS D 444 4.45 -41.96 -6.06
C LYS D 444 4.83 -41.11 -4.86
N GLN D 445 4.93 -39.79 -5.04
CA GLN D 445 5.38 -38.88 -4.00
C GLN D 445 4.29 -37.83 -3.74
N LEU D 446 4.13 -37.46 -2.48
CA LEU D 446 3.22 -36.37 -2.08
C LEU D 446 1.82 -36.56 -2.67
N ARG D 447 1.26 -37.75 -2.50
CA ARG D 447 0.05 -38.08 -3.25
C ARG D 447 -1.13 -37.20 -2.83
N PHE D 448 -1.15 -36.73 -1.59
CA PHE D 448 -2.24 -35.88 -1.14
C PHE D 448 -2.32 -34.58 -1.94
N PHE D 449 -1.18 -34.13 -2.48
CA PHE D 449 -1.12 -32.83 -3.13
C PHE D 449 -1.74 -32.84 -4.53
N THR D 450 -1.60 -33.95 -5.26
CA THR D 450 -2.03 -33.98 -6.66
C THR D 450 -2.79 -35.23 -7.09
N ALA D 451 -3.09 -36.18 -6.20
CA ALA D 451 -3.85 -37.34 -6.61
C ALA D 451 -5.24 -36.92 -7.09
N ARG D 452 -5.78 -37.69 -8.03
CA ARG D 452 -7.12 -37.46 -8.54
C ARG D 452 -7.93 -38.74 -8.43
N PHE D 453 -9.24 -38.57 -8.24
CA PHE D 453 -10.14 -39.64 -7.87
C PHE D 453 -11.38 -39.61 -8.77
N ASP D 454 -12.15 -40.68 -8.70
CA ASP D 454 -13.52 -40.69 -9.20
C ASP D 454 -14.34 -41.52 -8.23
N PHE D 455 -15.66 -41.38 -8.34
CA PHE D 455 -16.56 -42.12 -7.47
C PHE D 455 -16.55 -43.60 -7.81
N ILE D 456 -16.74 -44.43 -6.79
CA ILE D 456 -16.87 -45.86 -6.98
C ILE D 456 -18.31 -46.17 -7.41
N1 PLP E . -2.14 29.93 -6.03
C2 PLP E . -0.93 29.62 -6.60
C2A PLP E . 0.16 30.66 -6.65
C3 PLP E . -0.73 28.36 -7.14
O3 PLP E . 0.48 28.06 -7.71
C4 PLP E . -1.74 27.40 -7.09
C4A PLP E . -1.38 25.95 -7.21
C5 PLP E . -2.97 27.74 -6.52
C6 PLP E . -3.15 29.01 -5.98
C5A PLP E . -4.14 26.79 -6.46
O4P PLP E . -3.92 25.65 -5.66
P PLP E . -4.61 24.26 -6.12
O1P PLP E . -4.01 23.91 -7.47
O2P PLP E . -4.25 23.26 -5.03
O3P PLP E . -6.09 24.48 -6.22
C1 PEG F . 3.69 2.50 -4.56
C1 PEG F . 3.62 3.83 -4.16
O1 PEG F . 3.57 2.89 -5.96
O1 PEG F . 2.82 3.40 -5.27
C2 PEG F . 4.98 3.05 -3.85
C2 PEG F . 4.23 2.62 -3.46
O2 PEG F . 5.04 2.60 -2.42
O2 PEG F . 5.02 3.10 -2.38
C3 PEG F . 6.20 3.02 -1.57
C3 PEG F . 5.62 1.97 -1.70
C4 PEG F . 6.08 2.44 -0.11
C4 PEG F . 6.46 2.51 -0.54
O4 PEG F . 7.17 2.82 0.80
O4 PEG F . 7.06 1.42 0.14
C1 EDO G . 11.96 8.21 -24.01
O1 EDO G . 12.36 7.31 -25.07
C2 EDO G . 11.16 9.38 -24.54
O2 EDO G . 10.14 8.92 -25.45
C1 EDO H . -1.21 38.52 13.05
O1 EDO H . -0.29 37.42 12.91
C2 EDO H . -1.17 39.36 11.78
O2 EDO H . -1.80 40.62 12.03
C1 EDO I . 5.35 21.91 -35.28
O1 EDO I . 6.31 21.00 -35.82
C2 EDO I . 5.80 22.36 -33.90
O2 EDO I . 7.05 23.06 -33.97
C1 EDO J . 4.90 7.41 -17.08
O1 EDO J . 4.97 7.42 -18.51
C2 EDO J . 3.48 7.76 -16.64
O2 EDO J . 3.02 6.77 -15.72
C1 EDO K . 24.54 17.49 -11.88
C1 EDO K . 24.82 17.54 -11.70
O1 EDO K . 25.51 16.84 -12.73
O1 EDO K . 25.78 16.92 -12.56
C2 EDO K . 25.04 17.47 -10.44
C2 EDO K . 25.42 17.75 -10.33
O2 EDO K . 26.42 17.83 -10.43
O2 EDO K . 25.68 16.50 -9.69
C1 EDO L . 20.08 34.25 -12.48
O1 EDO L . 20.18 35.33 -13.41
C2 EDO L . 21.13 34.32 -11.39
O2 EDO L . 20.53 34.20 -10.10
C1 EDO M . 17.52 35.68 -20.84
O1 EDO M . 17.43 37.00 -20.27
C2 EDO M . 17.95 34.69 -19.77
O2 EDO M . 19.29 34.91 -19.34
C1 EDO N . 7.72 24.36 18.58
O1 EDO N . 6.35 24.78 18.57
C2 EDO N . 7.90 23.18 17.64
O2 EDO N . 9.23 22.67 17.76
C1 EDO O . 2.42 30.04 -15.41
O1 EDO O . 2.37 29.74 -14.01
C2 EDO O . 2.90 31.47 -15.64
O2 EDO O . 2.15 32.34 -14.77
C1 EDO P . 3.99 11.02 -8.01
O1 EDO P . 3.02 9.96 -8.01
C2 EDO P . 5.48 10.63 -8.13
O2 EDO P . 5.88 9.96 -9.35
C1 EDO Q . -15.12 35.95 -11.68
O1 EDO Q . -16.42 36.51 -11.91
C2 EDO Q . -14.25 36.15 -12.92
O2 EDO Q . -13.96 37.53 -13.09
C1 EDO R . 21.88 32.84 -6.33
O1 EDO R . 22.43 31.97 -5.34
C2 EDO R . 21.22 32.01 -7.44
O2 EDO R . 22.22 31.41 -8.25
C1 EDO S . -3.13 4.53 -30.25
O1 EDO S . -4.54 4.68 -30.06
C2 EDO S . -2.62 5.69 -31.09
O2 EDO S . -1.19 5.67 -31.14
C1 EDO T . -22.37 30.74 -7.49
O1 EDO T . -22.90 31.20 -6.25
C2 EDO T . -23.30 31.12 -8.63
O2 EDO T . -23.07 32.50 -8.99
C1 EDO U . -6.05 6.18 -23.92
O1 EDO U . -5.72 5.51 -25.14
C2 EDO U . -4.88 6.06 -22.95
O2 EDO U . -4.73 4.71 -22.52
C1 EDO V . 1.24 52.96 -7.49
O1 EDO V . -0.01 52.95 -8.19
C2 EDO V . 1.72 54.38 -7.25
O2 EDO V . 2.77 54.35 -6.28
C1 EDO W . 0.75 33.22 13.18
O1 EDO W . 1.28 32.51 12.05
C2 EDO W . -0.48 33.96 12.70
O2 EDO W . -0.20 35.33 12.43
C1 EDO X . 1.69 7.67 10.12
O1 EDO X . 1.37 8.34 11.35
C2 EDO X . 2.34 6.33 10.42
O2 EDO X . 1.74 5.27 9.67
C1 EDO Y . 4.88 12.27 -11.28
O1 EDO Y . 5.43 11.27 -12.17
C2 EDO Y . 3.40 11.97 -11.03
O2 EDO Y . 2.54 12.03 -12.17
C1 EDO Z . 1.59 14.28 12.19
O1 EDO Z . 0.86 14.48 13.41
C2 EDO Z . 1.09 13.12 11.36
O2 EDO Z . 1.32 11.87 12.01
C1 CIT AA . -6.10 26.74 -14.67
O1 CIT AA . -6.51 27.61 -15.48
O2 CIT AA . -6.40 26.85 -13.46
C2 CIT AA . -5.28 25.57 -15.18
C3 CIT AA . -4.02 25.31 -14.35
O7 CIT AA . -3.26 24.29 -15.02
C4 CIT AA . -3.17 26.57 -14.19
C5 CIT AA . -1.71 26.22 -14.03
O3 CIT AA . -1.27 25.06 -14.23
O4 CIT AA . -0.90 27.10 -13.68
C6 CIT AA . -4.39 24.82 -12.97
O5 CIT AA . -3.73 25.18 -11.98
O6 CIT AA . -5.36 24.03 -12.81
N1 PLP BA . 24.97 -17.19 -6.32
C2 PLP BA . 25.42 -15.92 -6.60
C2A PLP BA . 26.42 -15.69 -7.70
C3 PLP BA . 24.96 -14.84 -5.85
O3 PLP BA . 25.43 -13.59 -6.13
C4 PLP BA . 24.04 -15.04 -4.83
C4A PLP BA . 23.29 -13.88 -4.25
C5 PLP BA . 23.59 -16.34 -4.56
C6 PLP BA . 24.07 -17.39 -5.32
C5A PLP BA . 22.61 -16.64 -3.45
O4P PLP BA . 21.33 -16.07 -3.65
P PLP BA . 20.47 -15.59 -2.36
O1P PLP BA . 21.26 -14.47 -1.73
O2P PLP BA . 19.12 -15.16 -2.87
O3P PLP BA . 20.33 -16.76 -1.41
C1 EDO CA . 23.46 13.41 -11.58
O1 EDO CA . 23.08 13.21 -12.95
C2 EDO CA . 24.87 14.00 -11.44
O2 EDO CA . 25.89 13.14 -12.00
C1 EDO DA . 25.96 11.53 4.94
O1 EDO DA . 26.05 11.09 6.31
C2 EDO DA . 24.67 12.32 4.73
O2 EDO DA . 24.73 13.55 5.46
C1 EDO EA . -0.29 -24.54 -7.08
O1 EDO EA . -1.07 -25.05 -5.99
C2 EDO EA . 0.42 -25.69 -7.79
O2 EDO EA . 1.45 -26.21 -6.93
C1 EDO FA . 25.58 11.18 -16.00
O1 EDO FA . 25.80 12.10 -14.92
C2 EDO FA . 25.91 11.88 -17.31
O2 EDO FA . 27.20 12.47 -17.18
C1 EDO GA . 17.07 -37.27 -8.14
O1 EDO GA . 16.12 -36.28 -8.57
C2 EDO GA . 17.28 -37.19 -6.62
O2 EDO GA . 16.05 -37.52 -5.94
C1 EDO HA . 33.80 11.95 -9.93
O1 EDO HA . 34.64 12.83 -10.68
C2 EDO HA . 32.42 12.54 -9.77
O2 EDO HA . 31.88 12.93 -11.04
C1 EDO IA . 16.91 -0.74 0.23
O1 EDO IA . 17.61 -1.01 1.47
C2 EDO IA . 17.67 0.29 -0.64
O2 EDO IA . 17.74 1.56 0.03
N1 PLP JA . -27.28 13.55 -1.85
C2 PLP JA . -27.55 12.52 -0.99
C2A PLP JA . -28.91 11.90 -0.98
C3 PLP JA . -26.56 12.08 -0.13
O3 PLP JA . -26.84 11.06 0.75
C4 PLP JA . -25.30 12.67 -0.16
C4A PLP JA . -24.13 11.93 0.40
C5 PLP JA . -25.05 13.72 -1.04
C6 PLP JA . -26.05 14.16 -1.89
C5A PLP JA . -23.73 14.45 -1.08
O4P PLP JA . -22.62 13.67 -1.48
P PLP JA . -21.18 13.94 -0.82
O1P PLP JA . -20.23 13.02 -1.55
O2P PLP JA . -21.29 13.65 0.65
O3P PLP JA . -20.82 15.39 -1.07
C1 EDO KA . -15.62 -1.89 23.20
O1 EDO KA . -15.18 -2.25 24.52
C2 EDO KA . -16.57 -0.72 23.26
O2 EDO KA . -15.97 0.36 23.99
C1 EDO LA . -23.45 -17.01 1.17
C1 EDO LA . -23.53 -16.91 1.42
O1 EDO LA . -24.36 -16.31 0.31
O1 EDO LA . -24.30 -16.55 0.27
C2 EDO LA . -24.23 -17.95 2.08
C2 EDO LA . -23.95 -18.29 1.91
O2 EDO LA . -24.86 -17.19 3.11
O2 EDO LA . -23.59 -19.28 0.93
C1 EDO MA . -9.22 14.22 -20.50
O1 EDO MA . -9.69 15.36 -19.77
C2 EDO MA . -8.02 13.60 -19.76
O2 EDO MA . -6.91 14.49 -19.80
C1 EDO NA . -41.53 0.60 14.07
O1 EDO NA . -41.94 -0.76 13.92
C2 EDO NA . -42.74 1.49 14.33
O2 EDO NA . -42.35 2.85 14.16
C1 EDO OA . -39.40 -6.88 2.91
O1 EDO OA . -38.16 -6.90 3.63
C2 EDO OA . -39.52 -8.15 2.07
O2 EDO OA . -38.37 -8.31 1.24
C1 EDO PA . -27.86 -14.36 11.43
O1 EDO PA . -27.01 -13.66 12.34
C2 EDO PA . -27.10 -14.65 10.15
O2 EDO PA . -25.76 -15.06 10.46
C1 EDO QA . -4.27 -4.82 2.18
O1 EDO QA . -5.51 -4.11 2.19
C2 EDO QA . -3.88 -5.06 0.72
O2 EDO QA . -4.98 -5.60 -0.03
C1 EDO RA . -24.05 -13.48 14.13
O1 EDO RA . -24.35 -12.50 15.12
C2 EDO RA . -22.72 -13.17 13.44
O2 EDO RA . -22.82 -13.65 12.11
C1 EDO SA . -39.23 22.83 -20.64
O1 EDO SA . -39.28 22.72 -22.06
C2 EDO SA . -37.78 22.70 -20.16
O2 EDO SA . -37.75 22.80 -18.74
C1 EDO TA . -24.58 26.15 -19.19
O1 EDO TA . -25.31 26.97 -18.28
C2 EDO TA . -25.29 24.81 -19.38
O2 EDO TA . -25.10 24.37 -20.72
C1 EDO UA . -34.20 -12.69 -6.98
O1 EDO UA . -34.81 -11.40 -6.91
C2 EDO UA . -32.75 -12.53 -7.38
O2 EDO UA . -32.13 -13.81 -7.58
C1 EDO VA . -19.78 -2.92 27.17
O1 EDO VA . -20.25 -2.21 28.32
C2 EDO VA . -18.39 -3.49 27.45
O2 EDO VA . -17.50 -2.43 27.81
C1 EDO WA . -5.64 -1.35 -10.87
O1 EDO WA . -6.11 -1.16 -12.21
C2 EDO WA . -4.55 -2.42 -10.85
O2 EDO WA . -3.43 -2.03 -10.05
C1 EDO XA . -28.88 8.38 -20.37
O1 EDO XA . -28.75 8.90 -21.68
C2 EDO XA . -27.93 7.20 -20.26
O2 EDO XA . -27.81 6.85 -18.88
N1 PLP YA . 5.08 -26.86 14.29
C2 PLP YA . 3.71 -26.75 14.35
C2A PLP YA . 2.98 -27.29 15.55
C3 PLP YA . 3.02 -26.14 13.32
O3 PLP YA . 1.66 -26.04 13.39
C4 PLP YA . 3.70 -25.63 12.20
C4A PLP YA . 3.00 -24.64 11.33
C5 PLP YA . 5.09 -25.76 12.15
C6 PLP YA . 5.77 -26.38 13.19
C5A PLP YA . 5.91 -25.26 10.98
O4P PLP YA . 5.83 -23.87 10.80
P PLP YA . 5.91 -23.24 9.32
O1P PLP YA . 7.16 -23.79 8.66
O2P PLP YA . 5.98 -21.76 9.45
O3P PLP YA . 4.66 -23.71 8.59
C1 EDO ZA . -5.02 -12.75 4.20
O1 EDO ZA . -4.27 -12.20 3.09
C2 EDO ZA . -6.36 -12.10 4.51
O2 EDO ZA . -7.45 -12.48 3.63
C1 EDO AB . -5.71 -15.59 2.82
O1 EDO AB . -5.56 -16.53 1.74
C2 EDO AB . -7.03 -15.65 3.59
O2 EDO AB . -8.11 -15.38 2.66
C1 EDO BB . -10.39 -16.32 -3.34
C1 EDO BB . -10.84 -15.82 -2.73
O1 EDO BB . -11.43 -15.48 -2.86
O1 EDO BB . -11.17 -16.88 -3.64
C2 EDO BB . -9.05 -15.83 -2.82
C2 EDO BB . -9.32 -15.72 -2.61
O2 EDO BB . -8.84 -14.51 -3.33
O2 EDO BB . -8.84 -14.74 -3.53
C1 EDO CB . -21.73 -34.63 -6.66
O1 EDO CB . -22.41 -34.72 -5.40
C2 EDO CB . -22.27 -33.43 -7.45
O2 EDO CB . -23.68 -33.58 -7.68
C1 EDO DB . -12.51 -14.82 -7.25
O1 EDO DB . -11.73 -13.61 -7.22
C2 EDO DB . -12.63 -15.32 -5.82
O2 EDO DB . -13.55 -16.42 -5.74
C1 EDO EB . -14.58 -38.88 18.50
C1 EDO EB . -14.76 -38.28 17.20
O1 EDO EB . -15.27 -37.88 19.25
O1 EDO EB . -15.66 -39.37 17.03
C2 EDO EB . -14.03 -38.26 17.22
C2 EDO EB . -13.35 -38.80 17.46
O2 EDO EB . -13.18 -39.20 16.56
O2 EDO EB . -12.90 -39.55 16.33
C1 EDO FB . -20.83 -19.42 -2.82
O1 EDO FB . -21.50 -18.94 -4.00
C2 EDO FB . -19.40 -19.79 -3.18
O2 EDO FB . -19.32 -20.73 -4.27
C1 EDO GB . 2.17 -41.38 -13.70
O1 EDO GB . 2.04 -40.09 -14.32
C2 EDO GB . 0.86 -41.76 -13.02
O2 EDO GB . 1.02 -43.03 -12.36
C1 EDO HB . -21.43 -34.90 -13.64
O1 EDO HB . -21.42 -33.72 -12.82
C2 EDO HB . -21.24 -34.53 -15.11
O2 EDO HB . -19.88 -34.18 -15.38
C1 EDO IB . -7.09 -36.18 20.56
O1 EDO IB . -7.97 -35.05 20.59
C2 EDO IB . -6.78 -36.59 19.13
O2 EDO IB . -5.71 -37.55 19.13
C1 EDO JB . -11.50 18.08 -31.72
O1 EDO JB . -11.16 17.14 -32.74
C2 EDO JB . -12.65 17.53 -30.89
O2 EDO JB . -13.71 17.12 -31.76
C1 EDO KB . -18.63 -7.09 22.34
O1 EDO KB . -17.53 -6.84 21.45
C2 EDO KB . -18.84 -8.59 22.45
O2 EDO KB . -19.88 -8.99 21.55
C1 EDO LB . -4.12 -0.87 4.84
O1 EDO LB . -4.85 -0.24 5.88
C2 EDO LB . -4.67 -2.27 4.63
O2 EDO LB . -5.65 -2.23 3.59
C1 EDO MB . -22.52 -13.90 17.20
O1 EDO MB . -23.27 -12.67 17.35
C2 EDO MB . -23.24 -15.03 17.92
O2 EDO MB . -22.83 -16.24 17.28
C1 EDO NB . 13.44 -16.82 29.02
O1 EDO NB . 13.81 -18.20 29.09
C2 EDO NB . 14.36 -16.00 29.92
O2 EDO NB . 14.14 -16.37 31.28
C1 EDO OB . 15.99 -25.54 31.71
O1 EDO OB . 16.09 -26.68 30.86
C2 EDO OB . 16.81 -25.77 32.97
O2 EDO OB . 18.17 -26.04 32.63
C1 EDO PB . 7.75 -2.75 15.69
O1 EDO PB . 7.60 -1.39 15.32
C2 EDO PB . 8.02 -2.86 17.19
O2 EDO PB . 9.29 -2.26 17.53
C1 EDO QB . 4.86 2.89 9.96
O1 EDO QB . 4.42 3.92 10.85
C2 EDO QB . 4.54 1.52 10.53
O2 EDO QB . 5.33 1.14 11.67
#